data_9RK4
#
_entry.id   9RK4
#
_cell.length_a   103.961
_cell.length_b   120.730
_cell.length_c   209.245
_cell.angle_alpha   90.00
_cell.angle_beta   90.00
_cell.angle_gamma   90.00
#
_symmetry.space_group_name_H-M   'P 21 21 21'
#
loop_
_entity.id
_entity.type
_entity.pdbx_description
1 polymer 'Similar to the Rieske Protein II of bc1 complex'
2 non-polymer 'FE2/S2 (INORGANIC) CLUSTER'
3 non-polymer 'SULFATE ION'
#
_entity_poly.entity_id   1
_entity_poly.type   'polypeptide(L)'
_entity_poly.pdbx_seq_one_letter_code
;SPRFFVGEPKQFPVGSVTTLKSRKIFVVRDADSFKAISVVCTHLGCAVEFSKEKNIFECPCHGSKYYRNGVNFAGPAPRP
LDHLQMILDNNGKLAVDTSVKVPLETELIV
;
_entity_poly.pdbx_strand_id   A,B,C,D,E,F,G,H,I,J,K,L
#
# COMPACT_ATOMS: atom_id res chain seq x y z
N SER A 1 -8.46 5.78 -35.21
CA SER A 1 -7.32 6.60 -35.59
C SER A 1 -7.12 7.74 -34.59
N PRO A 2 -5.86 8.07 -34.30
CA PRO A 2 -5.61 9.20 -33.39
C PRO A 2 -5.86 10.55 -34.04
N ARG A 3 -5.65 10.66 -35.35
CA ARG A 3 -5.82 11.93 -36.06
C ARG A 3 -7.19 11.98 -36.72
N PHE A 4 -7.83 13.14 -36.65
CA PHE A 4 -9.18 13.32 -37.18
C PHE A 4 -9.51 14.81 -37.18
N PHE A 5 -10.50 15.16 -37.99
CA PHE A 5 -11.05 16.51 -38.00
C PHE A 5 -12.16 16.59 -36.96
N VAL A 6 -12.32 17.79 -36.39
CA VAL A 6 -13.38 18.07 -35.43
C VAL A 6 -14.35 19.12 -35.94
N GLY A 7 -14.06 19.75 -37.07
CA GLY A 7 -14.92 20.75 -37.66
C GLY A 7 -14.20 22.06 -37.84
N GLU A 8 -14.93 23.04 -38.35
CA GLU A 8 -14.38 24.36 -38.58
C GLU A 8 -14.47 25.21 -37.31
N PRO A 9 -13.58 26.20 -37.16
CA PRO A 9 -13.58 26.99 -35.90
C PRO A 9 -14.92 27.61 -35.54
N LYS A 10 -15.76 27.92 -36.53
CA LYS A 10 -17.02 28.62 -36.26
C LYS A 10 -18.12 27.69 -35.78
N GLN A 11 -17.94 26.38 -35.88
CA GLN A 11 -18.90 25.42 -35.35
C GLN A 11 -18.79 25.25 -33.84
N PHE A 12 -17.93 26.02 -33.18
CA PHE A 12 -17.76 25.96 -31.73
C PHE A 12 -18.06 27.34 -31.14
N PRO A 13 -19.06 27.47 -30.28
CA PRO A 13 -19.42 28.80 -29.77
C PRO A 13 -18.32 29.41 -28.94
N VAL A 14 -18.31 30.75 -28.89
CA VAL A 14 -17.33 31.47 -28.09
C VAL A 14 -17.62 31.25 -26.61
N GLY A 15 -16.58 30.94 -25.84
CA GLY A 15 -16.75 30.68 -24.43
C GLY A 15 -17.47 29.39 -24.13
N SER A 16 -17.32 28.38 -24.99
CA SER A 16 -18.03 27.12 -24.84
C SER A 16 -17.04 25.98 -24.65
N VAL A 17 -17.49 24.93 -23.97
CA VAL A 17 -16.75 23.69 -23.82
C VAL A 17 -17.59 22.60 -24.47
N THR A 18 -17.09 22.05 -25.58
CA THR A 18 -17.83 21.07 -26.36
C THR A 18 -17.24 19.68 -26.14
N THR A 19 -18.10 18.73 -25.78
CA THR A 19 -17.69 17.37 -25.50
C THR A 19 -17.96 16.51 -26.74
N LEU A 20 -16.93 15.83 -27.22
CA LEU A 20 -17.03 14.91 -28.35
C LEU A 20 -16.80 13.50 -27.82
N LYS A 21 -17.89 12.86 -27.38
CA LYS A 21 -17.80 11.51 -26.84
C LYS A 21 -17.28 10.52 -27.87
N SER A 22 -17.56 10.76 -29.16
CA SER A 22 -17.11 9.85 -30.19
C SER A 22 -15.59 9.77 -30.23
N ARG A 23 -14.91 10.91 -30.04
CA ARG A 23 -13.46 10.97 -30.09
C ARG A 23 -12.83 11.12 -28.71
N LYS A 24 -13.65 11.22 -27.66
CA LYS A 24 -13.18 11.26 -26.27
C LYS A 24 -12.23 12.42 -26.02
N ILE A 25 -12.60 13.60 -26.53
CA ILE A 25 -11.84 14.83 -26.30
C ILE A 25 -12.81 15.97 -26.02
N PHE A 26 -12.26 17.04 -25.45
CA PHE A 26 -12.97 18.30 -25.30
C PHE A 26 -12.38 19.33 -26.26
N VAL A 27 -13.23 20.17 -26.83
CA VAL A 27 -12.80 21.32 -27.63
C VAL A 27 -13.24 22.57 -26.89
N VAL A 28 -12.29 23.29 -26.32
CA VAL A 28 -12.56 24.47 -25.50
C VAL A 28 -12.21 25.71 -26.33
N ARG A 29 -13.18 26.62 -26.46
CA ARG A 29 -12.96 27.89 -27.14
C ARG A 29 -13.15 29.02 -26.13
N ASP A 30 -12.09 29.78 -25.88
CA ASP A 30 -12.14 31.00 -25.09
C ASP A 30 -11.80 32.16 -26.02
N ALA A 31 -12.80 33.00 -26.30
CA ALA A 31 -12.69 34.04 -27.32
C ALA A 31 -12.30 33.43 -28.65
N ASP A 32 -11.07 33.66 -29.11
CA ASP A 32 -10.56 33.06 -30.33
C ASP A 32 -9.52 31.98 -30.07
N SER A 33 -9.36 31.57 -28.81
CA SER A 33 -8.35 30.59 -28.43
C SER A 33 -8.99 29.22 -28.28
N PHE A 34 -8.40 28.22 -28.91
CA PHE A 34 -8.93 26.86 -28.95
C PHE A 34 -7.98 25.90 -28.25
N LYS A 35 -8.53 24.93 -27.53
CA LYS A 35 -7.75 23.90 -26.87
C LYS A 35 -8.42 22.56 -27.07
N ALA A 36 -7.60 21.51 -27.09
CA ALA A 36 -8.08 20.12 -27.18
C ALA A 36 -7.65 19.39 -25.92
N ILE A 37 -8.61 18.95 -25.12
CA ILE A 37 -8.36 18.32 -23.83
C ILE A 37 -9.00 16.94 -23.82
N SER A 38 -8.25 15.95 -23.37
CA SER A 38 -8.75 14.58 -23.32
C SER A 38 -9.74 14.42 -22.18
N VAL A 39 -10.68 13.47 -22.37
CA VAL A 39 -11.68 13.18 -21.34
C VAL A 39 -11.22 12.14 -20.34
N VAL A 40 -10.05 11.52 -20.56
CA VAL A 40 -9.61 10.40 -19.74
C VAL A 40 -9.07 10.95 -18.42
N CYS A 41 -9.65 10.47 -17.31
CA CYS A 41 -9.16 10.85 -15.99
C CYS A 41 -7.76 10.28 -15.77
N THR A 42 -6.86 11.13 -15.28
CA THR A 42 -5.48 10.70 -15.07
C THR A 42 -5.32 9.77 -13.88
N HIS A 43 -6.41 9.39 -13.21
CA HIS A 43 -6.33 8.44 -12.11
C HIS A 43 -6.35 7.02 -12.63
N LEU A 44 -7.52 6.53 -13.03
CA LEU A 44 -7.67 5.17 -13.52
C LEU A 44 -8.36 5.10 -14.88
N GLY A 45 -8.62 6.24 -15.52
CA GLY A 45 -9.00 6.26 -16.92
C GLY A 45 -10.47 6.41 -17.23
N CYS A 46 -11.30 6.77 -16.25
CA CYS A 46 -12.72 6.94 -16.52
C CYS A 46 -12.97 8.22 -17.33
N ALA A 47 -14.13 8.27 -17.98
CA ALA A 47 -14.48 9.39 -18.83
C ALA A 47 -15.00 10.54 -17.99
N VAL A 48 -14.30 11.67 -18.03
CA VAL A 48 -14.62 12.84 -17.22
C VAL A 48 -15.65 13.69 -17.95
N GLU A 49 -16.57 14.30 -17.19
CA GLU A 49 -17.62 15.14 -17.73
C GLU A 49 -17.44 16.58 -17.27
N PHE A 50 -17.81 17.52 -18.14
CA PHE A 50 -17.70 18.94 -17.83
C PHE A 50 -19.04 19.48 -17.37
N SER A 51 -19.02 20.26 -16.29
CA SER A 51 -20.20 20.92 -15.75
C SER A 51 -20.05 22.42 -16.05
N LYS A 52 -20.91 22.92 -16.95
CA LYS A 52 -20.79 24.32 -17.35
C LYS A 52 -21.10 25.28 -16.22
N GLU A 53 -22.01 24.90 -15.32
CA GLU A 53 -22.35 25.79 -14.21
C GLU A 53 -21.19 25.89 -13.22
N LYS A 54 -20.61 24.74 -12.85
CA LYS A 54 -19.46 24.74 -11.96
C LYS A 54 -18.15 25.06 -12.68
N ASN A 55 -18.14 24.99 -14.01
CA ASN A 55 -16.97 25.32 -14.82
C ASN A 55 -15.77 24.44 -14.46
N ILE A 56 -16.04 23.16 -14.18
CA ILE A 56 -15.01 22.20 -13.82
C ILE A 56 -15.27 20.87 -14.52
N PHE A 57 -14.21 20.07 -14.60
CA PHE A 57 -14.30 18.69 -15.08
C PHE A 57 -14.40 17.75 -13.89
N GLU A 58 -15.28 16.76 -13.99
CA GLU A 58 -15.55 15.85 -12.88
C GLU A 58 -15.49 14.40 -13.35
N CYS A 59 -14.82 13.55 -12.58
CA CYS A 59 -14.76 12.12 -12.89
C CYS A 59 -15.82 11.38 -12.11
N PRO A 60 -16.62 10.54 -12.77
CA PRO A 60 -17.70 9.82 -12.07
C PRO A 60 -17.24 8.62 -11.27
N CYS A 61 -15.95 8.27 -11.30
CA CYS A 61 -15.51 7.04 -10.68
C CYS A 61 -15.04 7.22 -9.24
N HIS A 62 -14.11 8.15 -8.99
CA HIS A 62 -13.62 8.37 -7.64
C HIS A 62 -13.58 9.85 -7.27
N GLY A 63 -14.28 10.70 -8.00
CA GLY A 63 -14.45 12.08 -7.59
C GLY A 63 -13.28 13.01 -7.83
N SER A 64 -12.45 12.72 -8.83
CA SER A 64 -11.41 13.67 -9.23
C SER A 64 -12.06 14.84 -9.95
N LYS A 65 -11.52 16.04 -9.72
CA LYS A 65 -12.06 17.26 -10.30
C LYS A 65 -10.94 18.09 -10.89
N TYR A 66 -11.18 18.67 -12.05
CA TYR A 66 -10.20 19.46 -12.78
C TYR A 66 -10.78 20.82 -13.12
N TYR A 67 -9.91 21.83 -13.20
CA TYR A 67 -10.35 23.14 -13.63
C TYR A 67 -10.56 23.14 -15.14
N ARG A 68 -11.06 24.27 -15.65
CA ARG A 68 -11.34 24.39 -17.08
C ARG A 68 -10.08 24.17 -17.92
N ASN A 69 -8.93 24.61 -17.42
CA ASN A 69 -7.66 24.39 -18.11
C ASN A 69 -7.15 22.96 -17.96
N GLY A 70 -7.80 22.12 -17.15
CA GLY A 70 -7.43 20.74 -17.01
C GLY A 70 -6.61 20.43 -15.77
N VAL A 71 -6.19 21.44 -15.01
CA VAL A 71 -5.38 21.21 -13.82
C VAL A 71 -6.21 20.49 -12.76
N ASN A 72 -5.69 19.37 -12.27
CA ASN A 72 -6.38 18.61 -11.23
C ASN A 72 -6.26 19.34 -9.89
N PHE A 73 -7.37 19.36 -9.15
CA PHE A 73 -7.37 19.91 -7.80
C PHE A 73 -8.07 19.05 -6.77
N ALA A 74 -8.96 18.15 -7.17
CA ALA A 74 -9.65 17.27 -6.25
C ALA A 74 -9.44 15.81 -6.66
N GLY A 75 -9.65 14.91 -5.70
CA GLY A 75 -9.58 13.49 -5.96
C GLY A 75 -8.16 12.97 -6.04
N PRO A 76 -8.02 11.68 -6.34
CA PRO A 76 -6.70 11.05 -6.39
C PRO A 76 -5.94 11.26 -7.68
N ALA A 77 -6.45 12.08 -8.60
CA ALA A 77 -5.79 12.33 -9.88
C ALA A 77 -4.45 13.01 -9.66
N PRO A 78 -3.33 12.39 -10.06
CA PRO A 78 -2.00 12.98 -9.80
C PRO A 78 -1.46 13.86 -10.91
N ARG A 79 -2.16 14.01 -12.03
CA ARG A 79 -1.69 14.81 -13.14
C ARG A 79 -2.87 15.56 -13.74
N PRO A 80 -2.61 16.70 -14.38
CA PRO A 80 -3.68 17.39 -15.10
C PRO A 80 -4.12 16.61 -16.33
N LEU A 81 -5.32 16.92 -16.81
CA LEU A 81 -5.83 16.30 -18.02
C LEU A 81 -4.89 16.56 -19.20
N ASP A 82 -4.75 15.57 -20.06
CA ASP A 82 -3.84 15.69 -21.19
C ASP A 82 -4.37 16.69 -22.22
N HIS A 83 -3.50 17.59 -22.66
CA HIS A 83 -3.80 18.50 -23.75
C HIS A 83 -3.26 17.93 -25.05
N LEU A 84 -4.02 18.11 -26.13
CA LEU A 84 -3.78 17.40 -27.38
C LEU A 84 -3.40 18.37 -28.49
N GLN A 85 -2.61 17.86 -29.43
CA GLN A 85 -2.19 18.67 -30.58
C GLN A 85 -3.39 18.99 -31.46
N MET A 86 -3.56 20.27 -31.80
CA MET A 86 -4.65 20.71 -32.64
C MET A 86 -4.16 21.82 -33.57
N ILE A 87 -4.39 21.63 -34.87
CA ILE A 87 -3.95 22.59 -35.87
C ILE A 87 -5.16 23.00 -36.70
N LEU A 88 -4.99 24.11 -37.43
CA LEU A 88 -5.99 24.57 -38.38
C LEU A 88 -5.53 24.19 -39.79
N ASP A 89 -6.29 23.30 -40.42
CA ASP A 89 -5.92 22.78 -41.72
C ASP A 89 -6.11 23.84 -42.81
N ASN A 90 -5.50 23.60 -43.96
CA ASN A 90 -5.60 24.54 -45.07
C ASN A 90 -7.04 24.71 -45.53
N ASN A 91 -7.84 23.63 -45.48
CA ASN A 91 -9.24 23.69 -45.86
C ASN A 91 -10.12 24.27 -44.75
N GLY A 92 -9.54 24.97 -43.79
CA GLY A 92 -10.31 25.67 -42.78
C GLY A 92 -10.94 24.82 -41.70
N LYS A 93 -10.55 23.55 -41.58
CA LYS A 93 -11.11 22.66 -40.57
C LYS A 93 -10.04 22.32 -39.53
N LEU A 94 -10.47 22.16 -38.29
CA LEU A 94 -9.54 21.89 -37.19
C LEU A 94 -9.23 20.40 -37.13
N ALA A 95 -7.94 20.07 -36.97
CA ALA A 95 -7.48 18.70 -36.89
C ALA A 95 -6.81 18.45 -35.55
N VAL A 96 -7.11 17.31 -34.95
CA VAL A 96 -6.58 16.93 -33.65
C VAL A 96 -5.83 15.61 -33.78
N ASP A 97 -4.66 15.54 -33.15
CA ASP A 97 -3.87 14.31 -33.07
C ASP A 97 -3.85 13.87 -31.62
N THR A 98 -4.62 12.83 -31.30
CA THR A 98 -4.70 12.35 -29.91
C THR A 98 -3.37 11.76 -29.44
N SER A 99 -2.60 11.14 -30.33
CA SER A 99 -1.35 10.51 -29.94
C SER A 99 -0.26 11.52 -29.59
N VAL A 100 -0.43 12.80 -29.89
CA VAL A 100 0.57 13.82 -29.63
C VAL A 100 0.05 14.73 -28.53
N LYS A 101 0.62 14.57 -27.33
CA LYS A 101 0.26 15.41 -26.20
C LYS A 101 1.11 16.68 -26.19
N VAL A 102 0.48 17.79 -25.80
CA VAL A 102 1.15 19.09 -25.83
C VAL A 102 1.07 19.71 -24.44
N PRO A 103 1.95 20.67 -24.14
CA PRO A 103 1.91 21.32 -22.82
C PRO A 103 0.54 21.93 -22.52
N LEU A 104 0.28 22.08 -21.23
CA LEU A 104 -1.05 22.50 -20.77
C LEU A 104 -1.39 23.91 -21.24
N GLU A 105 -0.40 24.81 -21.26
CA GLU A 105 -0.64 26.19 -21.63
C GLU A 105 -0.82 26.39 -23.13
N THR A 106 -0.77 25.32 -23.93
CA THR A 106 -0.85 25.46 -25.38
C THR A 106 -2.22 25.95 -25.79
N GLU A 107 -2.25 26.88 -26.76
CA GLU A 107 -3.49 27.40 -27.30
C GLU A 107 -3.29 27.74 -28.77
N LEU A 108 -4.35 27.53 -29.55
CA LEU A 108 -4.35 27.82 -30.98
C LEU A 108 -5.39 28.89 -31.26
N ILE A 109 -4.94 30.07 -31.64
CA ILE A 109 -5.83 31.21 -31.89
C ILE A 109 -6.16 31.26 -33.38
N VAL A 110 -7.44 31.47 -33.68
CA VAL A 110 -7.88 31.59 -35.07
C VAL A 110 -8.61 32.91 -35.28
N SER B 1 -13.62 -35.35 -6.11
CA SER B 1 -12.37 -34.63 -6.37
C SER B 1 -11.65 -34.19 -5.09
N PRO B 2 -12.36 -33.55 -4.12
CA PRO B 2 -11.69 -33.21 -2.85
C PRO B 2 -11.51 -34.44 -1.98
N ARG B 3 -12.40 -35.42 -2.16
CA ARG B 3 -12.31 -36.69 -1.45
C ARG B 3 -11.63 -37.72 -2.34
N PHE B 4 -10.66 -38.44 -1.77
CA PHE B 4 -9.91 -39.44 -2.51
C PHE B 4 -9.08 -40.27 -1.54
N PHE B 5 -8.72 -41.47 -1.99
CA PHE B 5 -7.79 -42.32 -1.26
C PHE B 5 -6.36 -41.96 -1.61
N VAL B 6 -5.45 -42.27 -0.69
CA VAL B 6 -4.03 -41.97 -0.89
C VAL B 6 -3.21 -43.25 -0.72
N GLY B 7 -3.83 -44.31 -0.24
CA GLY B 7 -3.20 -45.59 -0.08
C GLY B 7 -3.27 -46.08 1.35
N GLU B 8 -2.63 -47.24 1.57
CA GLU B 8 -2.60 -47.86 2.88
C GLU B 8 -1.48 -47.25 3.73
N PRO B 9 -1.61 -47.31 5.06
CA PRO B 9 -0.55 -46.76 5.92
C PRO B 9 0.82 -47.38 5.67
N LYS B 10 0.88 -48.63 5.21
CA LYS B 10 2.18 -49.28 5.00
C LYS B 10 2.94 -48.67 3.82
N GLN B 11 2.25 -48.02 2.89
CA GLN B 11 2.90 -47.42 1.73
C GLN B 11 3.58 -46.09 2.04
N PHE B 12 3.62 -45.67 3.30
CA PHE B 12 4.27 -44.42 3.69
C PHE B 12 5.37 -44.73 4.71
N PRO B 13 6.64 -44.49 4.38
CA PRO B 13 7.72 -44.83 5.31
C PRO B 13 7.63 -44.04 6.61
N VAL B 14 8.22 -44.61 7.66
CA VAL B 14 8.24 -43.96 8.96
C VAL B 14 9.18 -42.76 8.90
N GLY B 15 8.72 -41.63 9.42
CA GLY B 15 9.52 -40.41 9.38
C GLY B 15 9.72 -39.85 7.99
N SER B 16 8.71 -39.98 7.13
CA SER B 16 8.82 -39.55 5.73
C SER B 16 7.77 -38.48 5.43
N VAL B 17 8.10 -37.64 4.44
CA VAL B 17 7.17 -36.65 3.90
C VAL B 17 7.06 -36.95 2.42
N THR B 18 5.91 -37.47 2.00
CA THR B 18 5.67 -37.86 0.61
C THR B 18 4.77 -36.83 -0.05
N THR B 19 5.20 -36.34 -1.21
CA THR B 19 4.48 -35.32 -1.95
C THR B 19 3.62 -35.96 -3.02
N LEU B 20 2.33 -35.63 -3.02
CA LEU B 20 1.39 -36.10 -4.04
C LEU B 20 1.05 -34.89 -4.91
N LYS B 21 1.86 -34.66 -5.94
CA LYS B 21 1.67 -33.50 -6.80
C LYS B 21 0.30 -33.50 -7.47
N SER B 22 -0.18 -34.68 -7.88
CA SER B 22 -1.45 -34.75 -8.59
C SER B 22 -2.62 -34.28 -7.73
N ARG B 23 -2.58 -34.59 -6.43
CA ARG B 23 -3.64 -34.20 -5.51
C ARG B 23 -3.28 -32.97 -4.69
N LYS B 24 -2.06 -32.44 -4.85
CA LYS B 24 -1.64 -31.18 -4.25
C LYS B 24 -1.71 -31.22 -2.71
N ILE B 25 -1.27 -32.34 -2.13
CA ILE B 25 -1.21 -32.47 -0.68
C ILE B 25 0.09 -33.17 -0.30
N PHE B 26 0.45 -33.06 0.98
CA PHE B 26 1.52 -33.84 1.58
C PHE B 26 0.92 -34.85 2.54
N VAL B 27 1.55 -36.02 2.62
CA VAL B 27 1.21 -37.03 3.61
C VAL B 27 2.44 -37.22 4.48
N VAL B 28 2.36 -36.77 5.73
CA VAL B 28 3.48 -36.80 6.66
C VAL B 28 3.24 -37.91 7.68
N ARG B 29 4.21 -38.80 7.83
CA ARG B 29 4.15 -39.87 8.81
C ARG B 29 5.31 -39.72 9.80
N ASP B 30 4.97 -39.46 11.06
CA ASP B 30 5.95 -39.46 12.15
C ASP B 30 5.59 -40.62 13.08
N ALA B 31 6.46 -41.62 13.15
CA ALA B 31 6.17 -42.87 13.84
C ALA B 31 4.89 -43.49 13.29
N ASP B 32 3.84 -43.53 14.10
CA ASP B 32 2.53 -43.99 13.66
C ASP B 32 1.53 -42.86 13.52
N SER B 33 1.99 -41.61 13.56
CA SER B 33 1.12 -40.45 13.45
C SER B 33 1.15 -39.93 12.01
N PHE B 34 -0.04 -39.76 11.44
CA PHE B 34 -0.19 -39.33 10.05
C PHE B 34 -0.85 -37.96 9.99
N LYS B 35 -0.46 -37.18 8.99
CA LYS B 35 -0.98 -35.84 8.78
C LYS B 35 -1.07 -35.54 7.29
N ALA B 36 -2.12 -34.82 6.91
CA ALA B 36 -2.30 -34.37 5.53
C ALA B 36 -2.20 -32.86 5.50
N ILE B 37 -1.22 -32.35 4.74
CA ILE B 37 -0.92 -30.92 4.68
C ILE B 37 -0.98 -30.49 3.22
N SER B 38 -1.67 -29.38 2.96
CA SER B 38 -1.79 -28.87 1.61
C SER B 38 -0.49 -28.25 1.12
N VAL B 39 -0.27 -28.31 -0.20
CA VAL B 39 0.93 -27.74 -0.80
C VAL B 39 0.77 -26.27 -1.16
N VAL B 40 -0.42 -25.71 -0.99
CA VAL B 40 -0.69 -24.36 -1.47
C VAL B 40 -0.13 -23.35 -0.48
N CYS B 41 0.78 -22.50 -0.96
CA CYS B 41 1.33 -21.43 -0.14
C CYS B 41 0.22 -20.46 0.25
N THR B 42 0.13 -20.15 1.54
CA THR B 42 -0.92 -19.26 2.03
C THR B 42 -0.71 -17.80 1.63
N HIS B 43 0.31 -17.50 0.81
CA HIS B 43 0.54 -16.14 0.34
C HIS B 43 -0.27 -15.86 -0.91
N LEU B 44 0.16 -16.41 -2.05
CA LEU B 44 -0.53 -16.20 -3.31
C LEU B 44 -0.85 -17.50 -4.04
N GLY B 45 -0.60 -18.65 -3.42
CA GLY B 45 -1.13 -19.91 -3.91
C GLY B 45 -0.17 -20.80 -4.67
N CYS B 46 1.13 -20.48 -4.69
CA CYS B 46 2.06 -21.34 -5.39
C CYS B 46 2.28 -22.65 -4.63
N ALA B 47 2.73 -23.67 -5.35
CA ALA B 47 2.91 -24.99 -4.75
C ALA B 47 4.27 -25.07 -4.05
N VAL B 48 4.24 -25.28 -2.74
CA VAL B 48 5.48 -25.36 -1.97
C VAL B 48 6.10 -26.75 -2.14
N GLU B 49 7.40 -26.82 -1.87
CA GLU B 49 8.17 -28.04 -2.02
C GLU B 49 8.88 -28.35 -0.71
N PHE B 50 8.89 -29.62 -0.33
CA PHE B 50 9.53 -30.04 0.91
C PHE B 50 10.97 -30.43 0.66
N SER B 51 11.87 -29.93 1.50
CA SER B 51 13.29 -30.27 1.46
C SER B 51 13.56 -31.24 2.60
N LYS B 52 13.78 -32.51 2.25
CA LYS B 52 14.02 -33.54 3.27
C LYS B 52 15.24 -33.19 4.10
N GLU B 53 16.26 -32.59 3.48
CA GLU B 53 17.48 -32.26 4.19
C GLU B 53 17.25 -31.10 5.17
N LYS B 54 16.58 -30.05 4.70
CA LYS B 54 16.31 -28.89 5.54
C LYS B 54 15.07 -29.06 6.41
N ASN B 55 14.25 -30.09 6.16
CA ASN B 55 13.08 -30.40 6.98
C ASN B 55 12.09 -29.23 7.01
N ILE B 56 11.97 -28.53 5.89
CA ILE B 56 11.08 -27.38 5.77
C ILE B 56 10.38 -27.42 4.42
N PHE B 57 9.26 -26.70 4.34
CA PHE B 57 8.57 -26.44 3.08
C PHE B 57 8.99 -25.08 2.57
N GLU B 58 9.19 -24.98 1.26
CA GLU B 58 9.66 -23.75 0.62
C GLU B 58 8.79 -23.42 -0.58
N CYS B 59 8.38 -22.16 -0.68
CA CYS B 59 7.59 -21.70 -1.83
C CYS B 59 8.53 -21.15 -2.90
N PRO B 60 8.39 -21.58 -4.16
CA PRO B 60 9.30 -21.09 -5.20
C PRO B 60 8.98 -19.70 -5.70
N CYS B 61 7.92 -19.06 -5.22
CA CYS B 61 7.46 -17.80 -5.80
C CYS B 61 8.09 -16.59 -5.10
N HIS B 62 7.93 -16.48 -3.78
CA HIS B 62 8.44 -15.33 -3.04
C HIS B 62 9.15 -15.73 -1.75
N GLY B 63 9.60 -16.97 -1.65
CA GLY B 63 10.46 -17.37 -0.54
C GLY B 63 9.79 -17.52 0.81
N SER B 64 8.50 -17.87 0.85
CA SER B 64 7.89 -18.26 2.10
C SER B 64 8.36 -19.65 2.50
N LYS B 65 8.59 -19.85 3.79
CA LYS B 65 9.09 -21.12 4.31
C LYS B 65 8.26 -21.56 5.49
N TYR B 66 8.03 -22.87 5.58
CA TYR B 66 7.20 -23.46 6.63
C TYR B 66 7.95 -24.59 7.31
N TYR B 67 7.65 -24.80 8.59
CA TYR B 67 8.23 -25.93 9.31
C TYR B 67 7.53 -27.23 8.89
N ARG B 68 8.01 -28.34 9.44
CA ARG B 68 7.46 -29.65 9.10
C ARG B 68 5.97 -29.72 9.43
N ASN B 69 5.56 -29.10 10.53
CA ASN B 69 4.15 -29.08 10.91
C ASN B 69 3.33 -28.06 10.11
N GLY B 70 3.97 -27.28 9.23
CA GLY B 70 3.28 -26.34 8.39
C GLY B 70 3.27 -24.91 8.89
N VAL B 71 3.81 -24.65 10.08
CA VAL B 71 3.83 -23.30 10.63
C VAL B 71 4.76 -22.42 9.80
N ASN B 72 4.23 -21.31 9.31
CA ASN B 72 5.04 -20.38 8.51
C ASN B 72 5.97 -19.60 9.42
N PHE B 73 7.22 -19.45 8.97
CA PHE B 73 8.19 -18.62 9.67
C PHE B 73 8.92 -17.63 8.77
N ALA B 74 8.99 -17.86 7.46
CA ALA B 74 9.68 -16.96 6.55
C ALA B 74 8.72 -16.49 5.45
N GLY B 75 9.10 -15.40 4.80
CA GLY B 75 8.38 -14.91 3.65
C GLY B 75 7.09 -14.19 4.00
N PRO B 76 6.36 -13.74 2.97
CA PRO B 76 5.11 -13.00 3.19
C PRO B 76 3.92 -13.86 3.55
N ALA B 77 4.09 -15.16 3.70
CA ALA B 77 2.99 -16.05 4.07
C ALA B 77 2.45 -15.67 5.44
N PRO B 78 1.17 -15.27 5.54
CA PRO B 78 0.64 -14.82 6.84
C PRO B 78 0.02 -15.90 7.71
N ARG B 79 -0.17 -17.12 7.19
CA ARG B 79 -0.82 -18.18 7.93
C ARG B 79 -0.14 -19.50 7.64
N PRO B 80 -0.23 -20.47 8.54
CA PRO B 80 0.38 -21.77 8.29
C PRO B 80 -0.34 -22.53 7.17
N LEU B 81 0.36 -23.52 6.63
CA LEU B 81 -0.23 -24.39 5.63
C LEU B 81 -1.48 -25.07 6.15
N ASP B 82 -2.44 -25.28 5.27
CA ASP B 82 -3.71 -25.88 5.66
C ASP B 82 -3.52 -27.36 5.97
N HIS B 83 -4.03 -27.79 7.12
CA HIS B 83 -4.08 -29.20 7.47
C HIS B 83 -5.45 -29.75 7.07
N LEU B 84 -5.45 -30.99 6.56
CA LEU B 84 -6.63 -31.55 5.92
C LEU B 84 -7.14 -32.76 6.68
N GLN B 85 -8.44 -33.01 6.55
CA GLN B 85 -9.07 -34.16 7.19
C GLN B 85 -8.60 -35.44 6.51
N MET B 86 -8.14 -36.40 7.31
CA MET B 86 -7.66 -37.68 6.80
C MET B 86 -8.23 -38.80 7.65
N ILE B 87 -8.78 -39.82 6.98
CA ILE B 87 -9.48 -40.93 7.65
C ILE B 87 -8.86 -42.24 7.20
N LEU B 88 -8.82 -43.20 8.12
CA LEU B 88 -8.49 -44.58 7.80
C LEU B 88 -9.80 -45.33 7.52
N ASP B 89 -10.03 -45.67 6.25
CA ASP B 89 -11.27 -46.31 5.84
C ASP B 89 -11.29 -47.77 6.30
N ASN B 90 -12.48 -48.38 6.20
CA ASN B 90 -12.66 -49.76 6.66
C ASN B 90 -11.82 -50.73 5.84
N ASN B 91 -11.66 -50.47 4.52
CA ASN B 91 -10.83 -51.32 3.69
C ASN B 91 -9.32 -51.09 3.90
N GLY B 92 -8.90 -50.42 4.98
CA GLY B 92 -7.50 -50.36 5.31
C GLY B 92 -6.69 -49.30 4.61
N LYS B 93 -7.30 -48.46 3.78
CA LYS B 93 -6.58 -47.42 3.05
C LYS B 93 -7.03 -46.03 3.49
N LEU B 94 -6.10 -45.08 3.48
CA LEU B 94 -6.34 -43.75 4.00
C LEU B 94 -7.09 -42.90 2.99
N ALA B 95 -7.99 -42.05 3.49
CA ALA B 95 -8.80 -41.16 2.67
C ALA B 95 -8.63 -39.74 3.16
N VAL B 96 -8.54 -38.80 2.22
CA VAL B 96 -8.34 -37.39 2.51
C VAL B 96 -9.48 -36.58 1.89
N ASP B 97 -9.98 -35.60 2.63
CA ASP B 97 -10.97 -34.65 2.14
C ASP B 97 -10.33 -33.28 2.12
N THR B 98 -9.94 -32.82 0.93
CA THR B 98 -9.32 -31.50 0.79
C THR B 98 -10.28 -30.39 1.20
N SER B 99 -11.58 -30.58 1.02
CA SER B 99 -12.57 -29.56 1.35
C SER B 99 -12.71 -29.31 2.85
N VAL B 100 -12.19 -30.18 3.70
CA VAL B 100 -12.36 -30.08 5.15
C VAL B 100 -10.99 -29.80 5.76
N LYS B 101 -10.78 -28.55 6.17
CA LYS B 101 -9.55 -28.19 6.88
C LYS B 101 -9.70 -28.47 8.37
N VAL B 102 -8.62 -28.96 8.98
CA VAL B 102 -8.64 -29.34 10.39
C VAL B 102 -7.54 -28.57 11.10
N PRO B 103 -7.64 -28.44 12.43
CA PRO B 103 -6.61 -27.71 13.18
C PRO B 103 -5.22 -28.25 12.93
N LEU B 104 -4.22 -27.39 13.14
CA LEU B 104 -2.84 -27.70 12.76
C LEU B 104 -2.30 -28.91 13.51
N GLU B 105 -2.67 -29.06 14.78
CA GLU B 105 -2.16 -30.13 15.62
C GLU B 105 -2.94 -31.43 15.48
N THR B 106 -3.81 -31.54 14.48
CA THR B 106 -4.54 -32.78 14.27
C THR B 106 -3.59 -33.87 13.78
N GLU B 107 -3.82 -35.10 14.25
CA GLU B 107 -3.00 -36.23 13.85
C GLU B 107 -3.85 -37.49 13.82
N LEU B 108 -3.52 -38.40 12.92
CA LEU B 108 -4.20 -39.69 12.79
C LEU B 108 -3.20 -40.79 13.09
N ILE B 109 -3.44 -41.52 14.18
CA ILE B 109 -2.56 -42.59 14.62
C ILE B 109 -3.12 -43.92 14.14
N VAL B 110 -2.24 -44.80 13.67
CA VAL B 110 -2.66 -46.12 13.20
C VAL B 110 -1.94 -47.22 13.99
N SER C 1 14.76 -6.30 32.11
CA SER C 1 15.43 -7.58 32.21
C SER C 1 14.55 -8.70 31.68
N PRO C 2 14.97 -9.33 30.58
CA PRO C 2 14.15 -10.41 29.99
C PRO C 2 14.25 -11.72 30.75
N ARG C 3 15.32 -11.93 31.51
CA ARG C 3 15.49 -13.13 32.31
C ARG C 3 14.91 -12.90 33.70
N PHE C 4 14.04 -13.80 34.13
CA PHE C 4 13.38 -13.65 35.43
C PHE C 4 12.77 -14.98 35.85
N PHE C 5 12.56 -15.11 37.15
CA PHE C 5 11.83 -16.25 37.68
C PHE C 5 10.33 -16.01 37.57
N VAL C 6 9.57 -17.11 37.55
CA VAL C 6 8.12 -17.03 37.38
C VAL C 6 7.36 -17.70 38.50
N GLY C 7 7.93 -18.67 39.21
CA GLY C 7 7.26 -19.33 40.31
C GLY C 7 7.49 -20.82 40.29
N GLU C 8 7.03 -21.53 41.31
CA GLU C 8 7.11 -22.98 41.29
C GLU C 8 6.04 -23.55 40.37
N PRO C 9 6.29 -24.72 39.80
CA PRO C 9 5.28 -25.32 38.90
C PRO C 9 3.93 -25.54 39.55
N LYS C 10 3.86 -25.63 40.87
CA LYS C 10 2.60 -25.91 41.55
C LYS C 10 1.75 -24.66 41.76
N GLN C 11 2.30 -23.46 41.54
CA GLN C 11 1.53 -22.24 41.61
C GLN C 11 0.65 -22.02 40.39
N PHE C 12 0.64 -22.96 39.46
CA PHE C 12 -0.15 -22.86 38.24
C PHE C 12 -1.11 -24.04 38.16
N PRO C 13 -2.42 -23.80 38.17
CA PRO C 13 -3.37 -24.92 38.14
C PRO C 13 -3.25 -25.73 36.86
N VAL C 14 -3.63 -27.01 36.95
CA VAL C 14 -3.60 -27.89 35.80
C VAL C 14 -4.65 -27.46 34.78
N GLY C 15 -4.25 -27.33 33.52
CA GLY C 15 -5.17 -26.91 32.50
C GLY C 15 -5.56 -25.45 32.58
N SER C 16 -4.66 -24.59 33.05
CA SER C 16 -4.95 -23.17 33.24
C SER C 16 -4.01 -22.32 32.39
N VAL C 17 -4.49 -21.14 32.03
CA VAL C 17 -3.70 -20.12 31.35
C VAL C 17 -3.58 -18.93 32.29
N THR C 18 -2.36 -18.65 32.73
CA THR C 18 -2.09 -17.60 33.70
C THR C 18 -1.45 -16.41 33.00
N THR C 19 -2.04 -15.23 33.17
CA THR C 19 -1.55 -14.01 32.54
C THR C 19 -0.67 -13.26 33.53
N LEU C 20 0.58 -13.02 33.15
CA LEU C 20 1.52 -12.24 33.94
C LEU C 20 1.70 -10.89 33.24
N LYS C 21 0.81 -9.96 33.55
CA LYS C 21 0.77 -8.68 32.87
C LYS C 21 2.11 -7.96 32.93
N SER C 22 2.70 -7.88 34.13
CA SER C 22 3.95 -7.15 34.30
C SER C 22 5.07 -7.76 33.44
N ARG C 23 5.15 -9.09 33.40
CA ARG C 23 6.20 -9.73 32.63
C ARG C 23 5.84 -9.90 31.16
N LYS C 24 4.60 -9.55 30.77
CA LYS C 24 4.15 -9.58 29.37
C LYS C 24 4.27 -10.98 28.77
N ILE C 25 3.93 -12.00 29.56
CA ILE C 25 3.96 -13.38 29.10
C ILE C 25 2.74 -14.12 29.61
N PHE C 26 2.46 -15.26 28.99
CA PHE C 26 1.51 -16.24 29.50
C PHE C 26 2.27 -17.47 29.98
N VAL C 27 1.75 -18.09 31.03
CA VAL C 27 2.24 -19.39 31.51
C VAL C 27 1.10 -20.38 31.33
N VAL C 28 1.21 -21.26 30.34
CA VAL C 28 0.18 -22.23 30.01
C VAL C 28 0.63 -23.60 30.52
N ARG C 29 -0.20 -24.21 31.36
CA ARG C 29 0.06 -25.55 31.87
C ARG C 29 -1.04 -26.48 31.39
N ASP C 30 -0.65 -27.49 30.63
CA ASP C 30 -1.55 -28.57 30.21
C ASP C 30 -1.04 -29.86 30.83
N ALA C 31 -1.83 -30.42 31.74
CA ALA C 31 -1.39 -31.56 32.56
C ALA C 31 -0.11 -31.21 33.31
N ASP C 32 1.01 -31.80 32.89
CA ASP C 32 2.32 -31.50 33.47
C ASP C 32 3.24 -30.79 32.49
N SER C 33 2.73 -30.35 31.34
CA SER C 33 3.52 -29.65 30.34
C SER C 33 3.29 -28.15 30.48
N PHE C 34 4.38 -27.39 30.55
CA PHE C 34 4.34 -25.95 30.71
C PHE C 34 4.86 -25.27 29.46
N LYS C 35 4.20 -24.18 29.06
CA LYS C 35 4.65 -23.36 27.94
C LYS C 35 4.65 -21.89 28.36
N ALA C 36 5.57 -21.12 27.78
CA ALA C 36 5.65 -19.69 27.99
C ALA C 36 5.37 -18.99 26.67
N ILE C 37 4.31 -18.19 26.62
CA ILE C 37 3.86 -17.53 25.40
C ILE C 37 3.82 -16.03 25.65
N SER C 38 4.42 -15.27 24.73
CA SER C 38 4.42 -13.82 24.83
C SER C 38 3.02 -13.26 24.57
N VAL C 39 2.73 -12.12 25.20
CA VAL C 39 1.43 -11.46 25.04
C VAL C 39 1.41 -10.49 23.87
N VAL C 40 2.54 -10.23 23.24
CA VAL C 40 2.65 -9.20 22.22
C VAL C 40 2.04 -9.72 20.92
N CYS C 41 1.03 -9.01 20.41
CA CYS C 41 0.43 -9.36 19.12
C CYS C 41 1.45 -9.19 18.01
N THR C 42 1.56 -10.19 17.14
CA THR C 42 2.53 -10.15 16.06
C THR C 42 2.15 -9.18 14.95
N HIS C 43 1.02 -8.48 15.07
CA HIS C 43 0.65 -7.49 14.07
C HIS C 43 1.40 -6.19 14.31
N LEU C 44 0.98 -5.44 15.32
CA LEU C 44 1.58 -4.14 15.61
C LEU C 44 2.01 -3.99 17.06
N GLY C 45 1.87 -5.05 17.87
CA GLY C 45 2.50 -5.10 19.18
C GLY C 45 1.60 -4.93 20.38
N CYS C 46 0.28 -4.90 20.21
CA CYS C 46 -0.59 -4.75 21.35
C CYS C 46 -0.61 -6.02 22.19
N ALA C 47 -1.01 -5.87 23.44
CA ALA C 47 -1.02 -6.98 24.40
C ALA C 47 -2.33 -7.74 24.26
N VAL C 48 -2.25 -8.99 23.82
CA VAL C 48 -3.45 -9.80 23.65
C VAL C 48 -3.91 -10.34 25.00
N GLU C 49 -5.18 -10.72 25.07
CA GLU C 49 -5.81 -11.21 26.29
C GLU C 49 -6.43 -12.57 26.03
N PHE C 50 -6.33 -13.46 27.01
CA PHE C 50 -6.87 -14.80 26.88
C PHE C 50 -8.29 -14.88 27.41
N SER C 51 -9.15 -15.57 26.67
CA SER C 51 -10.54 -15.79 27.07
C SER C 51 -10.67 -17.26 27.46
N LYS C 52 -10.93 -17.50 28.75
CA LYS C 52 -11.02 -18.88 29.24
C LYS C 52 -12.20 -19.61 28.60
N GLU C 53 -13.31 -18.91 28.39
CA GLU C 53 -14.48 -19.55 27.80
C GLU C 53 -14.28 -19.82 26.32
N LYS C 54 -13.72 -18.86 25.58
CA LYS C 54 -13.46 -19.04 24.17
C LYS C 54 -12.16 -19.79 23.88
N ASN C 55 -11.29 -19.95 24.89
CA ASN C 55 -10.05 -20.72 24.76
C ASN C 55 -9.15 -20.18 23.64
N ILE C 56 -9.18 -18.86 23.43
CA ILE C 56 -8.37 -18.22 22.39
C ILE C 56 -7.80 -16.93 22.95
N PHE C 57 -6.75 -16.44 22.28
CA PHE C 57 -6.17 -15.14 22.58
C PHE C 57 -6.78 -14.11 21.63
N GLU C 58 -7.09 -12.93 22.16
CA GLU C 58 -7.73 -11.86 21.39
C GLU C 58 -6.96 -10.57 21.58
N CYS C 59 -6.67 -9.88 20.48
CA CYS C 59 -5.98 -8.61 20.54
C CYS C 59 -7.00 -7.47 20.59
N PRO C 60 -6.84 -6.50 21.49
CA PRO C 60 -7.82 -5.41 21.59
C PRO C 60 -7.69 -4.34 20.51
N CYS C 61 -6.67 -4.42 19.66
CA CYS C 61 -6.37 -3.34 18.73
C CYS C 61 -7.06 -3.51 17.38
N HIS C 62 -6.78 -4.62 16.67
CA HIS C 62 -7.39 -4.83 15.37
C HIS C 62 -8.03 -6.21 15.23
N GLY C 63 -8.25 -6.91 16.34
CA GLY C 63 -9.02 -8.14 16.29
C GLY C 63 -8.29 -9.37 15.80
N SER C 64 -6.97 -9.41 15.94
CA SER C 64 -6.24 -10.65 15.70
C SER C 64 -6.55 -11.66 16.79
N LYS C 65 -6.67 -12.92 16.40
CA LYS C 65 -7.05 -13.98 17.32
C LYS C 65 -6.14 -15.18 17.14
N TYR C 66 -5.74 -15.79 18.26
CA TYR C 66 -4.81 -16.90 18.28
C TYR C 66 -5.42 -18.07 19.05
N TYR C 67 -5.06 -19.28 18.65
CA TYR C 67 -5.51 -20.46 19.38
C TYR C 67 -4.72 -20.60 20.68
N ARG C 68 -5.08 -21.61 21.47
CA ARG C 68 -4.40 -21.83 22.74
C ARG C 68 -2.91 -22.09 22.55
N ASN C 69 -2.54 -22.77 21.46
CA ASN C 69 -1.13 -23.01 21.17
C ASN C 69 -0.41 -21.78 20.67
N GLY C 70 -1.11 -20.67 20.42
CA GLY C 70 -0.52 -19.45 19.93
C GLY C 70 -0.62 -19.26 18.43
N VAL C 71 -1.17 -20.23 17.69
CA VAL C 71 -1.28 -20.12 16.25
C VAL C 71 -2.35 -19.08 15.90
N ASN C 72 -1.96 -18.09 15.09
CA ASN C 72 -2.90 -17.07 14.67
C ASN C 72 -3.86 -17.62 13.63
N PHE C 73 -5.13 -17.23 13.75
CA PHE C 73 -6.13 -17.61 12.77
C PHE C 73 -7.00 -16.45 12.30
N ALA C 74 -7.15 -15.38 13.07
CA ALA C 74 -7.96 -14.23 12.69
C ALA C 74 -7.12 -12.97 12.70
N GLY C 75 -7.59 -11.96 11.97
CA GLY C 75 -6.98 -10.65 11.98
C GLY C 75 -5.76 -10.55 11.10
N PRO C 76 -5.12 -9.38 11.11
CA PRO C 76 -3.94 -9.15 10.26
C PRO C 76 -2.65 -9.73 10.79
N ALA C 77 -2.68 -10.49 11.88
CA ALA C 77 -1.47 -11.07 12.45
C ALA C 77 -0.82 -12.03 11.46
N PRO C 78 0.42 -11.80 11.05
CA PRO C 78 1.06 -12.69 10.06
C PRO C 78 1.86 -13.83 10.66
N ARG C 79 2.06 -13.88 11.97
CA ARG C 79 2.85 -14.90 12.62
C ARG C 79 2.16 -15.38 13.89
N PRO C 80 2.43 -16.60 14.33
CA PRO C 80 1.92 -17.05 15.63
C PRO C 80 2.62 -16.32 16.77
N LEU C 81 1.99 -16.38 17.94
CA LEU C 81 2.57 -15.77 19.13
C LEU C 81 3.92 -16.40 19.44
N ASP C 82 4.84 -15.59 19.96
CA ASP C 82 6.18 -16.08 20.25
C ASP C 82 6.16 -16.98 21.47
N HIS C 83 6.79 -18.15 21.34
CA HIS C 83 7.01 -19.04 22.47
C HIS C 83 8.38 -18.77 23.07
N LEU C 84 8.47 -18.84 24.38
CA LEU C 84 9.64 -18.36 25.12
C LEU C 84 10.30 -19.51 25.87
N GLN C 85 11.62 -19.38 26.05
CA GLN C 85 12.38 -20.37 26.79
C GLN C 85 11.98 -20.36 28.26
N MET C 86 11.59 -21.52 28.77
CA MET C 86 11.22 -21.67 30.18
C MET C 86 11.93 -22.89 30.74
N ILE C 87 12.62 -22.71 31.86
CA ILE C 87 13.45 -23.75 32.46
C ILE C 87 13.02 -23.96 33.89
N LEU C 88 13.31 -25.16 34.40
CA LEU C 88 13.07 -25.50 35.80
C LEU C 88 14.41 -25.42 36.54
N ASP C 89 14.55 -24.39 37.38
CA ASP C 89 15.80 -24.18 38.10
C ASP C 89 15.88 -25.13 39.29
N ASN C 90 17.11 -25.31 39.79
CA ASN C 90 17.34 -26.28 40.85
C ASN C 90 16.65 -25.89 42.15
N ASN C 91 16.38 -24.59 42.35
CA ASN C 91 15.65 -24.14 43.52
C ASN C 91 14.13 -24.28 43.36
N GLY C 92 13.68 -25.03 42.37
CA GLY C 92 12.28 -25.39 42.24
C GLY C 92 11.39 -24.33 41.61
N LYS C 93 11.97 -23.26 41.07
CA LYS C 93 11.19 -22.18 40.48
C LYS C 93 11.40 -22.15 38.97
N LEU C 94 10.33 -21.84 38.25
CA LEU C 94 10.39 -21.75 36.79
C LEU C 94 10.95 -20.40 36.37
N ALA C 95 11.92 -20.43 35.46
CA ALA C 95 12.55 -19.22 34.94
C ALA C 95 12.24 -19.08 33.46
N VAL C 96 11.95 -17.84 33.04
CA VAL C 96 11.62 -17.54 31.65
C VAL C 96 12.66 -16.56 31.12
N ASP C 97 13.10 -16.81 29.88
CA ASP C 97 14.01 -15.91 29.17
C ASP C 97 13.25 -15.33 27.98
N THR C 98 12.79 -14.09 28.12
CA THR C 98 12.05 -13.44 27.05
C THR C 98 12.89 -13.25 25.81
N SER C 99 14.20 -13.03 25.96
CA SER C 99 15.08 -12.81 24.81
C SER C 99 15.30 -14.07 23.99
N VAL C 100 14.93 -15.25 24.49
CA VAL C 100 15.16 -16.51 23.78
C VAL C 100 13.79 -17.04 23.36
N LYS C 101 13.49 -16.93 22.07
CA LYS C 101 12.27 -17.48 21.51
C LYS C 101 12.51 -18.91 21.07
N VAL C 102 11.51 -19.77 21.28
CA VAL C 102 11.67 -21.21 21.05
C VAL C 102 10.60 -21.62 20.05
N PRO C 103 10.78 -22.78 19.40
CA PRO C 103 9.76 -23.27 18.46
C PRO C 103 8.39 -23.41 19.12
N LEU C 104 7.37 -23.45 18.26
CA LEU C 104 5.98 -23.42 18.72
C LEU C 104 5.66 -24.60 19.63
N GLU C 105 6.14 -25.79 19.27
CA GLU C 105 5.77 -27.02 19.96
C GLU C 105 6.65 -27.32 21.17
N THR C 106 7.45 -26.36 21.62
CA THR C 106 8.30 -26.60 22.78
C THR C 106 7.45 -26.69 24.05
N GLU C 107 7.78 -27.66 24.89
CA GLU C 107 7.06 -27.87 26.14
C GLU C 107 8.02 -28.34 27.21
N LEU C 108 7.68 -28.06 28.46
CA LEU C 108 8.47 -28.47 29.63
C LEU C 108 7.62 -29.37 30.51
N ILE C 109 8.03 -30.62 30.64
CA ILE C 109 7.32 -31.61 31.44
C ILE C 109 7.80 -31.52 32.88
N VAL C 110 6.88 -31.71 33.83
CA VAL C 110 7.22 -31.70 35.24
C VAL C 110 6.75 -32.98 35.92
N SER D 1 5.79 34.74 10.40
CA SER D 1 4.82 35.56 9.67
C SER D 1 4.76 35.17 8.20
N PRO D 2 3.58 34.75 7.73
CA PRO D 2 3.44 34.41 6.31
C PRO D 2 3.36 35.62 5.41
N ARG D 3 2.95 36.77 5.93
CA ARG D 3 2.90 38.00 5.17
C ARG D 3 4.23 38.73 5.29
N PHE D 4 4.76 39.19 4.17
CA PHE D 4 6.04 39.89 4.15
C PHE D 4 6.19 40.61 2.82
N PHE D 5 7.03 41.65 2.83
CA PHE D 5 7.36 42.33 1.60
C PHE D 5 8.52 41.63 0.90
N VAL D 6 8.59 41.83 -0.41
CA VAL D 6 9.57 41.12 -1.23
C VAL D 6 10.42 42.12 -2.01
N GLY D 7 9.85 43.27 -2.36
CA GLY D 7 10.59 44.32 -3.00
C GLY D 7 9.78 44.97 -4.10
N GLU D 8 10.41 45.89 -4.79
CA GLU D 8 9.79 46.58 -5.91
C GLU D 8 9.90 45.72 -7.17
N PRO D 9 9.04 45.97 -8.17
CA PRO D 9 9.14 45.20 -9.41
C PRO D 9 10.49 45.29 -10.11
N LYS D 10 11.29 46.32 -9.83
CA LYS D 10 12.52 46.53 -10.58
C LYS D 10 13.70 45.72 -10.05
N GLN D 11 13.60 45.14 -8.85
CA GLN D 11 14.67 44.31 -8.32
C GLN D 11 14.65 42.89 -8.86
N PHE D 12 13.76 42.59 -9.79
CA PHE D 12 13.68 41.27 -10.39
C PHE D 12 13.81 41.38 -11.90
N PRO D 13 14.85 40.81 -12.50
CA PRO D 13 15.06 40.97 -13.94
C PRO D 13 13.93 40.33 -14.74
N VAL D 14 13.72 40.86 -15.94
CA VAL D 14 12.71 40.30 -16.84
C VAL D 14 13.13 38.91 -17.28
N GLY D 15 12.19 37.97 -17.25
CA GLY D 15 12.49 36.60 -17.61
C GLY D 15 13.39 35.88 -16.64
N SER D 16 13.30 36.20 -15.35
CA SER D 16 14.14 35.61 -14.33
C SER D 16 13.30 34.90 -13.28
N VAL D 17 13.89 33.88 -12.66
CA VAL D 17 13.30 33.17 -11.54
C VAL D 17 14.19 33.41 -10.33
N THR D 18 13.64 34.05 -9.31
CA THR D 18 14.39 34.44 -8.13
C THR D 18 13.97 33.57 -6.95
N THR D 19 14.94 32.97 -6.28
CA THR D 19 14.69 32.06 -5.18
C THR D 19 14.87 32.81 -3.86
N LEU D 20 13.81 32.84 -3.05
CA LEU D 20 13.85 33.44 -1.71
C LEU D 20 13.89 32.29 -0.71
N LYS D 21 15.10 31.81 -0.43
CA LYS D 21 15.27 30.63 0.41
C LYS D 21 14.62 30.81 1.78
N SER D 22 14.91 31.93 2.44
CA SER D 22 14.36 32.19 3.76
C SER D 22 12.84 32.26 3.71
N ARG D 23 12.29 32.97 2.71
CA ARG D 23 10.86 33.10 2.57
C ARG D 23 10.20 31.86 1.98
N LYS D 24 10.99 30.91 1.47
CA LYS D 24 10.49 29.65 0.92
C LYS D 24 9.52 29.88 -0.23
N ILE D 25 9.83 30.85 -1.10
CA ILE D 25 9.01 31.14 -2.26
C ILE D 25 9.92 31.41 -3.46
N PHE D 26 9.31 31.34 -4.65
CA PHE D 26 9.93 31.82 -5.88
C PHE D 26 9.20 33.08 -6.33
N VAL D 27 9.95 34.01 -6.89
CA VAL D 27 9.39 35.19 -7.55
C VAL D 27 9.76 35.10 -9.02
N VAL D 28 8.79 34.80 -9.86
CA VAL D 28 8.99 34.61 -11.29
C VAL D 28 8.43 35.83 -12.03
N ARG D 29 9.27 36.46 -12.84
CA ARG D 29 8.86 37.59 -13.67
C ARG D 29 9.01 37.22 -15.13
N ASP D 30 7.90 37.22 -15.86
CA ASP D 30 7.90 37.05 -17.30
C ASP D 30 7.38 38.35 -17.91
N ALA D 31 8.24 39.05 -18.65
CA ALA D 31 7.95 40.39 -19.15
C ALA D 31 7.61 41.31 -17.98
N ASP D 32 6.35 41.72 -17.88
CA ASP D 32 5.87 42.55 -16.78
C ASP D 32 4.91 41.80 -15.87
N SER D 33 4.80 40.48 -16.00
CA SER D 33 3.92 39.68 -15.16
C SER D 33 4.75 38.99 -14.07
N PHE D 34 4.28 39.11 -12.83
CA PHE D 34 4.96 38.53 -11.68
C PHE D 34 4.10 37.42 -11.09
N LYS D 35 4.75 36.38 -10.59
CA LYS D 35 4.08 35.28 -9.90
C LYS D 35 4.88 34.88 -8.67
N ALA D 36 4.16 34.41 -7.65
CA ALA D 36 4.76 33.90 -6.43
C ALA D 36 4.45 32.40 -6.33
N ILE D 37 5.49 31.58 -6.36
CA ILE D 37 5.35 30.12 -6.36
C ILE D 37 6.07 29.57 -5.13
N SER D 38 5.40 28.67 -4.42
CA SER D 38 6.00 28.06 -3.24
C SER D 38 7.10 27.07 -3.63
N VAL D 39 8.09 26.94 -2.75
CA VAL D 39 9.19 26.01 -2.97
C VAL D 39 8.90 24.61 -2.45
N VAL D 40 7.80 24.42 -1.74
CA VAL D 40 7.52 23.16 -1.07
C VAL D 40 7.01 22.14 -2.10
N CYS D 41 7.71 21.02 -2.22
CA CYS D 41 7.27 19.95 -3.09
C CYS D 41 5.96 19.37 -2.56
N THR D 42 5.00 19.18 -3.47
CA THR D 42 3.67 18.69 -3.09
C THR D 42 3.66 17.20 -2.76
N HIS D 43 4.82 16.53 -2.81
CA HIS D 43 4.87 15.12 -2.44
C HIS D 43 4.97 14.97 -0.93
N LEU D 44 6.16 15.21 -0.38
CA LEU D 44 6.37 15.06 1.06
C LEU D 44 6.97 16.32 1.70
N GLY D 45 7.10 17.41 0.96
CA GLY D 45 7.41 18.70 1.55
C GLY D 45 8.85 19.18 1.41
N CYS D 46 9.67 18.53 0.61
CA CYS D 46 11.04 19.00 0.45
C CYS D 46 11.06 20.27 -0.38
N ALA D 47 12.15 21.03 -0.25
CA ALA D 47 12.31 22.31 -0.92
C ALA D 47 12.89 22.07 -2.31
N VAL D 48 12.11 22.38 -3.34
CA VAL D 48 12.56 22.18 -4.72
C VAL D 48 13.49 23.32 -5.12
N GLU D 49 14.32 23.06 -6.13
CA GLU D 49 15.29 24.01 -6.64
C GLU D 49 15.06 24.21 -8.13
N PHE D 50 15.22 25.45 -8.58
CA PHE D 50 15.00 25.79 -9.99
C PHE D 50 16.31 25.72 -10.76
N SER D 51 16.23 25.14 -11.96
CA SER D 51 17.36 25.07 -12.89
C SER D 51 17.08 26.01 -14.04
N LYS D 52 17.89 27.07 -14.16
CA LYS D 52 17.66 28.04 -15.22
C LYS D 52 17.91 27.44 -16.60
N GLU D 53 18.91 26.58 -16.72
CA GLU D 53 19.20 25.98 -18.02
C GLU D 53 18.11 24.99 -18.43
N LYS D 54 17.64 24.17 -17.49
CA LYS D 54 16.57 23.23 -17.79
C LYS D 54 15.17 23.84 -17.64
N ASN D 55 15.07 25.04 -17.09
CA ASN D 55 13.81 25.79 -17.00
C ASN D 55 12.73 25.00 -16.26
N ILE D 56 13.13 24.21 -15.26
CA ILE D 56 12.20 23.40 -14.48
C ILE D 56 12.58 23.45 -13.01
N PHE D 57 11.63 23.05 -12.17
CA PHE D 57 11.88 22.87 -10.74
C PHE D 57 12.13 21.39 -10.46
N GLU D 58 13.10 21.11 -9.59
CA GLU D 58 13.47 19.75 -9.26
C GLU D 58 13.51 19.58 -7.74
N CYS D 59 12.92 18.49 -7.27
CA CYS D 59 12.93 18.16 -5.85
C CYS D 59 14.11 17.24 -5.54
N PRO D 60 14.90 17.52 -4.51
CA PRO D 60 16.08 16.69 -4.21
C PRO D 60 15.76 15.39 -3.49
N CYS D 61 14.50 15.13 -3.16
CA CYS D 61 14.15 14.00 -2.31
C CYS D 61 13.78 12.75 -3.11
N HIS D 62 12.75 12.85 -3.98
CA HIS D 62 12.32 11.69 -4.75
C HIS D 62 12.18 12.00 -6.24
N GLY D 63 12.77 13.09 -6.71
CA GLY D 63 12.82 13.33 -8.14
C GLY D 63 11.55 13.83 -8.78
N SER D 64 10.69 14.51 -8.03
CA SER D 64 9.57 15.20 -8.64
C SER D 64 10.07 16.43 -9.39
N LYS D 65 9.45 16.73 -10.53
CA LYS D 65 9.87 17.83 -11.37
C LYS D 65 8.67 18.62 -11.82
N TYR D 66 8.81 19.95 -11.87
CA TYR D 66 7.74 20.86 -12.20
C TYR D 66 8.18 21.79 -13.33
N TYR D 67 7.24 22.18 -14.17
CA TYR D 67 7.53 23.14 -15.22
C TYR D 67 7.65 24.55 -14.62
N ARG D 68 7.95 25.52 -15.48
CA ARG D 68 8.15 26.89 -15.01
C ARG D 68 6.87 27.45 -14.38
N ASN D 69 5.71 27.08 -14.93
CA ASN D 69 4.44 27.52 -14.36
C ASN D 69 4.09 26.80 -13.06
N GLY D 70 4.86 25.79 -12.68
CA GLY D 70 4.60 25.04 -11.46
C GLY D 70 3.87 23.74 -11.66
N VAL D 71 3.49 23.41 -12.90
CA VAL D 71 2.77 22.17 -13.17
C VAL D 71 3.73 20.99 -13.01
N ASN D 72 3.34 20.02 -12.19
CA ASN D 72 4.14 18.83 -11.98
C ASN D 72 4.03 17.89 -13.17
N PHE D 73 5.15 17.28 -13.55
CA PHE D 73 5.15 16.29 -14.61
C PHE D 73 5.93 15.03 -14.28
N ALA D 74 6.90 15.08 -13.38
CA ALA D 74 7.70 13.92 -13.02
C ALA D 74 7.57 13.63 -11.52
N GLY D 75 7.88 12.40 -11.15
CA GLY D 75 7.93 12.01 -9.76
C GLY D 75 6.56 11.76 -9.16
N PRO D 76 6.53 11.47 -7.85
CA PRO D 76 5.27 11.13 -7.18
C PRO D 76 4.43 12.34 -6.79
N ALA D 77 4.82 13.55 -7.16
CA ALA D 77 4.07 14.75 -6.80
C ALA D 77 2.67 14.71 -7.41
N PRO D 78 1.61 14.74 -6.60
CA PRO D 78 0.25 14.63 -7.13
C PRO D 78 -0.44 15.95 -7.44
N ARG D 79 0.18 17.09 -7.13
CA ARG D 79 -0.41 18.40 -7.34
C ARG D 79 0.66 19.36 -7.83
N PRO D 80 0.26 20.39 -8.59
CA PRO D 80 1.23 21.42 -8.97
C PRO D 80 1.66 22.24 -7.76
N LEU D 81 2.76 22.97 -7.95
CA LEU D 81 3.27 23.83 -6.88
C LEU D 81 2.24 24.90 -6.53
N ASP D 82 2.22 25.27 -5.25
CA ASP D 82 1.26 26.26 -4.78
C ASP D 82 1.63 27.65 -5.26
N HIS D 83 0.67 28.35 -5.85
CA HIS D 83 0.83 29.75 -6.23
C HIS D 83 0.28 30.64 -5.12
N LEU D 84 0.97 31.75 -4.88
CA LEU D 84 0.74 32.56 -3.69
C LEU D 84 0.26 33.96 -4.08
N GLN D 85 -0.52 34.56 -3.18
CA GLN D 85 -1.02 35.90 -3.40
C GLN D 85 0.11 36.92 -3.34
N MET D 86 0.14 37.81 -4.33
CA MET D 86 1.17 38.85 -4.40
C MET D 86 0.55 40.14 -4.91
N ILE D 87 0.78 41.23 -4.17
CA ILE D 87 0.19 42.52 -4.47
C ILE D 87 1.29 43.56 -4.57
N LEU D 88 0.97 44.66 -5.24
CA LEU D 88 1.84 45.83 -5.30
C LEU D 88 1.33 46.83 -4.27
N ASP D 89 2.13 47.07 -3.23
CA ASP D 89 1.68 47.88 -2.11
C ASP D 89 1.66 49.36 -2.48
N ASN D 90 1.21 50.19 -1.53
CA ASN D 90 1.14 51.63 -1.76
C ASN D 90 2.53 52.20 -2.06
N ASN D 91 3.53 51.79 -1.29
CA ASN D 91 4.89 52.31 -1.44
C ASN D 91 5.67 51.61 -2.54
N GLY D 92 4.99 50.98 -3.49
CA GLY D 92 5.67 50.38 -4.63
C GLY D 92 6.45 49.12 -4.36
N LYS D 93 6.21 48.46 -3.23
CA LYS D 93 6.88 47.21 -2.90
C LYS D 93 5.91 46.05 -3.01
N LEU D 94 6.42 44.91 -3.47
CA LEU D 94 5.58 43.72 -3.63
C LEU D 94 5.46 42.98 -2.29
N ALA D 95 4.24 42.59 -1.95
CA ALA D 95 3.96 41.85 -0.73
C ALA D 95 3.40 40.48 -1.09
N VAL D 96 3.89 39.45 -0.41
CA VAL D 96 3.47 38.08 -0.63
C VAL D 96 2.84 37.54 0.64
N ASP D 97 1.72 36.84 0.50
CA ASP D 97 1.03 36.17 1.61
C ASP D 97 1.03 34.68 1.32
N THR D 98 1.91 33.94 1.99
CA THR D 98 2.00 32.50 1.77
C THR D 98 0.79 31.75 2.30
N SER D 99 0.03 32.36 3.21
CA SER D 99 -1.17 31.74 3.74
C SER D 99 -2.34 31.79 2.78
N VAL D 100 -2.25 32.57 1.71
CA VAL D 100 -3.32 32.71 0.73
C VAL D 100 -2.80 32.12 -0.58
N LYS D 101 -3.28 30.92 -0.91
CA LYS D 101 -2.93 30.29 -2.17
C LYS D 101 -3.91 30.72 -3.26
N VAL D 102 -3.39 30.92 -4.46
CA VAL D 102 -4.17 31.48 -5.57
C VAL D 102 -4.14 30.48 -6.70
N PRO D 103 -5.09 30.56 -7.63
CA PRO D 103 -5.09 29.65 -8.78
C PRO D 103 -3.80 29.73 -9.58
N LEU D 104 -3.58 28.68 -10.38
CA LEU D 104 -2.30 28.52 -11.09
C LEU D 104 -2.03 29.67 -12.05
N GLU D 105 -3.06 30.13 -12.76
CA GLU D 105 -2.91 31.09 -13.84
C GLU D 105 -2.82 32.54 -13.35
N THR D 106 -2.76 32.77 -12.04
CA THR D 106 -2.73 34.13 -11.52
C THR D 106 -1.42 34.81 -11.88
N GLU D 107 -1.52 36.10 -12.23
CA GLU D 107 -0.34 36.89 -12.56
C GLU D 107 -0.60 38.34 -12.16
N LEU D 108 0.48 39.08 -11.89
CA LEU D 108 0.40 40.48 -11.52
C LEU D 108 1.18 41.30 -12.54
N ILE D 109 0.49 42.19 -13.24
CA ILE D 109 1.08 43.03 -14.26
C ILE D 109 1.53 44.35 -13.62
N VAL D 110 2.64 44.89 -14.12
CA VAL D 110 3.11 46.20 -13.66
C VAL D 110 3.27 47.15 -14.85
N SER E 1 22.45 -10.18 -24.18
CA SER E 1 21.63 -10.94 -25.11
C SER E 1 20.15 -10.63 -24.91
N PRO E 2 19.39 -10.52 -25.99
CA PRO E 2 17.97 -10.21 -25.88
C PRO E 2 17.14 -11.40 -25.44
N ARG E 3 17.60 -12.60 -25.75
CA ARG E 3 16.92 -13.84 -25.40
C ARG E 3 17.54 -14.43 -24.13
N PHE E 4 16.70 -14.76 -23.16
CA PHE E 4 17.18 -15.25 -21.88
C PHE E 4 16.06 -16.04 -21.20
N PHE E 5 16.46 -16.78 -20.16
CA PHE E 5 15.53 -17.59 -19.38
C PHE E 5 14.94 -16.76 -18.25
N VAL E 6 13.75 -17.17 -17.81
CA VAL E 6 12.95 -16.39 -16.87
C VAL E 6 12.60 -17.24 -15.65
N GLY E 7 12.45 -18.54 -15.88
CA GLY E 7 12.19 -19.51 -14.83
C GLY E 7 11.09 -20.47 -15.22
N GLU E 8 10.76 -21.35 -14.29
CA GLU E 8 9.69 -22.31 -14.54
C GLU E 8 8.33 -21.69 -14.24
N PRO E 9 7.29 -22.15 -14.95
CA PRO E 9 5.93 -21.61 -14.68
C PRO E 9 5.49 -21.76 -13.24
N LYS E 10 6.07 -22.69 -12.48
CA LYS E 10 5.72 -22.83 -11.07
C LYS E 10 6.17 -21.64 -10.24
N GLN E 11 7.10 -20.83 -10.75
CA GLN E 11 7.66 -19.71 -10.01
C GLN E 11 6.83 -18.44 -10.14
N PHE E 12 5.67 -18.49 -10.79
CA PHE E 12 4.85 -17.31 -11.03
C PHE E 12 3.45 -17.52 -10.48
N PRO E 13 2.97 -16.67 -9.59
CA PRO E 13 1.63 -16.87 -9.02
C PRO E 13 0.54 -16.60 -10.04
N VAL E 14 -0.62 -17.18 -9.78
CA VAL E 14 -1.78 -16.96 -10.64
C VAL E 14 -2.30 -15.54 -10.44
N GLY E 15 -2.55 -14.84 -11.54
CA GLY E 15 -3.01 -13.46 -11.47
C GLY E 15 -1.97 -12.50 -10.94
N SER E 16 -0.72 -12.66 -11.37
CA SER E 16 0.38 -11.85 -10.86
C SER E 16 1.04 -11.06 -11.98
N VAL E 17 1.67 -9.95 -11.59
CA VAL E 17 2.53 -9.17 -12.48
C VAL E 17 3.90 -9.15 -11.81
N THR E 18 4.87 -9.80 -12.44
CA THR E 18 6.19 -9.99 -11.87
C THR E 18 7.19 -9.09 -12.59
N THR E 19 8.00 -8.36 -11.82
CA THR E 19 8.96 -7.42 -12.36
C THR E 19 10.36 -8.03 -12.33
N LEU E 20 10.99 -8.10 -13.50
CA LEU E 20 12.39 -8.50 -13.62
C LEU E 20 13.16 -7.22 -13.98
N LYS E 21 13.60 -6.51 -12.94
CA LYS E 21 14.13 -5.16 -13.13
C LYS E 21 15.38 -5.17 -14.00
N SER E 22 16.32 -6.08 -13.71
CA SER E 22 17.56 -6.12 -14.47
C SER E 22 17.34 -6.52 -15.91
N ARG E 23 16.31 -7.32 -16.18
CA ARG E 23 16.02 -7.77 -17.54
C ARG E 23 15.04 -6.85 -18.26
N LYS E 24 14.50 -5.83 -17.57
CA LYS E 24 13.67 -4.80 -18.19
C LYS E 24 12.41 -5.37 -18.82
N ILE E 25 11.80 -6.35 -18.17
CA ILE E 25 10.55 -6.94 -18.65
C ILE E 25 9.62 -7.19 -17.47
N PHE E 26 8.33 -7.29 -17.77
CA PHE E 26 7.33 -7.83 -16.87
C PHE E 26 6.89 -9.20 -17.37
N VAL E 27 6.56 -10.08 -16.42
CA VAL E 27 5.98 -11.39 -16.74
C VAL E 27 4.60 -11.45 -16.10
N VAL E 28 3.56 -11.43 -16.92
CA VAL E 28 2.18 -11.41 -16.45
C VAL E 28 1.60 -12.81 -16.63
N ARG E 29 1.08 -13.37 -15.55
CA ARG E 29 0.41 -14.67 -15.58
C ARG E 29 -1.03 -14.51 -15.17
N ASP E 30 -1.95 -14.82 -16.08
CA ASP E 30 -3.37 -14.92 -15.79
C ASP E 30 -3.79 -16.36 -15.99
N ALA E 31 -4.22 -17.03 -14.91
CA ALA E 31 -4.50 -18.46 -14.92
C ALA E 31 -3.27 -19.23 -15.40
N ASP E 32 -3.37 -19.88 -16.55
CA ASP E 32 -2.26 -20.61 -17.14
C ASP E 32 -1.66 -19.87 -18.34
N SER E 33 -2.01 -18.62 -18.55
CA SER E 33 -1.53 -17.84 -19.69
C SER E 33 -0.40 -16.93 -19.23
N PHE E 34 0.68 -16.90 -20.01
CA PHE E 34 1.85 -16.08 -19.72
C PHE E 34 2.06 -15.06 -20.84
N LYS E 35 2.41 -13.84 -20.45
CA LYS E 35 2.76 -12.78 -21.38
C LYS E 35 3.96 -12.02 -20.85
N ALA E 36 4.74 -11.45 -21.75
CA ALA E 36 5.89 -10.63 -21.42
C ALA E 36 5.66 -9.21 -21.92
N ILE E 37 5.80 -8.23 -21.02
CA ILE E 37 5.58 -6.83 -21.34
C ILE E 37 6.88 -6.08 -21.07
N SER E 38 7.30 -5.26 -22.03
CA SER E 38 8.51 -4.46 -21.87
C SER E 38 8.26 -3.29 -20.94
N VAL E 39 9.31 -2.92 -20.18
CA VAL E 39 9.23 -1.80 -19.26
C VAL E 39 9.54 -0.46 -19.92
N VAL E 40 9.97 -0.47 -21.18
CA VAL E 40 10.39 0.76 -21.84
C VAL E 40 9.16 1.58 -22.16
N CYS E 41 9.07 2.77 -21.56
CA CYS E 41 7.95 3.66 -21.83
C CYS E 41 7.99 4.13 -23.28
N THR E 42 6.84 4.06 -23.94
CA THR E 42 6.75 4.46 -25.35
C THR E 42 6.86 5.96 -25.55
N HIS E 43 6.96 6.75 -24.48
CA HIS E 43 7.15 8.19 -24.61
C HIS E 43 8.58 8.51 -25.01
N LEU E 44 9.50 8.45 -24.06
CA LEU E 44 10.90 8.76 -24.32
C LEU E 44 11.87 7.68 -23.86
N GLY E 45 11.36 6.56 -23.34
CA GLY E 45 12.18 5.39 -23.09
C GLY E 45 12.51 5.10 -21.64
N CYS E 46 11.89 5.78 -20.68
CA CYS E 46 12.15 5.48 -19.29
C CYS E 46 11.53 4.14 -18.92
N ALA E 47 12.00 3.58 -17.79
CA ALA E 47 11.50 2.30 -17.33
C ALA E 47 10.24 2.51 -16.50
N VAL E 48 9.13 1.93 -16.95
CA VAL E 48 7.89 2.04 -16.20
C VAL E 48 7.90 1.06 -15.02
N GLU E 49 7.05 1.34 -14.03
CA GLU E 49 6.94 0.52 -12.84
C GLU E 49 5.48 0.12 -12.66
N PHE E 50 5.26 -1.10 -12.18
CA PHE E 50 3.90 -1.59 -11.95
C PHE E 50 3.47 -1.25 -10.53
N SER E 51 2.30 -0.61 -10.41
CA SER E 51 1.72 -0.28 -9.11
C SER E 51 0.70 -1.36 -8.76
N LYS E 52 1.06 -2.22 -7.79
CA LYS E 52 0.14 -3.28 -7.38
C LYS E 52 -1.14 -2.72 -6.79
N GLU E 53 -1.06 -1.57 -6.11
CA GLU E 53 -2.24 -1.00 -5.48
C GLU E 53 -3.24 -0.51 -6.52
N LYS E 54 -2.76 0.21 -7.54
CA LYS E 54 -3.62 0.79 -8.55
C LYS E 54 -3.79 -0.09 -9.78
N ASN E 55 -3.08 -1.22 -9.84
CA ASN E 55 -3.22 -2.18 -10.94
C ASN E 55 -2.91 -1.54 -12.28
N ILE E 56 -1.95 -0.62 -12.31
CA ILE E 56 -1.57 0.09 -13.52
C ILE E 56 -0.05 0.20 -13.57
N PHE E 57 0.45 0.52 -14.77
CA PHE E 57 1.86 0.82 -14.97
C PHE E 57 2.05 2.34 -14.97
N GLU E 58 3.09 2.79 -14.29
CA GLU E 58 3.40 4.21 -14.15
C GLU E 58 4.80 4.49 -14.66
N CYS E 59 4.95 5.55 -15.44
CA CYS E 59 6.29 5.99 -15.77
C CYS E 59 6.64 7.21 -14.94
N PRO E 60 7.77 7.21 -14.22
CA PRO E 60 8.10 8.33 -13.35
C PRO E 60 8.62 9.56 -14.09
N CYS E 61 8.93 9.45 -15.38
CA CYS E 61 9.59 10.55 -16.08
C CYS E 61 8.61 11.65 -16.47
N HIS E 62 7.46 11.29 -17.05
CA HIS E 62 6.48 12.31 -17.41
C HIS E 62 5.05 11.89 -17.06
N GLY E 63 4.88 10.95 -16.14
CA GLY E 63 3.57 10.64 -15.61
C GLY E 63 2.65 9.85 -16.51
N SER E 64 3.19 9.10 -17.48
CA SER E 64 2.35 8.26 -18.32
C SER E 64 1.79 7.09 -17.51
N LYS E 65 0.55 6.72 -17.82
CA LYS E 65 -0.12 5.62 -17.14
C LYS E 65 -0.61 4.61 -18.17
N TYR E 66 -0.46 3.33 -17.84
CA TYR E 66 -0.89 2.23 -18.68
C TYR E 66 -1.77 1.29 -17.88
N TYR E 67 -2.76 0.69 -18.54
CA TYR E 67 -3.56 -0.34 -17.89
C TYR E 67 -2.72 -1.60 -17.70
N ARG E 68 -3.31 -2.59 -17.02
CA ARG E 68 -2.61 -3.84 -16.75
C ARG E 68 -2.22 -4.55 -18.04
N ASN E 69 -3.06 -4.46 -19.07
CA ASN E 69 -2.74 -5.06 -20.36
C ASN E 69 -1.65 -4.30 -21.12
N GLY E 70 -1.30 -3.09 -20.66
CA GLY E 70 -0.22 -2.34 -21.24
C GLY E 70 -0.63 -1.17 -22.11
N VAL E 71 -1.92 -1.03 -22.40
CA VAL E 71 -2.35 0.08 -23.24
C VAL E 71 -2.31 1.38 -22.45
N ASN E 72 -1.86 2.44 -23.10
CA ASN E 72 -1.74 3.74 -22.44
C ASN E 72 -3.10 4.42 -22.38
N PHE E 73 -3.36 5.12 -21.28
CA PHE E 73 -4.57 5.91 -21.15
C PHE E 73 -4.34 7.32 -20.63
N ALA E 74 -3.20 7.60 -19.99
CA ALA E 74 -2.90 8.93 -19.50
C ALA E 74 -1.43 9.24 -19.72
N GLY E 75 -1.12 10.52 -19.89
CA GLY E 75 0.25 10.95 -20.06
C GLY E 75 0.66 11.04 -21.51
N PRO E 76 1.91 11.50 -21.74
CA PRO E 76 2.39 11.70 -23.12
C PRO E 76 2.72 10.42 -23.87
N ALA E 77 2.46 9.25 -23.30
CA ALA E 77 2.73 7.99 -23.97
C ALA E 77 1.85 7.88 -25.21
N PRO E 78 2.42 7.67 -26.40
CA PRO E 78 1.59 7.67 -27.62
C PRO E 78 1.01 6.33 -28.00
N ARG E 79 1.54 5.24 -27.43
CA ARG E 79 1.14 3.90 -27.85
C ARG E 79 1.33 2.95 -26.68
N PRO E 80 0.67 1.79 -26.71
CA PRO E 80 0.78 0.84 -25.60
C PRO E 80 2.19 0.29 -25.45
N LEU E 81 2.45 -0.26 -24.27
CA LEU E 81 3.73 -0.92 -24.00
C LEU E 81 3.89 -2.13 -24.92
N ASP E 82 5.14 -2.44 -25.25
CA ASP E 82 5.45 -3.54 -26.14
C ASP E 82 5.30 -4.88 -25.41
N HIS E 83 4.64 -5.83 -26.07
CA HIS E 83 4.65 -7.21 -25.63
C HIS E 83 5.77 -7.96 -26.34
N LEU E 84 6.40 -8.89 -25.63
CA LEU E 84 7.61 -9.54 -26.10
C LEU E 84 7.39 -11.02 -26.32
N GLN E 85 8.22 -11.59 -27.19
CA GLN E 85 8.15 -13.02 -27.48
C GLN E 85 8.48 -13.83 -26.24
N MET E 86 7.64 -14.84 -25.96
CA MET E 86 7.79 -15.68 -24.77
C MET E 86 7.52 -17.11 -25.17
N ILE E 87 8.50 -17.98 -24.98
CA ILE E 87 8.42 -19.37 -25.40
C ILE E 87 8.74 -20.28 -24.21
N LEU E 88 8.12 -21.46 -24.21
CA LEU E 88 8.37 -22.47 -23.20
C LEU E 88 9.39 -23.47 -23.75
N ASP E 89 10.56 -23.52 -23.12
CA ASP E 89 11.61 -24.42 -23.57
C ASP E 89 11.27 -25.86 -23.19
N ASN E 90 11.76 -26.81 -24.00
CA ASN E 90 11.42 -28.21 -23.80
C ASN E 90 12.00 -28.78 -22.52
N ASN E 91 12.93 -28.08 -21.86
CA ASN E 91 13.38 -28.45 -20.53
C ASN E 91 12.56 -27.78 -19.44
N GLY E 92 11.38 -27.26 -19.77
CA GLY E 92 10.47 -26.72 -18.80
C GLY E 92 10.76 -25.31 -18.34
N LYS E 93 11.57 -24.56 -19.06
CA LYS E 93 11.96 -23.21 -18.67
C LYS E 93 11.32 -22.19 -19.59
N LEU E 94 10.89 -21.06 -19.01
CA LEU E 94 10.31 -19.98 -19.80
C LEU E 94 11.40 -19.08 -20.33
N ALA E 95 11.31 -18.71 -21.61
CA ALA E 95 12.29 -17.87 -22.27
C ALA E 95 11.61 -16.65 -22.88
N VAL E 96 12.26 -15.50 -22.75
CA VAL E 96 11.79 -14.25 -23.31
C VAL E 96 12.85 -13.70 -24.24
N ASP E 97 12.43 -13.22 -25.42
CA ASP E 97 13.31 -12.58 -26.38
C ASP E 97 12.94 -11.11 -26.45
N THR E 98 13.79 -10.26 -25.88
CA THR E 98 13.52 -8.82 -25.87
C THR E 98 13.47 -8.24 -27.28
N SER E 99 14.23 -8.79 -28.21
CA SER E 99 14.33 -8.23 -29.55
C SER E 99 13.11 -8.53 -30.43
N VAL E 100 12.24 -9.44 -30.01
CA VAL E 100 11.10 -9.86 -30.82
C VAL E 100 9.83 -9.39 -30.13
N LYS E 101 9.18 -8.38 -30.72
CA LYS E 101 7.95 -7.84 -30.17
C LYS E 101 6.75 -8.52 -30.80
N VAL E 102 5.75 -8.80 -29.97
CA VAL E 102 4.57 -9.56 -30.40
C VAL E 102 3.33 -8.77 -30.03
N PRO E 103 2.19 -9.07 -30.68
CA PRO E 103 0.96 -8.34 -30.37
C PRO E 103 0.52 -8.57 -28.93
N LEU E 104 -0.28 -7.62 -28.44
CA LEU E 104 -0.82 -7.71 -27.09
C LEU E 104 -1.67 -8.97 -26.90
N GLU E 105 -2.31 -9.43 -27.96
CA GLU E 105 -3.22 -10.58 -27.87
C GLU E 105 -2.49 -11.92 -27.88
N THR E 106 -1.20 -11.93 -28.17
CA THR E 106 -0.42 -13.17 -28.11
C THR E 106 -0.27 -13.63 -26.66
N GLU E 107 -0.46 -14.92 -26.44
CA GLU E 107 -0.32 -15.50 -25.10
C GLU E 107 0.26 -16.90 -25.21
N LEU E 108 0.94 -17.32 -24.14
CA LEU E 108 1.56 -18.65 -24.04
C LEU E 108 0.89 -19.40 -22.90
N ILE E 109 0.13 -20.44 -23.23
CA ILE E 109 -0.63 -21.21 -22.26
C ILE E 109 0.14 -22.47 -21.89
N VAL E 110 0.16 -22.79 -20.60
CA VAL E 110 0.84 -23.97 -20.12
C VAL E 110 -0.13 -24.88 -19.38
N SER F 1 -35.15 -5.76 -2.40
CA SER F 1 -34.02 -5.98 -1.51
C SER F 1 -32.87 -6.77 -2.17
N PRO F 2 -33.15 -7.95 -2.75
CA PRO F 2 -32.07 -8.66 -3.45
C PRO F 2 -31.72 -8.01 -4.78
N ARG F 3 -32.69 -7.38 -5.44
CA ARG F 3 -32.45 -6.64 -6.67
C ARG F 3 -32.26 -5.17 -6.33
N PHE F 4 -31.16 -4.59 -6.83
CA PHE F 4 -30.89 -3.17 -6.63
C PHE F 4 -29.89 -2.71 -7.68
N PHE F 5 -29.84 -1.41 -7.88
CA PHE F 5 -28.93 -0.80 -8.84
C PHE F 5 -27.57 -0.52 -8.18
N VAL F 6 -26.53 -0.47 -9.02
CA VAL F 6 -25.18 -0.25 -8.53
C VAL F 6 -24.55 0.92 -9.28
N GLY F 7 -25.20 1.36 -10.35
CA GLY F 7 -24.77 2.50 -11.11
C GLY F 7 -24.61 2.16 -12.58
N GLU F 8 -24.16 3.18 -13.34
CA GLU F 8 -23.93 3.04 -14.76
C GLU F 8 -22.54 2.46 -15.02
N PRO F 9 -22.35 1.80 -16.18
CA PRO F 9 -21.03 1.24 -16.48
C PRO F 9 -19.91 2.27 -16.50
N LYS F 10 -20.22 3.53 -16.75
CA LYS F 10 -19.19 4.57 -16.79
C LYS F 10 -18.62 4.88 -15.40
N GLN F 11 -19.26 4.42 -14.34
CA GLN F 11 -18.82 4.69 -12.98
C GLN F 11 -17.81 3.67 -12.46
N PHE F 12 -17.37 2.72 -13.29
CA PHE F 12 -16.48 1.66 -12.85
C PHE F 12 -15.23 1.65 -13.73
N PRO F 13 -14.04 1.75 -13.14
CA PRO F 13 -12.82 1.80 -13.96
C PRO F 13 -12.52 0.46 -14.61
N VAL F 14 -11.73 0.51 -15.68
CA VAL F 14 -11.28 -0.71 -16.35
C VAL F 14 -10.26 -1.42 -15.46
N GLY F 15 -10.46 -2.72 -15.28
CA GLY F 15 -9.57 -3.48 -14.42
C GLY F 15 -9.69 -3.14 -12.96
N SER F 16 -10.91 -2.92 -12.47
CA SER F 16 -11.14 -2.49 -11.10
C SER F 16 -12.00 -3.50 -10.36
N VAL F 17 -11.85 -3.52 -9.04
CA VAL F 17 -12.71 -4.28 -8.14
C VAL F 17 -13.30 -3.27 -7.16
N THR F 18 -14.61 -3.07 -7.25
CA THR F 18 -15.31 -2.07 -6.47
C THR F 18 -16.09 -2.75 -5.35
N THR F 19 -15.93 -2.27 -4.13
CA THR F 19 -16.55 -2.87 -2.96
C THR F 19 -17.79 -2.05 -2.57
N LEU F 20 -18.93 -2.72 -2.49
CA LEU F 20 -20.18 -2.10 -2.04
C LEU F 20 -20.54 -2.75 -0.71
N LYS F 21 -20.00 -2.20 0.38
CA LYS F 21 -20.19 -2.81 1.69
C LYS F 21 -21.65 -2.82 2.10
N SER F 22 -22.37 -1.73 1.84
CA SER F 22 -23.78 -1.66 2.22
C SER F 22 -24.63 -2.67 1.46
N ARG F 23 -24.13 -3.20 0.34
CA ARG F 23 -24.87 -4.16 -0.46
C ARG F 23 -24.21 -5.53 -0.50
N LYS F 24 -23.10 -5.72 0.20
CA LYS F 24 -22.50 -7.05 0.41
C LYS F 24 -22.09 -7.72 -0.91
N ILE F 25 -21.68 -6.93 -1.90
CA ILE F 25 -21.28 -7.46 -3.20
C ILE F 25 -20.06 -6.70 -3.71
N PHE F 26 -19.31 -7.36 -4.59
CA PHE F 26 -18.25 -6.74 -5.36
C PHE F 26 -18.71 -6.55 -6.81
N VAL F 27 -18.25 -5.47 -7.43
CA VAL F 27 -18.44 -5.25 -8.86
C VAL F 27 -17.06 -5.30 -9.51
N VAL F 28 -16.82 -6.32 -10.32
CA VAL F 28 -15.54 -6.53 -10.97
C VAL F 28 -15.70 -6.21 -12.45
N ARG F 29 -14.87 -5.30 -12.95
CA ARG F 29 -14.87 -4.92 -14.36
C ARG F 29 -13.50 -5.24 -14.96
N ASP F 30 -13.48 -6.14 -15.94
CA ASP F 30 -12.31 -6.40 -16.75
C ASP F 30 -12.65 -6.02 -18.18
N ALA F 31 -11.95 -5.00 -18.70
CA ALA F 31 -12.26 -4.41 -20.00
C ALA F 31 -13.72 -3.94 -20.03
N ASP F 32 -14.54 -4.60 -20.85
CA ASP F 32 -15.97 -4.32 -20.91
C ASP F 32 -16.81 -5.42 -20.28
N SER F 33 -16.20 -6.36 -19.58
CA SER F 33 -16.89 -7.45 -18.92
C SER F 33 -17.12 -7.10 -17.46
N PHE F 34 -18.37 -7.26 -17.00
CA PHE F 34 -18.76 -6.95 -15.63
C PHE F 34 -19.13 -8.24 -14.91
N LYS F 35 -18.73 -8.35 -13.64
CA LYS F 35 -19.05 -9.50 -12.82
C LYS F 35 -19.44 -9.05 -11.42
N ALA F 36 -20.36 -9.79 -10.81
CA ALA F 36 -20.80 -9.53 -9.44
C ALA F 36 -20.40 -10.73 -8.58
N ILE F 37 -19.66 -10.46 -7.50
CA ILE F 37 -19.17 -11.50 -6.60
C ILE F 37 -19.66 -11.18 -5.20
N SER F 38 -20.20 -12.18 -4.52
CA SER F 38 -20.68 -11.99 -3.16
C SER F 38 -19.51 -11.89 -2.19
N VAL F 39 -19.66 -11.03 -1.17
CA VAL F 39 -18.63 -10.88 -0.15
C VAL F 39 -18.74 -11.91 0.96
N VAL F 40 -19.78 -12.74 0.94
CA VAL F 40 -20.00 -13.70 2.02
C VAL F 40 -19.00 -14.84 1.90
N CYS F 41 -18.15 -14.99 2.90
CA CYS F 41 -17.18 -16.07 2.89
C CYS F 41 -17.87 -17.41 2.99
N THR F 42 -17.45 -18.36 2.17
CA THR F 42 -18.08 -19.68 2.14
C THR F 42 -17.70 -20.54 3.32
N HIS F 43 -16.86 -20.05 4.23
CA HIS F 43 -16.49 -20.81 5.42
C HIS F 43 -17.60 -20.73 6.46
N LEU F 44 -17.71 -19.60 7.16
CA LEU F 44 -18.71 -19.43 8.20
C LEU F 44 -19.54 -18.16 8.02
N GLY F 45 -19.35 -17.43 6.93
CA GLY F 45 -20.23 -16.34 6.56
C GLY F 45 -19.72 -14.94 6.80
N CYS F 46 -18.47 -14.76 7.17
CA CYS F 46 -17.94 -13.41 7.34
C CYS F 46 -17.82 -12.70 6.00
N ALA F 47 -17.70 -11.38 6.06
CA ALA F 47 -17.56 -10.56 4.87
C ALA F 47 -16.09 -10.49 4.47
N VAL F 48 -15.77 -10.97 3.26
CA VAL F 48 -14.40 -10.92 2.78
C VAL F 48 -14.08 -9.50 2.29
N GLU F 49 -12.80 -9.18 2.28
CA GLU F 49 -12.30 -7.90 1.81
C GLU F 49 -11.34 -8.13 0.65
N PHE F 50 -11.36 -7.24 -0.34
CA PHE F 50 -10.45 -7.33 -1.47
C PHE F 50 -9.19 -6.55 -1.18
N SER F 51 -8.04 -7.20 -1.39
CA SER F 51 -6.74 -6.58 -1.23
C SER F 51 -6.24 -6.13 -2.61
N LYS F 52 -6.25 -4.82 -2.85
CA LYS F 52 -5.81 -4.30 -4.13
C LYS F 52 -4.34 -4.61 -4.37
N GLU F 53 -3.52 -4.53 -3.30
CA GLU F 53 -2.09 -4.79 -3.43
C GLU F 53 -1.81 -6.24 -3.83
N LYS F 54 -2.49 -7.19 -3.20
CA LYS F 54 -2.24 -8.61 -3.46
C LYS F 54 -3.17 -9.20 -4.51
N ASN F 55 -4.16 -8.43 -4.98
CA ASN F 55 -5.07 -8.88 -6.04
C ASN F 55 -5.82 -10.14 -5.63
N ILE F 56 -6.15 -10.26 -4.35
CA ILE F 56 -6.86 -11.42 -3.82
C ILE F 56 -7.93 -10.95 -2.86
N PHE F 57 -8.85 -11.86 -2.54
CA PHE F 57 -9.85 -11.64 -1.51
C PHE F 57 -9.42 -12.31 -0.22
N GLU F 58 -9.60 -11.62 0.90
CA GLU F 58 -9.19 -12.11 2.20
C GLU F 58 -10.38 -12.11 3.15
N CYS F 59 -10.52 -13.18 3.91
CA CYS F 59 -11.50 -13.16 4.98
C CYS F 59 -10.79 -12.95 6.30
N PRO F 60 -11.17 -11.93 7.08
CA PRO F 60 -10.45 -11.65 8.33
C PRO F 60 -10.80 -12.60 9.47
N CYS F 61 -11.79 -13.46 9.31
CA CYS F 61 -12.25 -14.27 10.43
C CYS F 61 -11.38 -15.51 10.64
N HIS F 62 -11.05 -16.23 9.57
CA HIS F 62 -10.19 -17.40 9.72
C HIS F 62 -9.11 -17.48 8.64
N GLY F 63 -8.86 -16.38 7.93
CA GLY F 63 -7.71 -16.31 7.04
C GLY F 63 -7.87 -16.98 5.69
N SER F 64 -9.10 -17.18 5.22
CA SER F 64 -9.29 -17.74 3.88
C SER F 64 -8.89 -16.74 2.81
N LYS F 65 -8.32 -17.25 1.73
CA LYS F 65 -7.88 -16.43 0.62
C LYS F 65 -8.51 -16.92 -0.67
N TYR F 66 -8.94 -15.96 -1.51
CA TYR F 66 -9.55 -16.26 -2.80
C TYR F 66 -8.81 -15.49 -3.89
N TYR F 67 -8.74 -16.10 -5.08
CA TYR F 67 -8.22 -15.39 -6.23
C TYR F 67 -9.20 -14.30 -6.67
N ARG F 68 -8.77 -13.47 -7.63
CA ARG F 68 -9.61 -12.39 -8.11
C ARG F 68 -10.92 -12.90 -8.70
N ASN F 69 -10.90 -14.07 -9.34
CA ASN F 69 -12.12 -14.65 -9.89
C ASN F 69 -13.03 -15.22 -8.81
N GLY F 70 -12.57 -15.30 -7.56
CA GLY F 70 -13.37 -15.80 -6.47
C GLY F 70 -13.03 -17.22 -6.03
N VAL F 71 -12.14 -17.90 -6.75
CA VAL F 71 -11.79 -19.27 -6.38
C VAL F 71 -10.92 -19.27 -5.13
N ASN F 72 -11.31 -20.07 -4.15
CA ASN F 72 -10.53 -20.19 -2.93
C ASN F 72 -9.25 -21.00 -3.20
N PHE F 73 -8.17 -20.62 -2.53
CA PHE F 73 -6.94 -21.39 -2.60
C PHE F 73 -6.26 -21.61 -1.26
N ALA F 74 -6.61 -20.85 -0.22
CA ALA F 74 -6.03 -21.05 1.10
C ALA F 74 -7.10 -20.79 2.16
N GLY F 75 -6.93 -21.43 3.31
CA GLY F 75 -7.85 -21.28 4.41
C GLY F 75 -8.93 -22.32 4.42
N PRO F 76 -9.79 -22.28 5.46
CA PRO F 76 -10.85 -23.28 5.60
C PRO F 76 -12.02 -23.10 4.64
N ALA F 77 -11.96 -22.16 3.72
CA ALA F 77 -13.02 -21.96 2.75
C ALA F 77 -13.17 -23.19 1.86
N PRO F 78 -14.35 -23.81 1.79
CA PRO F 78 -14.48 -25.05 1.03
C PRO F 78 -14.76 -24.85 -0.45
N ARG F 79 -15.49 -23.78 -0.80
CA ARG F 79 -15.92 -23.54 -2.16
C ARG F 79 -15.66 -22.09 -2.52
N PRO F 80 -15.57 -21.77 -3.82
CA PRO F 80 -15.31 -20.39 -4.23
C PRO F 80 -16.44 -19.45 -3.86
N LEU F 81 -16.15 -18.15 -3.92
CA LEU F 81 -17.14 -17.14 -3.62
C LEU F 81 -18.29 -17.19 -4.62
N ASP F 82 -19.47 -16.79 -4.17
CA ASP F 82 -20.65 -16.81 -5.03
C ASP F 82 -20.58 -15.70 -6.06
N HIS F 83 -20.88 -16.04 -7.31
CA HIS F 83 -21.10 -15.05 -8.36
C HIS F 83 -22.59 -14.82 -8.53
N LEU F 84 -22.98 -13.56 -8.68
CA LEU F 84 -24.37 -13.16 -8.68
C LEU F 84 -24.77 -12.63 -10.05
N GLN F 85 -26.07 -12.61 -10.31
CA GLN F 85 -26.56 -12.20 -11.62
C GLN F 85 -26.51 -10.69 -11.74
N MET F 86 -26.07 -10.22 -12.90
CA MET F 86 -26.01 -8.80 -13.20
C MET F 86 -26.60 -8.56 -14.57
N ILE F 87 -27.57 -7.64 -14.64
CA ILE F 87 -28.24 -7.32 -15.88
C ILE F 87 -28.03 -5.85 -16.17
N LEU F 88 -28.07 -5.50 -17.45
CA LEU F 88 -27.98 -4.12 -17.89
C LEU F 88 -29.38 -3.65 -18.26
N ASP F 89 -29.94 -2.77 -17.43
CA ASP F 89 -31.27 -2.25 -17.69
C ASP F 89 -31.26 -1.36 -18.93
N ASN F 90 -32.37 -1.37 -19.66
CA ASN F 90 -32.45 -0.63 -20.91
C ASN F 90 -32.42 0.89 -20.72
N ASN F 91 -32.42 1.39 -19.49
CA ASN F 91 -32.17 2.80 -19.21
C ASN F 91 -30.75 3.06 -18.73
N GLY F 92 -29.82 2.15 -19.00
CA GLY F 92 -28.41 2.40 -18.74
C GLY F 92 -27.95 2.14 -17.33
N LYS F 93 -28.73 1.44 -16.52
CA LYS F 93 -28.38 1.14 -15.14
C LYS F 93 -28.06 -0.34 -14.98
N LEU F 94 -27.04 -0.63 -14.19
CA LEU F 94 -26.65 -2.00 -13.88
C LEU F 94 -27.38 -2.46 -12.63
N ALA F 95 -28.03 -3.62 -12.71
CA ALA F 95 -28.80 -4.19 -11.63
C ALA F 95 -28.26 -5.56 -11.26
N VAL F 96 -28.10 -5.81 -9.97
CA VAL F 96 -27.64 -7.11 -9.49
C VAL F 96 -28.74 -7.72 -8.64
N ASP F 97 -28.77 -9.05 -8.59
CA ASP F 97 -29.72 -9.80 -7.78
C ASP F 97 -28.92 -10.80 -6.95
N THR F 98 -28.75 -10.49 -5.66
CA THR F 98 -27.95 -11.33 -4.78
C THR F 98 -28.60 -12.69 -4.54
N SER F 99 -29.92 -12.80 -4.77
CA SER F 99 -30.62 -14.06 -4.57
C SER F 99 -30.42 -15.05 -5.71
N VAL F 100 -29.84 -14.61 -6.82
CA VAL F 100 -29.65 -15.46 -8.00
C VAL F 100 -28.16 -15.70 -8.15
N LYS F 101 -27.70 -16.89 -7.77
CA LYS F 101 -26.31 -17.27 -7.90
C LYS F 101 -26.06 -17.87 -9.28
N VAL F 102 -24.98 -17.44 -9.93
CA VAL F 102 -24.69 -17.79 -11.31
C VAL F 102 -23.30 -18.39 -11.37
N PRO F 103 -22.99 -19.22 -12.37
CA PRO F 103 -21.64 -19.76 -12.51
C PRO F 103 -20.57 -18.67 -12.53
N LEU F 104 -19.36 -19.05 -12.13
CA LEU F 104 -18.24 -18.11 -12.07
C LEU F 104 -17.88 -17.57 -13.44
N GLU F 105 -18.18 -18.32 -14.50
CA GLU F 105 -17.77 -17.96 -15.86
C GLU F 105 -18.75 -17.02 -16.54
N THR F 106 -19.93 -16.80 -15.96
CA THR F 106 -20.91 -15.90 -16.56
C THR F 106 -20.46 -14.45 -16.39
N GLU F 107 -20.64 -13.66 -17.45
CA GLU F 107 -20.22 -12.27 -17.44
C GLU F 107 -21.18 -11.45 -18.29
N LEU F 108 -21.24 -10.15 -17.99
CA LEU F 108 -22.10 -9.21 -18.69
C LEU F 108 -21.22 -8.21 -19.44
N ILE F 109 -21.25 -8.25 -20.77
CA ILE F 109 -20.42 -7.40 -21.60
C ILE F 109 -21.23 -6.18 -22.01
N VAL F 110 -20.58 -5.01 -21.98
CA VAL F 110 -21.22 -3.77 -22.37
C VAL F 110 -20.48 -3.12 -23.54
N SER G 1 24.02 -37.19 36.41
CA SER G 1 22.99 -36.17 36.37
C SER G 1 22.70 -35.75 34.93
N PRO G 2 21.41 -35.52 34.62
CA PRO G 2 21.07 -35.07 33.26
C PRO G 2 21.44 -33.63 33.00
N ARG G 3 21.43 -32.77 34.02
CA ARG G 3 21.75 -31.36 33.86
C ARG G 3 23.23 -31.13 34.18
N PHE G 4 23.91 -30.41 33.29
CA PHE G 4 25.33 -30.17 33.45
C PHE G 4 25.74 -29.01 32.57
N PHE G 5 26.90 -28.44 32.87
CA PHE G 5 27.49 -27.41 32.03
C PHE G 5 28.42 -28.04 30.99
N VAL G 6 28.54 -27.36 29.86
CA VAL G 6 29.37 -27.84 28.76
C VAL G 6 30.56 -26.94 28.45
N GLY G 7 30.51 -25.66 28.78
CA GLY G 7 31.60 -24.77 28.49
C GLY G 7 31.11 -23.40 28.04
N GLU G 8 32.02 -22.50 27.88
CA GLU G 8 31.63 -21.19 27.37
C GLU G 8 31.51 -21.27 25.84
N PRO G 9 30.68 -20.42 25.23
CA PRO G 9 30.54 -20.47 23.77
C PRO G 9 31.85 -20.28 23.03
N LYS G 10 32.88 -19.75 23.68
CA LYS G 10 34.14 -19.52 23.01
C LYS G 10 34.92 -20.80 22.76
N GLN G 11 34.64 -21.85 23.54
CA GLN G 11 35.31 -23.14 23.41
C GLN G 11 34.86 -23.95 22.20
N PHE G 12 33.95 -23.41 21.38
CA PHE G 12 33.39 -24.15 20.26
C PHE G 12 33.62 -23.38 18.97
N PRO G 13 34.39 -23.93 18.03
CA PRO G 13 34.63 -23.21 16.78
C PRO G 13 33.36 -23.05 15.96
N VAL G 14 33.34 -22.00 15.13
CA VAL G 14 32.21 -21.77 14.24
C VAL G 14 32.16 -22.85 13.17
N GLY G 15 30.98 -23.42 12.97
CA GLY G 15 30.82 -24.49 11.99
C GLY G 15 31.40 -25.81 12.42
N SER G 16 31.45 -26.07 13.72
CA SER G 16 32.06 -27.28 14.26
C SER G 16 31.00 -28.15 14.94
N VAL G 17 31.25 -29.45 14.91
CA VAL G 17 30.44 -30.44 15.62
C VAL G 17 31.36 -31.12 16.64
N THR G 18 31.10 -30.88 17.93
CA THR G 18 31.94 -31.39 19.00
C THR G 18 31.23 -32.54 19.69
N THR G 19 31.97 -33.63 19.89
CA THR G 19 31.41 -34.85 20.46
C THR G 19 31.82 -34.96 21.93
N LEU G 20 30.82 -35.07 22.80
CA LEU G 20 31.03 -35.25 24.24
C LEU G 20 30.58 -36.67 24.57
N LYS G 21 31.54 -37.61 24.57
CA LYS G 21 31.21 -39.03 24.70
C LYS G 21 30.56 -39.33 26.05
N SER G 22 31.15 -38.82 27.13
CA SER G 22 30.60 -39.08 28.45
C SER G 22 29.22 -38.48 28.63
N ARG G 23 29.01 -37.29 28.06
CA ARG G 23 27.72 -36.60 28.18
C ARG G 23 26.69 -37.09 27.19
N LYS G 24 27.08 -37.91 26.21
CA LYS G 24 26.15 -38.52 25.25
C LYS G 24 25.49 -37.48 24.34
N ILE G 25 26.20 -36.38 24.06
CA ILE G 25 25.65 -35.29 23.26
C ILE G 25 26.67 -34.81 22.23
N PHE G 26 26.14 -34.23 21.16
CA PHE G 26 26.90 -33.37 20.26
C PHE G 26 26.58 -31.91 20.57
N VAL G 27 27.55 -31.04 20.35
CA VAL G 27 27.35 -29.60 20.43
C VAL G 27 27.68 -29.03 19.05
N VAL G 28 26.65 -28.65 18.31
CA VAL G 28 26.79 -28.15 16.94
C VAL G 28 26.63 -26.65 16.96
N ARG G 29 27.66 -25.93 16.50
CA ARG G 29 27.62 -24.49 16.39
C ARG G 29 27.69 -24.10 14.91
N ASP G 30 26.65 -23.45 14.43
CA ASP G 30 26.63 -22.86 13.09
C ASP G 30 26.54 -21.36 13.25
N ALA G 31 27.57 -20.64 12.78
CA ALA G 31 27.71 -19.21 13.01
C ALA G 31 27.65 -18.92 14.50
N ASP G 32 26.58 -18.28 14.95
CA ASP G 32 26.37 -18.00 16.36
C ASP G 32 25.22 -18.82 16.94
N SER G 33 24.70 -19.79 16.18
CA SER G 33 23.59 -20.63 16.61
C SER G 33 24.12 -21.96 17.14
N PHE G 34 23.67 -22.34 18.32
CA PHE G 34 24.14 -23.53 19.01
C PHE G 34 23.01 -24.57 19.08
N LYS G 35 23.37 -25.84 18.92
CA LYS G 35 22.41 -26.93 19.05
C LYS G 35 23.04 -28.06 19.86
N ALA G 36 22.19 -28.76 20.62
CA ALA G 36 22.61 -29.92 21.39
C ALA G 36 21.86 -31.14 20.86
N ILE G 37 22.60 -32.09 20.30
CA ILE G 37 22.03 -33.28 19.68
C ILE G 37 22.56 -34.51 20.40
N SER G 38 21.66 -35.44 20.71
CA SER G 38 22.05 -36.66 21.39
C SER G 38 22.79 -37.61 20.43
N VAL G 39 23.77 -38.32 20.99
CA VAL G 39 24.53 -39.30 20.20
C VAL G 39 23.83 -40.63 20.08
N VAL G 40 22.72 -40.83 20.80
CA VAL G 40 22.02 -42.11 20.82
C VAL G 40 21.35 -42.33 19.47
N CYS G 41 21.69 -43.42 18.81
CA CYS G 41 21.00 -43.78 17.57
C CYS G 41 19.55 -44.13 17.87
N THR G 42 18.65 -43.60 17.07
CA THR G 42 17.22 -43.84 17.29
C THR G 42 16.79 -45.24 16.87
N HIS G 43 17.69 -46.05 16.33
CA HIS G 43 17.37 -47.43 15.96
C HIS G 43 17.24 -48.30 17.21
N LEU G 44 18.39 -48.67 17.79
CA LEU G 44 18.41 -49.47 19.00
C LEU G 44 19.27 -48.88 20.11
N GLY G 45 19.90 -47.73 19.88
CA GLY G 45 20.61 -47.03 20.94
C GLY G 45 22.11 -46.95 20.82
N CYS G 46 22.69 -47.32 19.67
CA CYS G 46 24.12 -47.20 19.50
C CYS G 46 24.54 -45.73 19.47
N ALA G 47 25.82 -45.50 19.69
CA ALA G 47 26.38 -44.15 19.69
C ALA G 47 26.73 -43.75 18.26
N VAL G 48 26.04 -42.73 17.76
CA VAL G 48 26.31 -42.21 16.43
C VAL G 48 27.57 -41.35 16.46
N GLU G 49 28.32 -41.38 15.36
CA GLU G 49 29.55 -40.62 15.23
C GLU G 49 29.43 -39.64 14.07
N PHE G 50 29.96 -38.43 14.26
CA PHE G 50 29.93 -37.43 13.21
C PHE G 50 31.21 -37.47 12.38
N SER G 51 31.05 -37.35 11.07
CA SER G 51 32.18 -37.26 10.15
C SER G 51 32.26 -35.83 9.62
N LYS G 52 33.42 -35.21 9.80
CA LYS G 52 33.61 -33.84 9.31
C LYS G 52 33.61 -33.80 7.79
N GLU G 53 34.26 -34.78 7.15
CA GLU G 53 34.33 -34.80 5.69
C GLU G 53 32.97 -35.10 5.06
N LYS G 54 32.22 -36.05 5.64
CA LYS G 54 30.92 -36.37 5.09
C LYS G 54 29.82 -35.45 5.57
N ASN G 55 30.06 -34.67 6.63
CA ASN G 55 29.10 -33.71 7.19
C ASN G 55 27.79 -34.39 7.56
N ILE G 56 27.86 -35.64 8.02
CA ILE G 56 26.67 -36.39 8.43
C ILE G 56 26.97 -37.15 9.70
N PHE G 57 25.92 -37.61 10.36
CA PHE G 57 26.02 -38.51 11.50
C PHE G 57 25.79 -39.94 11.01
N GLU G 58 26.69 -40.84 11.39
CA GLU G 58 26.67 -42.22 10.92
C GLU G 58 26.67 -43.17 12.10
N CYS G 59 25.79 -44.17 12.05
CA CYS G 59 25.77 -45.21 13.07
C CYS G 59 26.58 -46.41 12.59
N PRO G 60 27.64 -46.81 13.31
CA PRO G 60 28.42 -47.97 12.88
C PRO G 60 27.75 -49.31 13.14
N CYS G 61 26.61 -49.34 13.84
CA CYS G 61 25.98 -50.61 14.18
C CYS G 61 25.22 -51.19 12.99
N HIS G 62 24.35 -50.39 12.37
CA HIS G 62 23.52 -50.86 11.27
C HIS G 62 23.48 -49.87 10.10
N GLY G 63 24.41 -48.92 10.08
CA GLY G 63 24.54 -48.03 8.94
C GLY G 63 23.51 -46.93 8.83
N SER G 64 22.85 -46.56 9.93
CA SER G 64 21.94 -45.43 9.89
C SER G 64 22.71 -44.14 9.69
N LYS G 65 22.13 -43.21 8.94
CA LYS G 65 22.77 -41.94 8.62
C LYS G 65 21.81 -40.79 8.91
N TYR G 66 22.36 -39.70 9.42
CA TYR G 66 21.59 -38.52 9.77
C TYR G 66 22.26 -37.28 9.19
N TYR G 67 21.45 -36.33 8.72
CA TYR G 67 22.00 -35.05 8.30
C TYR G 67 22.47 -34.26 9.53
N ARG G 68 23.12 -33.12 9.27
CA ARG G 68 23.71 -32.34 10.35
C ARG G 68 22.66 -31.89 11.37
N ASN G 69 21.45 -31.60 10.92
CA ASN G 69 20.38 -31.24 11.84
C ASN G 69 19.82 -32.43 12.61
N GLY G 70 20.21 -33.65 12.23
CA GLY G 70 19.82 -34.84 12.95
C GLY G 70 18.73 -35.67 12.27
N VAL G 71 18.18 -35.21 11.15
CA VAL G 71 17.11 -35.94 10.51
C VAL G 71 17.67 -37.20 9.85
N ASN G 72 16.95 -38.31 10.00
CA ASN G 72 17.38 -39.57 9.43
C ASN G 72 17.05 -39.61 7.94
N PHE G 73 18.00 -40.10 7.15
CA PHE G 73 17.77 -40.28 5.72
C PHE G 73 18.25 -41.61 5.17
N ALA G 74 19.10 -42.35 5.89
CA ALA G 74 19.55 -43.66 5.46
C ALA G 74 19.56 -44.61 6.65
N GLY G 75 19.41 -45.90 6.35
CA GLY G 75 19.44 -46.92 7.37
C GLY G 75 18.09 -47.15 8.01
N PRO G 76 18.05 -48.05 9.00
CA PRO G 76 16.79 -48.39 9.67
C PRO G 76 16.32 -47.35 10.68
N ALA G 77 16.96 -46.19 10.77
CA ALA G 77 16.56 -45.16 11.73
C ALA G 77 15.17 -44.63 11.38
N PRO G 78 14.19 -44.73 12.28
CA PRO G 78 12.82 -44.31 11.94
C PRO G 78 12.48 -42.86 12.21
N ARG G 79 13.33 -42.10 12.92
CA ARG G 79 13.01 -40.73 13.28
C ARG G 79 14.32 -39.98 13.49
N PRO G 80 14.29 -38.65 13.50
CA PRO G 80 15.53 -37.88 13.68
C PRO G 80 16.09 -38.01 15.09
N LEU G 81 17.37 -37.64 15.21
CA LEU G 81 18.03 -37.65 16.51
C LEU G 81 17.39 -36.63 17.44
N ASP G 82 17.40 -36.95 18.73
CA ASP G 82 16.78 -36.09 19.73
C ASP G 82 17.62 -34.82 19.93
N HIS G 83 16.95 -33.67 19.87
CA HIS G 83 17.55 -32.41 20.25
C HIS G 83 17.27 -32.13 21.71
N LEU G 84 18.24 -31.53 22.40
CA LEU G 84 18.20 -31.39 23.84
C LEU G 84 18.19 -29.92 24.25
N GLN G 85 17.61 -29.66 25.41
CA GLN G 85 17.54 -28.30 25.94
C GLN G 85 18.94 -27.78 26.26
N MET G 86 19.25 -26.59 25.76
CA MET G 86 20.54 -25.96 26.03
C MET G 86 20.34 -24.47 26.26
N ILE G 87 20.85 -23.98 27.38
CA ILE G 87 20.73 -22.58 27.76
C ILE G 87 22.12 -22.04 28.10
N LEU G 88 22.23 -20.72 28.09
CA LEU G 88 23.43 -20.03 28.55
C LEU G 88 23.18 -19.51 29.97
N ASP G 89 23.96 -20.02 30.92
CA ASP G 89 23.75 -19.68 32.31
C ASP G 89 24.14 -18.23 32.58
N ASN G 90 23.80 -17.76 33.78
CA ASN G 90 24.01 -16.36 34.14
C ASN G 90 25.48 -15.96 34.07
N ASN G 91 26.39 -16.92 34.23
CA ASN G 91 27.82 -16.64 34.26
C ASN G 91 28.51 -16.97 32.94
N GLY G 92 27.77 -16.99 31.84
CA GLY G 92 28.38 -17.18 30.53
C GLY G 92 28.74 -18.60 30.17
N LYS G 93 28.23 -19.59 30.91
CA LYS G 93 28.48 -20.99 30.63
C LYS G 93 27.24 -21.61 30.00
N LEU G 94 27.47 -22.51 29.03
CA LEU G 94 26.37 -23.22 28.39
C LEU G 94 25.96 -24.42 29.24
N ALA G 95 24.66 -24.60 29.42
CA ALA G 95 24.11 -25.69 30.21
C ALA G 95 23.19 -26.54 29.34
N VAL G 96 23.33 -27.86 29.46
CA VAL G 96 22.56 -28.82 28.67
C VAL G 96 21.79 -29.73 29.63
N ASP G 97 20.54 -30.02 29.27
CA ASP G 97 19.67 -30.88 30.05
C ASP G 97 19.24 -32.03 29.14
N THR G 98 19.84 -33.20 29.32
CA THR G 98 19.48 -34.35 28.49
C THR G 98 18.09 -34.88 28.79
N SER G 99 17.51 -34.50 29.93
CA SER G 99 16.17 -34.97 30.30
C SER G 99 15.06 -34.17 29.64
N VAL G 100 15.38 -33.07 28.97
CA VAL G 100 14.40 -32.19 28.36
C VAL G 100 14.59 -32.28 26.85
N LYS G 101 13.70 -33.01 26.19
CA LYS G 101 13.70 -33.06 24.72
C LYS G 101 13.07 -31.79 24.18
N VAL G 102 13.65 -31.28 23.10
CA VAL G 102 13.16 -30.06 22.46
C VAL G 102 12.92 -30.34 20.99
N PRO G 103 12.05 -29.55 20.34
CA PRO G 103 11.85 -29.72 18.89
C PRO G 103 13.16 -29.57 18.13
N LEU G 104 13.21 -30.21 16.97
CA LEU G 104 14.44 -30.24 16.17
C LEU G 104 14.88 -28.84 15.76
N GLU G 105 13.93 -27.93 15.58
CA GLU G 105 14.25 -26.59 15.09
C GLU G 105 14.82 -25.67 16.16
N THR G 106 14.89 -26.12 17.42
CA THR G 106 15.37 -25.28 18.49
C THR G 106 16.82 -24.89 18.28
N GLU G 107 17.13 -23.62 18.55
CA GLU G 107 18.49 -23.13 18.43
C GLU G 107 18.73 -22.07 19.48
N LEU G 108 20.00 -21.91 19.86
CA LEU G 108 20.42 -20.94 20.88
C LEU G 108 21.48 -20.04 20.25
N ILE G 109 21.14 -18.76 20.07
CA ILE G 109 22.02 -17.79 19.43
C ILE G 109 22.74 -17.00 20.50
N VAL G 110 24.05 -16.81 20.31
CA VAL G 110 24.85 -15.99 21.22
C VAL G 110 25.64 -14.95 20.43
N SER H 1 -6.61 54.84 -6.81
CA SER H 1 -7.99 55.11 -7.18
C SER H 1 -8.80 53.84 -7.50
N PRO H 2 -8.29 52.94 -8.37
CA PRO H 2 -9.01 51.68 -8.58
C PRO H 2 -8.92 50.74 -7.39
N ARG H 3 -7.89 50.87 -6.56
CA ARG H 3 -7.82 50.14 -5.30
C ARG H 3 -8.66 50.86 -4.25
N PHE H 4 -9.43 50.10 -3.48
CA PHE H 4 -10.27 50.71 -2.46
C PHE H 4 -10.65 49.65 -1.45
N PHE H 5 -11.09 50.09 -0.28
CA PHE H 5 -11.57 49.19 0.74
C PHE H 5 -13.09 49.07 0.66
N VAL H 6 -13.60 47.90 1.04
CA VAL H 6 -15.02 47.61 0.94
C VAL H 6 -15.68 47.42 2.30
N GLY H 7 -14.94 47.06 3.34
CA GLY H 7 -15.53 46.82 4.63
C GLY H 7 -14.98 45.58 5.28
N GLU H 8 -15.39 45.29 6.50
CA GLU H 8 -14.93 44.09 7.17
C GLU H 8 -15.76 42.89 6.73
N PRO H 9 -15.20 41.68 6.79
CA PRO H 9 -15.98 40.49 6.42
C PRO H 9 -17.25 40.33 7.21
N LYS H 10 -17.36 41.00 8.37
CA LYS H 10 -18.55 40.88 9.19
C LYS H 10 -19.74 41.60 8.59
N GLN H 11 -19.51 42.57 7.70
CA GLN H 11 -20.56 43.35 7.07
C GLN H 11 -21.20 42.64 5.89
N PHE H 12 -20.86 41.39 5.64
CA PHE H 12 -21.39 40.64 4.50
C PHE H 12 -22.00 39.34 4.98
N PRO H 13 -23.31 39.13 4.81
CA PRO H 13 -23.93 37.88 5.26
C PRO H 13 -23.42 36.69 4.48
N VAL H 14 -23.47 35.52 5.11
CA VAL H 14 -23.06 34.29 4.45
C VAL H 14 -24.07 33.95 3.35
N GLY H 15 -23.56 33.60 2.18
CA GLY H 15 -24.43 33.31 1.05
C GLY H 15 -25.12 34.52 0.47
N SER H 16 -24.47 35.69 0.52
CA SER H 16 -25.06 36.93 0.04
C SER H 16 -24.25 37.49 -1.12
N VAL H 17 -24.94 38.17 -2.03
CA VAL H 17 -24.34 38.90 -3.13
C VAL H 17 -24.68 40.37 -2.94
N THR H 18 -23.67 41.17 -2.63
CA THR H 18 -23.85 42.60 -2.34
C THR H 18 -23.37 43.42 -3.52
N THR H 19 -24.22 44.36 -3.96
CA THR H 19 -23.93 45.18 -5.13
C THR H 19 -23.35 46.52 -4.68
N LEU H 20 -22.16 46.84 -5.16
CA LEU H 20 -21.49 48.11 -4.89
C LEU H 20 -21.50 48.92 -6.18
N LYS H 21 -22.62 49.62 -6.42
CA LYS H 21 -22.84 50.26 -7.71
C LYS H 21 -21.78 51.33 -7.98
N SER H 22 -21.52 52.19 -7.00
CA SER H 22 -20.50 53.23 -7.18
C SER H 22 -19.12 52.63 -7.39
N ARG H 23 -18.86 51.45 -6.84
CA ARG H 23 -17.62 50.73 -7.07
C ARG H 23 -17.69 49.80 -8.27
N LYS H 24 -18.86 49.68 -8.90
CA LYS H 24 -19.10 48.80 -10.06
C LYS H 24 -18.55 47.40 -9.84
N ILE H 25 -18.78 46.85 -8.64
CA ILE H 25 -18.34 45.49 -8.32
C ILE H 25 -19.40 44.79 -7.48
N PHE H 26 -19.31 43.46 -7.44
CA PHE H 26 -20.06 42.64 -6.51
C PHE H 26 -19.12 42.11 -5.43
N VAL H 27 -19.68 41.85 -4.26
CA VAL H 27 -18.99 41.11 -3.20
C VAL H 27 -19.83 39.88 -2.90
N VAL H 28 -19.31 38.72 -3.28
CA VAL H 28 -20.01 37.45 -3.10
C VAL H 28 -19.32 36.69 -1.97
N ARG H 29 -20.07 36.35 -0.93
CA ARG H 29 -19.57 35.56 0.19
C ARG H 29 -20.31 34.24 0.24
N ASP H 30 -19.59 33.15 0.04
CA ASP H 30 -20.12 31.80 0.21
C ASP H 30 -19.38 31.16 1.39
N ALA H 31 -20.13 30.86 2.45
CA ALA H 31 -19.55 30.40 3.71
C ALA H 31 -18.53 31.41 4.21
N ASP H 32 -17.24 31.07 4.08
CA ASP H 32 -16.15 31.97 4.46
C ASP H 32 -15.29 32.37 3.27
N SER H 33 -15.70 32.05 2.05
CA SER H 33 -14.98 32.41 0.85
C SER H 33 -15.60 33.65 0.23
N PHE H 34 -14.77 34.62 -0.12
CA PHE H 34 -15.21 35.89 -0.69
C PHE H 34 -14.75 36.00 -2.13
N LYS H 35 -15.58 36.59 -2.97
CA LYS H 35 -15.25 36.85 -4.37
C LYS H 35 -15.65 38.28 -4.73
N ALA H 36 -14.85 38.91 -5.58
CA ALA H 36 -15.15 40.23 -6.12
C ALA H 36 -15.36 40.10 -7.62
N ILE H 37 -16.59 40.35 -8.06
CA ILE H 37 -16.97 40.19 -9.46
C ILE H 37 -17.41 41.54 -10.01
N SER H 38 -16.86 41.90 -11.17
CA SER H 38 -17.21 43.17 -11.81
C SER H 38 -18.63 43.12 -12.36
N VAL H 39 -19.32 44.26 -12.27
CA VAL H 39 -20.68 44.37 -12.79
C VAL H 39 -20.72 44.61 -14.29
N VAL H 40 -19.57 44.80 -14.94
CA VAL H 40 -19.53 45.14 -16.35
C VAL H 40 -19.91 43.91 -17.17
N CYS H 41 -20.99 44.04 -17.94
CA CYS H 41 -21.38 42.97 -18.84
C CYS H 41 -20.35 42.81 -19.94
N THR H 42 -19.94 41.55 -20.20
CA THR H 42 -18.92 41.30 -21.20
C THR H 42 -19.41 41.46 -22.63
N HIS H 43 -20.69 41.78 -22.82
CA HIS H 43 -21.21 42.00 -24.17
C HIS H 43 -20.84 43.40 -24.66
N LEU H 44 -21.59 44.41 -24.22
CA LEU H 44 -21.36 45.78 -24.64
C LEU H 44 -21.01 46.72 -23.49
N GLY H 45 -21.01 46.24 -22.25
CA GLY H 45 -20.55 47.02 -21.12
C GLY H 45 -21.63 47.48 -20.15
N CYS H 46 -22.85 46.97 -20.26
CA CYS H 46 -23.91 47.39 -19.34
C CYS H 46 -23.65 46.85 -17.94
N ALA H 47 -24.35 47.43 -16.96
CA ALA H 47 -24.23 46.99 -15.58
C ALA H 47 -25.19 45.82 -15.35
N VAL H 48 -24.63 44.67 -14.97
CA VAL H 48 -25.41 43.47 -14.74
C VAL H 48 -26.02 43.52 -13.33
N GLU H 49 -27.18 42.89 -13.18
CA GLU H 49 -27.92 42.91 -11.93
C GLU H 49 -28.14 41.48 -11.43
N PHE H 50 -28.02 41.29 -10.12
CA PHE H 50 -28.16 39.97 -9.52
C PHE H 50 -29.58 39.76 -9.01
N SER H 51 -30.09 38.54 -9.23
CA SER H 51 -31.40 38.14 -8.74
C SER H 51 -31.20 37.21 -7.56
N LYS H 52 -31.74 37.60 -6.40
CA LYS H 52 -31.60 36.77 -5.20
C LYS H 52 -32.45 35.52 -5.30
N GLU H 53 -33.54 35.56 -6.07
CA GLU H 53 -34.38 34.38 -6.27
C GLU H 53 -33.76 33.44 -7.29
N LYS H 54 -33.54 33.92 -8.52
CA LYS H 54 -33.00 33.07 -9.57
C LYS H 54 -31.54 32.69 -9.33
N ASN H 55 -30.86 33.40 -8.43
CA ASN H 55 -29.46 33.11 -8.08
C ASN H 55 -28.53 33.19 -9.29
N ILE H 56 -28.78 34.16 -10.16
CA ILE H 56 -27.95 34.40 -11.34
C ILE H 56 -27.88 35.89 -11.60
N PHE H 57 -26.96 36.27 -12.49
CA PHE H 57 -26.80 37.65 -12.92
C PHE H 57 -27.53 37.86 -14.24
N GLU H 58 -28.23 39.00 -14.35
CA GLU H 58 -29.02 39.32 -15.52
C GLU H 58 -28.63 40.70 -16.05
N CYS H 59 -28.40 40.79 -17.35
CA CYS H 59 -28.17 42.08 -17.98
C CYS H 59 -29.46 42.58 -18.60
N PRO H 60 -29.97 43.75 -18.19
CA PRO H 60 -31.22 44.26 -18.75
C PRO H 60 -31.08 44.84 -20.15
N CYS H 61 -29.86 44.97 -20.67
CA CYS H 61 -29.68 45.60 -21.97
C CYS H 61 -30.02 44.65 -23.12
N HIS H 62 -29.43 43.45 -23.12
CA HIS H 62 -29.71 42.51 -24.20
C HIS H 62 -29.93 41.08 -23.70
N GLY H 63 -30.18 40.91 -22.40
CA GLY H 63 -30.61 39.61 -21.90
C GLY H 63 -29.53 38.59 -21.67
N SER H 64 -28.26 38.99 -21.63
CA SER H 64 -27.20 38.06 -21.30
C SER H 64 -27.27 37.70 -19.81
N LYS H 65 -27.06 36.42 -19.52
CA LYS H 65 -27.20 35.92 -18.16
C LYS H 65 -25.94 35.16 -17.74
N TYR H 66 -25.60 35.27 -16.46
CA TYR H 66 -24.40 34.68 -15.91
C TYR H 66 -24.74 33.92 -14.63
N TYR H 67 -24.03 32.82 -14.39
CA TYR H 67 -24.20 32.09 -13.14
C TYR H 67 -23.62 32.90 -11.98
N ARG H 68 -23.84 32.39 -10.76
CA ARG H 68 -23.34 33.09 -9.58
C ARG H 68 -21.82 33.20 -9.60
N ASN H 69 -21.13 32.23 -10.21
CA ASN H 69 -19.69 32.31 -10.35
C ASN H 69 -19.25 33.22 -11.49
N GLY H 70 -20.20 33.79 -12.24
CA GLY H 70 -19.90 34.68 -13.34
C GLY H 70 -19.92 34.03 -14.70
N VAL H 71 -20.09 32.71 -14.78
CA VAL H 71 -20.04 32.01 -16.06
C VAL H 71 -21.25 32.40 -16.90
N ASN H 72 -21.00 32.88 -18.11
CA ASN H 72 -22.08 33.23 -19.03
C ASN H 72 -22.74 31.96 -19.57
N PHE H 73 -24.07 31.96 -19.62
CA PHE H 73 -24.82 30.84 -20.17
C PHE H 73 -25.97 31.24 -21.08
N ALA H 74 -26.40 32.51 -21.07
CA ALA H 74 -27.47 32.96 -21.97
C ALA H 74 -27.10 34.34 -22.51
N GLY H 75 -27.70 34.68 -23.64
CA GLY H 75 -27.51 35.97 -24.25
C GLY H 75 -26.24 36.07 -25.06
N PRO H 76 -25.94 37.27 -25.56
CA PRO H 76 -24.75 37.47 -26.41
C PRO H 76 -23.45 37.58 -25.65
N ALA H 77 -23.42 37.25 -24.36
CA ALA H 77 -22.20 37.38 -23.57
C ALA H 77 -21.15 36.38 -24.06
N PRO H 78 -19.97 36.84 -24.47
CA PRO H 78 -18.95 35.92 -24.96
C PRO H 78 -18.09 35.31 -23.86
N ARG H 79 -17.81 36.07 -22.82
CA ARG H 79 -16.93 35.63 -21.74
C ARG H 79 -17.69 35.52 -20.42
N PRO H 80 -17.10 34.97 -19.38
CA PRO H 80 -17.64 35.16 -18.03
C PRO H 80 -17.28 36.52 -17.48
N LEU H 81 -18.01 36.92 -16.43
CA LEU H 81 -17.73 38.18 -15.77
C LEU H 81 -16.33 38.17 -15.16
N ASP H 82 -15.68 39.32 -15.19
CA ASP H 82 -14.32 39.42 -14.68
C ASP H 82 -14.31 39.31 -13.16
N HIS H 83 -13.40 38.48 -12.64
CA HIS H 83 -13.14 38.42 -11.20
C HIS H 83 -11.97 39.35 -10.87
N LEU H 84 -12.04 39.97 -9.70
CA LEU H 84 -11.12 41.04 -9.34
C LEU H 84 -10.33 40.66 -8.10
N GLN H 85 -9.13 41.23 -7.99
CA GLN H 85 -8.27 40.97 -6.85
C GLN H 85 -8.87 41.53 -5.58
N MET H 86 -8.97 40.69 -4.54
CA MET H 86 -9.50 41.12 -3.26
C MET H 86 -8.66 40.51 -2.14
N ILE H 87 -8.19 41.35 -1.24
CA ILE H 87 -7.32 40.93 -0.14
C ILE H 87 -7.92 41.38 1.18
N LEU H 88 -7.44 40.77 2.26
CA LEU H 88 -7.77 41.16 3.62
C LEU H 88 -6.60 41.97 4.16
N ASP H 89 -6.81 43.27 4.35
CA ASP H 89 -5.73 44.16 4.75
C ASP H 89 -5.36 43.94 6.22
N ASN H 90 -4.23 44.54 6.62
CA ASN H 90 -3.73 44.35 7.98
C ASN H 90 -4.74 44.79 9.03
N ASN H 91 -5.54 45.81 8.73
CA ASN H 91 -6.52 46.34 9.66
C ASN H 91 -7.86 45.59 9.61
N GLY H 92 -7.86 44.37 9.07
CA GLY H 92 -9.06 43.55 9.12
C GLY H 92 -10.17 43.95 8.17
N LYS H 93 -9.86 44.72 7.14
CA LYS H 93 -10.86 45.17 6.17
C LYS H 93 -10.52 44.61 4.80
N LEU H 94 -11.56 44.36 4.01
CA LEU H 94 -11.39 43.80 2.68
C LEU H 94 -11.06 44.89 1.68
N ALA H 95 -10.03 44.66 0.86
CA ALA H 95 -9.58 45.61 -0.15
C ALA H 95 -9.72 44.98 -1.53
N VAL H 96 -10.26 45.75 -2.47
CA VAL H 96 -10.47 45.30 -3.85
C VAL H 96 -9.69 46.21 -4.78
N ASP H 97 -9.04 45.61 -5.79
CA ASP H 97 -8.31 46.34 -6.81
C ASP H 97 -8.95 45.98 -8.16
N THR H 98 -9.73 46.91 -8.71
CA THR H 98 -10.39 46.66 -9.99
C THR H 98 -9.41 46.62 -11.15
N SER H 99 -8.21 47.16 -10.98
CA SER H 99 -7.22 47.17 -12.05
C SER H 99 -6.51 45.83 -12.20
N VAL H 100 -6.69 44.90 -11.24
CA VAL H 100 -6.03 43.61 -11.25
C VAL H 100 -7.10 42.55 -11.41
N LYS H 101 -7.24 41.99 -12.62
CA LYS H 101 -8.14 40.88 -12.84
C LYS H 101 -7.49 39.58 -12.41
N VAL H 102 -8.29 38.67 -11.86
CA VAL H 102 -7.80 37.39 -11.36
C VAL H 102 -8.58 36.27 -12.03
N PRO H 103 -8.03 35.06 -12.06
CA PRO H 103 -8.77 33.93 -12.62
C PRO H 103 -10.11 33.74 -11.93
N LEU H 104 -11.03 33.09 -12.65
CA LEU H 104 -12.42 32.97 -12.19
C LEU H 104 -12.52 32.18 -10.89
N GLU H 105 -11.63 31.22 -10.67
CA GLU H 105 -11.69 30.36 -9.50
C GLU H 105 -11.00 30.94 -8.27
N THR H 106 -10.54 32.18 -8.34
CA THR H 106 -9.89 32.79 -7.19
C THR H 106 -10.90 33.04 -6.07
N GLU H 107 -10.48 32.79 -4.83
CA GLU H 107 -11.34 33.01 -3.68
C GLU H 107 -10.49 33.42 -2.49
N LEU H 108 -11.10 34.13 -1.55
CA LEU H 108 -10.42 34.61 -0.34
C LEU H 108 -11.13 34.04 0.88
N ILE H 109 -10.40 33.26 1.66
CA ILE H 109 -10.93 32.59 2.86
C ILE H 109 -10.62 33.43 4.08
N VAL H 110 -11.64 33.61 4.93
CA VAL H 110 -11.44 34.30 6.21
C VAL H 110 -12.10 33.50 7.33
N SER I 1 33.36 0.70 2.88
CA SER I 1 33.97 1.34 4.04
C SER I 1 32.95 1.59 5.15
N PRO I 2 33.39 1.50 6.41
CA PRO I 2 32.48 1.78 7.52
C PRO I 2 32.03 3.23 7.59
N ARG I 3 32.76 4.15 6.97
CA ARG I 3 32.43 5.57 6.97
C ARG I 3 31.99 5.97 5.57
N PHE I 4 30.91 6.76 5.50
CA PHE I 4 30.42 7.24 4.22
C PHE I 4 29.44 8.38 4.45
N PHE I 5 29.23 9.17 3.41
CA PHE I 5 28.23 10.22 3.41
C PHE I 5 26.90 9.68 2.91
N VAL I 6 25.81 10.30 3.37
CA VAL I 6 24.47 9.83 3.04
C VAL I 6 23.65 10.94 2.42
N GLY I 7 24.20 12.15 2.43
CA GLY I 7 23.57 13.30 1.83
C GLY I 7 23.32 14.41 2.84
N GLU I 8 22.77 15.51 2.32
CA GLU I 8 22.43 16.69 3.11
C GLU I 8 21.07 16.52 3.76
N PRO I 9 20.82 17.24 4.86
CA PRO I 9 19.50 17.12 5.53
C PRO I 9 18.33 17.45 4.63
N LYS I 10 18.50 18.36 3.66
CA LYS I 10 17.40 18.75 2.80
C LYS I 10 16.95 17.63 1.88
N GLN I 11 17.78 16.60 1.69
CA GLN I 11 17.42 15.46 0.84
C GLN I 11 16.54 14.44 1.54
N PHE I 12 16.14 14.69 2.79
CA PHE I 12 15.35 13.74 3.56
C PHE I 12 14.04 14.40 4.00
N PRO I 13 12.89 13.84 3.65
CA PRO I 13 11.62 14.46 4.03
C PRO I 13 11.37 14.38 5.52
N VAL I 14 10.53 15.30 5.99
CA VAL I 14 10.13 15.29 7.40
C VAL I 14 9.22 14.10 7.67
N GLY I 15 9.56 13.34 8.70
CA GLY I 15 8.78 12.14 9.02
C GLY I 15 8.98 11.00 8.06
N SER I 16 10.19 10.82 7.54
CA SER I 16 10.46 9.84 6.50
C SER I 16 11.44 8.78 7.02
N VAL I 17 11.35 7.60 6.40
CA VAL I 17 12.32 6.52 6.62
C VAL I 17 12.92 6.20 5.27
N THR I 18 14.23 6.45 5.13
CA THR I 18 14.95 6.26 3.88
C THR I 18 15.85 5.04 3.99
N THR I 19 15.73 4.13 3.04
CA THR I 19 16.52 2.90 3.03
C THR I 19 17.69 3.06 2.07
N LEU I 20 18.91 2.95 2.59
CA LEU I 20 20.12 2.95 1.77
C LEU I 20 20.59 1.50 1.69
N LYS I 21 20.03 0.77 0.73
CA LYS I 21 20.28 -0.67 0.63
C LYS I 21 21.77 -0.97 0.45
N SER I 22 22.47 -0.15 -0.33
CA SER I 22 23.90 -0.35 -0.51
C SER I 22 24.64 -0.15 0.81
N ARG I 23 24.37 0.96 1.49
CA ARG I 23 25.03 1.25 2.76
C ARG I 23 24.50 0.40 3.90
N LYS I 24 23.41 -0.35 3.68
CA LYS I 24 22.84 -1.27 4.68
C LYS I 24 22.43 -0.54 5.95
N ILE I 25 21.86 0.67 5.79
CA ILE I 25 21.37 1.45 6.91
C ILE I 25 20.04 2.09 6.53
N PHE I 26 19.34 2.59 7.55
CA PHE I 26 18.19 3.46 7.39
C PHE I 26 18.54 4.86 7.87
N VAL I 27 17.95 5.86 7.24
CA VAL I 27 18.04 7.25 7.71
C VAL I 27 16.64 7.68 8.09
N VAL I 28 16.41 7.88 9.39
CA VAL I 28 15.11 8.24 9.92
C VAL I 28 15.15 9.71 10.33
N ARG I 29 14.23 10.51 9.77
CA ARG I 29 14.11 11.91 10.13
C ARG I 29 12.74 12.14 10.77
N ASP I 30 12.73 12.51 12.04
CA ASP I 30 11.53 12.93 12.75
C ASP I 30 11.67 14.40 13.08
N ALA I 31 10.77 15.23 12.52
CA ALA I 31 10.89 16.68 12.60
C ALA I 31 12.25 17.12 12.09
N ASP I 32 13.14 17.53 12.99
CA ASP I 32 14.50 17.91 12.63
C ASP I 32 15.54 16.97 13.23
N SER I 33 15.12 15.85 13.80
CA SER I 33 16.03 14.89 14.40
C SER I 33 16.32 13.77 13.41
N PHE I 34 17.58 13.40 13.28
CA PHE I 34 18.03 12.36 12.36
C PHE I 34 18.59 11.18 13.14
N LYS I 35 18.31 9.97 12.66
CA LYS I 35 18.82 8.76 13.26
C LYS I 35 19.33 7.83 12.17
N ALA I 36 20.36 7.06 12.51
CA ALA I 36 20.91 6.03 11.63
C ALA I 36 20.65 4.67 12.28
N ILE I 37 19.90 3.83 11.58
CA ILE I 37 19.54 2.49 12.08
C ILE I 37 20.06 1.46 11.08
N SER I 38 20.78 0.46 11.59
CA SER I 38 21.32 -0.59 10.74
C SER I 38 20.20 -1.54 10.31
N VAL I 39 20.33 -2.06 9.09
CA VAL I 39 19.34 -3.00 8.56
C VAL I 39 19.56 -4.42 9.04
N VAL I 40 20.65 -4.69 9.76
CA VAL I 40 21.01 -6.05 10.13
C VAL I 40 20.08 -6.51 11.26
N CYS I 41 19.33 -7.58 11.00
CA CYS I 41 18.46 -8.16 12.02
C CYS I 41 19.30 -8.75 13.14
N THR I 42 18.92 -8.46 14.38
CA THR I 42 19.67 -8.95 15.53
C THR I 42 19.45 -10.43 15.79
N HIS I 43 18.66 -11.12 14.98
CA HIS I 43 18.43 -12.55 15.14
C HIS I 43 19.58 -13.33 14.52
N LEU I 44 19.56 -13.50 13.19
CA LEU I 44 20.60 -14.24 12.49
C LEU I 44 21.30 -13.42 11.42
N GLY I 45 20.98 -12.13 11.27
CA GLY I 45 21.76 -11.24 10.45
C GLY I 45 21.16 -10.83 9.12
N CYS I 46 19.90 -11.20 8.83
CA CYS I 46 19.30 -10.80 7.57
C CYS I 46 19.02 -9.30 7.56
N ALA I 47 18.84 -8.75 6.36
CA ALA I 47 18.57 -7.33 6.20
C ALA I 47 17.08 -7.09 6.36
N VAL I 48 16.70 -6.29 7.35
CA VAL I 48 15.29 -5.98 7.57
C VAL I 48 14.84 -4.92 6.57
N GLU I 49 13.53 -4.90 6.31
CA GLU I 49 12.90 -3.93 5.42
C GLU I 49 11.90 -3.11 6.21
N PHE I 50 11.82 -1.82 5.88
CA PHE I 50 10.85 -0.94 6.53
C PHE I 50 9.52 -1.00 5.78
N SER I 51 8.44 -1.20 6.52
CA SER I 51 7.08 -1.20 5.97
C SER I 51 6.48 0.19 6.21
N LYS I 52 6.46 1.01 5.16
CA LYS I 52 5.87 2.34 5.27
C LYS I 52 4.39 2.25 5.64
N GLU I 53 3.71 1.21 5.16
CA GLU I 53 2.27 1.08 5.43
C GLU I 53 2.01 0.82 6.91
N LYS I 54 2.81 -0.03 7.53
CA LYS I 54 2.61 -0.43 8.92
C LYS I 54 3.54 0.27 9.89
N ASN I 55 4.47 1.09 9.39
CA ASN I 55 5.35 1.91 10.23
C ASN I 55 6.20 1.06 11.16
N ILE I 56 6.62 -0.11 10.69
CA ILE I 56 7.44 -1.03 11.45
C ILE I 56 8.53 -1.60 10.55
N PHE I 57 9.50 -2.26 11.17
CA PHE I 57 10.53 -2.99 10.46
C PHE I 57 10.22 -4.48 10.48
N GLU I 58 10.45 -5.14 9.35
CA GLU I 58 10.14 -6.55 9.20
C GLU I 58 11.37 -7.28 8.65
N CYS I 59 11.68 -8.42 9.25
CA CYS I 59 12.72 -9.25 8.67
C CYS I 59 12.09 -10.40 7.91
N PRO I 60 12.45 -10.59 6.63
CA PRO I 60 11.81 -11.64 5.84
C PRO I 60 12.31 -13.05 6.16
N CYS I 61 13.35 -13.19 6.97
CA CYS I 61 13.95 -14.50 7.17
C CYS I 61 13.22 -15.33 8.21
N HIS I 62 12.83 -14.71 9.33
CA HIS I 62 12.11 -15.45 10.37
C HIS I 62 11.00 -14.62 11.01
N GLY I 63 10.58 -13.53 10.38
CA GLY I 63 9.41 -12.81 10.81
C GLY I 63 9.58 -11.91 12.01
N SER I 64 10.78 -11.42 12.28
CA SER I 64 10.96 -10.48 13.38
C SER I 64 10.36 -9.13 13.05
N LYS I 65 9.77 -8.48 14.05
CA LYS I 65 9.15 -7.18 13.89
C LYS I 65 9.75 -6.19 14.88
N TYR I 66 10.06 -4.99 14.40
CA TYR I 66 10.60 -3.93 15.22
C TYR I 66 9.74 -2.68 15.09
N TYR I 67 9.69 -1.90 16.17
CA TYR I 67 9.03 -0.60 16.10
C TYR I 67 9.88 0.37 15.28
N ARG I 68 9.31 1.55 15.02
CA ARG I 68 10.01 2.55 14.21
C ARG I 68 11.35 2.95 14.82
N ASN I 69 11.43 2.98 16.15
CA ASN I 69 12.67 3.32 16.82
C ASN I 69 13.69 2.18 16.81
N GLY I 70 13.31 1.01 16.30
CA GLY I 70 14.20 -0.13 16.23
C GLY I 70 13.98 -1.18 17.30
N VAL I 71 13.12 -0.92 18.28
CA VAL I 71 12.88 -1.87 19.36
C VAL I 71 12.05 -3.04 18.83
N ASN I 72 12.54 -4.26 19.06
CA ASN I 72 11.83 -5.44 18.61
C ASN I 72 10.61 -5.70 19.49
N PHE I 73 9.55 -6.21 18.87
CA PHE I 73 8.37 -6.63 19.63
C PHE I 73 7.81 -7.98 19.21
N ALA I 74 8.16 -8.51 18.05
CA ALA I 74 7.68 -9.82 17.62
C ALA I 74 8.80 -10.55 16.89
N GLY I 75 8.74 -11.87 16.92
CA GLY I 75 9.70 -12.70 16.22
C GLY I 75 10.88 -13.10 17.09
N PRO I 76 11.80 -13.87 16.50
CA PRO I 76 12.97 -14.35 17.24
C PRO I 76 14.04 -13.30 17.52
N ALA I 77 13.80 -12.04 17.21
CA ALA I 77 14.79 -11.00 17.46
C ALA I 77 14.98 -10.82 18.97
N PRO I 78 16.21 -10.87 19.48
CA PRO I 78 16.41 -10.75 20.93
C PRO I 78 16.55 -9.32 21.42
N ARG I 79 17.12 -8.44 20.59
CA ARG I 79 17.44 -7.09 21.02
C ARG I 79 17.11 -6.11 19.90
N PRO I 80 16.97 -4.81 20.22
CA PRO I 80 16.61 -3.83 19.18
C PRO I 80 17.69 -3.67 18.13
N LEU I 81 17.27 -3.08 17.01
CA LEU I 81 18.19 -2.81 15.91
C LEU I 81 19.28 -1.85 16.35
N ASP I 82 20.46 -2.02 15.74
CA ASP I 82 21.60 -1.18 16.08
C ASP I 82 21.41 0.23 15.53
N HIS I 83 21.55 1.23 16.40
CA HIS I 83 21.63 2.61 15.98
C HIS I 83 23.10 2.99 15.78
N LEU I 84 23.37 3.76 14.74
CA LEU I 84 24.73 4.02 14.29
C LEU I 84 25.07 5.49 14.43
N GLN I 85 26.37 5.75 14.57
CA GLN I 85 26.85 7.12 14.73
C GLN I 85 26.55 7.94 13.48
N MET I 86 25.93 9.11 13.68
CA MET I 86 25.58 10.00 12.59
C MET I 86 26.01 11.41 12.97
N ILE I 87 26.83 12.03 12.12
CA ILE I 87 27.37 13.35 12.40
C ILE I 87 27.13 14.24 11.19
N LEU I 88 27.07 15.55 11.42
CA LEU I 88 26.93 16.54 10.36
C LEU I 88 28.30 17.14 10.07
N ASP I 89 28.78 16.92 8.85
CA ASP I 89 30.12 17.31 8.47
C ASP I 89 30.21 18.83 8.24
N ASN I 90 31.45 19.30 8.11
CA ASN I 90 31.67 20.73 7.85
C ASN I 90 31.00 21.16 6.55
N ASN I 91 31.11 20.36 5.50
CA ASN I 91 30.53 20.68 4.20
C ASN I 91 29.02 20.44 4.14
N GLY I 92 28.35 20.37 5.28
CA GLY I 92 26.90 20.28 5.30
C GLY I 92 26.31 18.94 4.95
N LYS I 93 27.12 17.89 4.85
CA LYS I 93 26.65 16.56 4.53
C LYS I 93 26.66 15.68 5.77
N LEU I 94 25.68 14.78 5.84
CA LEU I 94 25.57 13.87 6.97
C LEU I 94 26.51 12.69 6.77
N ALA I 95 27.27 12.35 7.82
CA ALA I 95 28.24 11.27 7.79
C ALA I 95 27.83 10.19 8.79
N VAL I 96 27.87 8.94 8.35
CA VAL I 96 27.51 7.80 9.18
C VAL I 96 28.70 6.85 9.27
N ASP I 97 28.97 6.37 10.47
CA ASP I 97 30.02 5.38 10.72
C ASP I 97 29.35 4.14 11.31
N THR I 98 29.21 3.10 10.51
CA THR I 98 28.54 1.88 10.96
C THR I 98 29.34 1.13 12.01
N SER I 99 30.64 1.41 12.12
CA SER I 99 31.49 0.73 13.10
C SER I 99 31.26 1.23 14.52
N VAL I 100 30.60 2.36 14.69
CA VAL I 100 30.34 2.95 16.01
C VAL I 100 28.85 2.85 16.29
N LYS I 101 28.48 1.92 17.16
CA LYS I 101 27.10 1.82 17.62
C LYS I 101 26.82 2.88 18.68
N VAL I 102 25.62 3.43 18.64
CA VAL I 102 25.22 4.49 19.57
C VAL I 102 23.98 4.02 20.31
N PRO I 103 23.70 4.59 21.49
CA PRO I 103 22.48 4.21 22.23
C PRO I 103 21.22 4.35 21.40
N LEU I 104 20.16 3.65 21.82
CA LEU I 104 18.95 3.54 21.02
C LEU I 104 18.34 4.90 20.70
N GLU I 105 18.12 5.71 21.73
CA GLU I 105 17.44 6.99 21.57
C GLU I 105 18.40 8.13 21.25
N THR I 106 19.56 7.83 20.67
CA THR I 106 20.44 8.87 20.16
C THR I 106 19.79 9.55 18.96
N GLU I 107 19.95 10.87 18.88
CA GLU I 107 19.36 11.62 17.78
C GLU I 107 20.22 12.83 17.46
N LEU I 108 20.20 13.23 16.19
CA LEU I 108 20.95 14.38 15.70
C LEU I 108 19.95 15.45 15.26
N ILE I 109 19.89 16.55 16.02
CA ILE I 109 18.98 17.64 15.73
C ILE I 109 19.67 18.65 14.82
N VAL I 110 18.94 19.16 13.85
CA VAL I 110 19.47 20.17 12.94
C VAL I 110 18.50 21.35 12.82
N SER J 1 -22.73 15.46 21.22
CA SER J 1 -21.99 15.97 22.38
C SER J 1 -20.50 16.12 22.05
N PRO J 2 -19.88 17.20 22.52
CA PRO J 2 -18.44 17.38 22.27
C PRO J 2 -17.53 16.52 23.13
N ARG J 3 -18.06 15.84 24.15
CA ARG J 3 -17.28 14.97 25.01
C ARG J 3 -17.66 13.52 24.73
N PHE J 4 -16.65 12.66 24.56
CA PHE J 4 -16.89 11.25 24.36
C PHE J 4 -15.63 10.47 24.70
N PHE J 5 -15.80 9.19 24.97
CA PHE J 5 -14.67 8.29 25.21
C PHE J 5 -14.21 7.69 23.88
N VAL J 6 -12.94 7.33 23.82
CA VAL J 6 -12.34 6.81 22.60
C VAL J 6 -11.70 5.45 22.86
N GLY J 7 -11.64 5.05 24.12
CA GLY J 7 -11.12 3.76 24.51
C GLY J 7 -9.94 3.88 25.45
N GLU J 8 -9.42 2.71 25.85
CA GLU J 8 -8.29 2.60 26.75
C GLU J 8 -6.98 2.69 25.97
N PRO J 9 -5.90 3.14 26.62
CA PRO J 9 -4.62 3.23 25.91
C PRO J 9 -4.13 1.91 25.33
N LYS J 10 -4.50 0.78 25.93
CA LYS J 10 -4.05 -0.51 25.42
C LYS J 10 -4.69 -0.87 24.08
N GLN J 11 -5.70 -0.13 23.64
CA GLN J 11 -6.36 -0.37 22.36
C GLN J 11 -5.69 0.36 21.20
N PHE J 12 -4.59 1.06 21.45
CA PHE J 12 -3.93 1.85 20.42
C PHE J 12 -2.49 1.39 20.25
N PRO J 13 -2.07 0.96 19.05
CA PRO J 13 -0.70 0.48 18.88
C PRO J 13 0.31 1.60 18.97
N VAL J 14 1.56 1.22 19.25
CA VAL J 14 2.64 2.19 19.32
C VAL J 14 2.97 2.67 17.91
N GLY J 15 3.08 3.99 17.76
CA GLY J 15 3.35 4.57 16.46
C GLY J 15 2.22 4.44 15.45
N SER J 16 0.98 4.53 15.92
CA SER J 16 -0.19 4.33 15.07
C SER J 16 -1.00 5.61 14.98
N VAL J 17 -1.74 5.73 13.87
CA VAL J 17 -2.70 6.80 13.66
C VAL J 17 -4.07 6.16 13.46
N THR J 18 -4.97 6.39 14.39
CA THR J 18 -6.29 5.76 14.39
C THR J 18 -7.33 6.79 13.99
N THR J 19 -8.17 6.44 13.02
CA THR J 19 -9.21 7.35 12.51
C THR J 19 -10.55 6.94 13.10
N LEU J 20 -11.20 7.86 13.80
CA LEU J 20 -12.55 7.66 14.32
C LEU J 20 -13.47 8.52 13.46
N LYS J 21 -13.92 7.94 12.34
CA LYS J 21 -14.66 8.70 11.33
C LYS J 21 -15.95 9.26 11.91
N SER J 22 -16.64 8.50 12.75
CA SER J 22 -17.87 9.00 13.36
C SER J 22 -17.58 10.16 14.30
N ARG J 23 -16.53 10.04 15.11
CA ARG J 23 -16.14 11.11 16.03
C ARG J 23 -15.41 12.25 15.32
N LYS J 24 -14.99 12.04 14.08
CA LYS J 24 -14.31 13.07 13.27
C LYS J 24 -13.01 13.54 13.93
N ILE J 25 -12.25 12.60 14.49
CA ILE J 25 -10.97 12.88 15.09
C ILE J 25 -9.97 11.80 14.73
N PHE J 26 -8.70 12.10 14.93
CA PHE J 26 -7.62 11.12 14.88
C PHE J 26 -7.05 10.91 16.27
N VAL J 27 -6.59 9.69 16.54
CA VAL J 27 -5.89 9.37 17.78
C VAL J 27 -4.49 8.92 17.39
N VAL J 28 -3.50 9.76 17.70
CA VAL J 28 -2.10 9.50 17.36
C VAL J 28 -1.37 9.09 18.62
N ARG J 29 -0.74 7.92 18.59
CA ARG J 29 0.07 7.43 19.71
C ARG J 29 1.50 7.29 19.23
N ASP J 30 2.39 8.10 19.81
CA ASP J 30 3.83 7.99 19.59
C ASP J 30 4.48 7.56 20.90
N ALA J 31 5.06 6.36 20.90
CA ALA J 31 5.55 5.72 22.11
C ALA J 31 4.44 5.62 23.14
N ASP J 32 4.52 6.43 24.20
CA ASP J 32 3.47 6.49 25.21
C ASP J 32 2.75 7.83 25.24
N SER J 33 2.97 8.67 24.23
CA SER J 33 2.32 9.98 24.14
C SER J 33 1.11 9.87 23.22
N PHE J 34 -0.01 10.45 23.65
CA PHE J 34 -1.25 10.43 22.90
C PHE J 34 -1.62 11.85 22.48
N LYS J 35 -2.09 11.98 21.24
CA LYS J 35 -2.54 13.26 20.70
C LYS J 35 -3.88 13.08 20.02
N ALA J 36 -4.72 14.11 20.11
CA ALA J 36 -6.01 14.14 19.44
C ALA J 36 -5.98 15.23 18.39
N ILE J 37 -6.23 14.84 17.13
CA ILE J 37 -6.19 15.77 16.00
C ILE J 37 -7.53 15.70 15.28
N SER J 38 -8.08 16.87 14.97
CA SER J 38 -9.36 16.94 14.28
C SER J 38 -9.18 16.66 12.79
N VAL J 39 -10.22 16.05 12.20
CA VAL J 39 -10.18 15.72 10.77
C VAL J 39 -10.59 16.89 9.88
N VAL J 40 -11.06 17.99 10.47
CA VAL J 40 -11.60 19.09 9.67
C VAL J 40 -10.45 19.84 9.02
N CYS J 41 -10.45 19.88 7.69
CA CYS J 41 -9.43 20.62 6.97
C CYS J 41 -9.61 22.12 7.21
N THR J 42 -8.49 22.80 7.45
CA THR J 42 -8.52 24.23 7.73
C THR J 42 -8.75 25.08 6.48
N HIS J 43 -8.92 24.46 5.32
CA HIS J 43 -9.20 25.20 4.10
C HIS J 43 -10.68 25.53 4.01
N LEU J 44 -11.49 24.55 3.64
CA LEU J 44 -12.93 24.75 3.52
C LEU J 44 -13.75 23.78 4.37
N GLY J 45 -13.12 22.92 5.15
CA GLY J 45 -13.81 22.13 6.14
C GLY J 45 -14.05 20.68 5.80
N CYS J 46 -13.44 20.15 4.74
CA CYS J 46 -13.64 18.76 4.40
C CYS J 46 -12.95 17.84 5.40
N ALA J 47 -13.34 16.57 5.40
CA ALA J 47 -12.76 15.57 6.28
C ALA J 47 -11.44 15.08 5.71
N VAL J 48 -10.36 15.27 6.45
CA VAL J 48 -9.03 14.87 6.01
C VAL J 48 -8.82 13.38 6.30
N GLU J 49 -8.13 12.70 5.39
CA GLU J 49 -7.78 11.30 5.53
C GLU J 49 -6.29 11.15 5.77
N PHE J 50 -5.91 10.18 6.60
CA PHE J 50 -4.51 9.89 6.86
C PHE J 50 -4.02 8.80 5.91
N SER J 51 -2.86 9.04 5.30
CA SER J 51 -2.21 8.07 4.43
C SER J 51 -1.13 7.35 5.22
N LYS J 52 -1.37 6.08 5.54
CA LYS J 52 -0.37 5.31 6.29
C LYS J 52 0.93 5.20 5.51
N GLU J 53 0.83 5.05 4.18
CA GLU J 53 2.02 4.85 3.36
C GLU J 53 2.90 6.10 3.35
N LYS J 54 2.30 7.27 3.15
CA LYS J 54 3.06 8.51 3.06
C LYS J 54 3.26 9.20 4.40
N ASN J 55 2.62 8.69 5.47
CA ASN J 55 2.76 9.26 6.81
C ASN J 55 2.36 10.73 6.85
N ILE J 56 1.35 11.09 6.05
CA ILE J 56 0.86 12.46 5.97
C ILE J 56 -0.66 12.44 6.00
N PHE J 57 -1.24 13.61 6.22
CA PHE J 57 -2.67 13.83 6.09
C PHE J 57 -2.94 14.52 4.76
N GLU J 58 -3.99 14.07 4.06
CA GLU J 58 -4.33 14.66 2.78
C GLU J 58 -5.84 14.83 2.68
N CYS J 59 -6.28 16.00 2.21
CA CYS J 59 -7.68 16.35 2.05
C CYS J 59 -8.10 16.06 0.61
N PRO J 60 -9.16 15.27 0.41
CA PRO J 60 -9.57 14.92 -0.96
C PRO J 60 -10.27 16.04 -1.72
N CYS J 61 -10.58 17.15 -1.06
CA CYS J 61 -11.39 18.19 -1.69
C CYS J 61 -10.55 19.12 -2.55
N HIS J 62 -9.40 19.59 -2.03
CA HIS J 62 -8.56 20.49 -2.81
C HIS J 62 -7.07 20.16 -2.68
N GLY J 63 -6.74 18.97 -2.19
CA GLY J 63 -5.37 18.49 -2.25
C GLY J 63 -4.42 19.03 -1.22
N SER J 64 -4.92 19.51 -0.08
CA SER J 64 -4.02 19.97 0.98
C SER J 64 -3.31 18.80 1.64
N LYS J 65 -2.05 19.00 1.99
CA LYS J 65 -1.26 17.99 2.67
C LYS J 65 -0.78 18.52 4.01
N TYR J 66 -0.80 17.66 5.02
CA TYR J 66 -0.33 17.99 6.36
C TYR J 66 0.69 16.95 6.79
N TYR J 67 1.69 17.40 7.55
CA TYR J 67 2.62 16.48 8.18
C TYR J 67 1.90 15.67 9.26
N ARG J 68 2.60 14.67 9.80
CA ARG J 68 2.00 13.79 10.79
C ARG J 68 1.51 14.55 12.01
N ASN J 69 2.21 15.62 12.40
CA ASN J 69 1.81 16.42 13.54
C ASN J 69 0.61 17.32 13.24
N GLY J 70 0.21 17.42 11.97
CA GLY J 70 -0.91 18.23 11.57
C GLY J 70 -0.55 19.54 10.90
N VAL J 71 0.74 19.86 10.79
CA VAL J 71 1.16 21.10 10.16
C VAL J 71 1.05 20.98 8.66
N ASN J 72 0.37 21.95 8.04
CA ASN J 72 0.20 21.94 6.60
C ASN J 72 1.49 22.30 5.90
N PHE J 73 1.72 21.69 4.73
CA PHE J 73 2.86 22.06 3.89
C PHE J 73 2.52 22.18 2.41
N ALA J 74 1.41 21.64 1.94
CA ALA J 74 1.02 21.76 0.54
C ALA J 74 -0.49 21.96 0.46
N GLY J 75 -0.93 22.58 -0.63
CA GLY J 75 -2.34 22.81 -0.85
C GLY J 75 -2.82 24.13 -0.30
N PRO J 76 -4.12 24.40 -0.46
CA PRO J 76 -4.69 25.68 0.00
C PRO J 76 -4.89 25.78 1.50
N ALA J 77 -4.46 24.79 2.29
CA ALA J 77 -4.64 24.86 3.73
C ALA J 77 -3.81 26.00 4.32
N PRO J 78 -4.41 26.90 5.10
CA PRO J 78 -3.65 28.04 5.62
C PRO J 78 -2.96 27.75 6.95
N ARG J 79 -3.58 26.98 7.82
CA ARG J 79 -3.09 26.75 9.17
C ARG J 79 -3.12 25.25 9.48
N PRO J 80 -2.33 24.81 10.46
CA PRO J 80 -2.30 23.38 10.79
C PRO J 80 -3.62 22.87 11.33
N LEU J 81 -3.74 21.53 11.34
CA LEU J 81 -4.95 20.89 11.83
C LEU J 81 -5.14 21.16 13.32
N ASP J 82 -6.40 21.16 13.75
CA ASP J 82 -6.72 21.42 15.14
C ASP J 82 -6.34 20.23 16.01
N HIS J 83 -5.65 20.49 17.12
CA HIS J 83 -5.44 19.50 18.15
C HIS J 83 -6.45 19.73 19.26
N LEU J 84 -6.96 18.64 19.82
CA LEU J 84 -8.09 18.68 20.74
C LEU J 84 -7.67 18.20 22.12
N GLN J 85 -8.43 18.63 23.13
CA GLN J 85 -8.15 18.25 24.51
C GLN J 85 -8.32 16.75 24.69
N MET J 86 -7.31 16.11 25.28
CA MET J 86 -7.31 14.68 25.52
C MET J 86 -6.88 14.42 26.95
N ILE J 87 -7.73 13.76 27.72
CA ILE J 87 -7.46 13.48 29.13
C ILE J 87 -7.55 11.97 29.36
N LEU J 88 -6.83 11.51 30.37
CA LEU J 88 -6.90 10.13 30.82
C LEU J 88 -7.79 10.09 32.07
N ASP J 89 -8.98 9.50 31.92
CA ASP J 89 -9.92 9.44 33.02
C ASP J 89 -9.52 8.34 34.01
N ASN J 90 -10.00 8.48 35.24
CA ASN J 90 -9.62 7.56 36.30
C ASN J 90 -10.05 6.13 36.03
N ASN J 91 -11.07 5.92 35.19
CA ASN J 91 -11.54 4.58 34.84
C ASN J 91 -10.72 3.96 33.72
N GLY J 92 -9.50 4.45 33.47
CA GLY J 92 -8.66 3.91 32.43
C GLY J 92 -9.10 4.20 31.02
N LYS J 93 -10.04 5.13 30.82
CA LYS J 93 -10.55 5.46 29.49
C LYS J 93 -10.06 6.84 29.07
N LEU J 94 -9.72 6.98 27.80
CA LEU J 94 -9.30 8.26 27.25
C LEU J 94 -10.51 9.09 26.87
N ALA J 95 -10.51 10.35 27.29
CA ALA J 95 -11.62 11.27 27.05
C ALA J 95 -11.14 12.43 26.19
N VAL J 96 -11.95 12.79 25.19
CA VAL J 96 -11.64 13.88 24.27
C VAL J 96 -12.80 14.87 24.28
N ASP J 97 -12.48 16.15 24.37
CA ASP J 97 -13.46 17.24 24.26
C ASP J 97 -13.13 18.00 22.97
N THR J 98 -13.88 17.72 21.91
CA THR J 98 -13.57 18.31 20.61
C THR J 98 -13.82 19.81 20.56
N SER J 99 -14.60 20.34 21.50
CA SER J 99 -14.83 21.78 21.55
C SER J 99 -13.67 22.55 22.19
N VAL J 100 -12.74 21.86 22.83
CA VAL J 100 -11.60 22.49 23.50
C VAL J 100 -10.38 22.20 22.63
N LYS J 101 -9.92 23.21 21.90
CA LYS J 101 -8.76 23.07 21.04
C LYS J 101 -7.50 23.46 21.80
N VAL J 102 -6.44 22.69 21.61
CA VAL J 102 -5.23 22.81 22.42
C VAL J 102 -4.07 23.11 21.49
N PRO J 103 -2.95 23.62 22.03
CA PRO J 103 -1.78 23.90 21.18
C PRO J 103 -1.28 22.67 20.45
N LEU J 104 -0.48 22.92 19.41
CA LEU J 104 -0.05 21.86 18.51
C LEU J 104 0.78 20.80 19.23
N GLU J 105 1.69 21.23 20.11
CA GLU J 105 2.63 20.32 20.76
C GLU J 105 2.07 19.67 22.02
N THR J 106 0.77 19.79 22.25
CA THR J 106 0.16 19.15 23.41
C THR J 106 0.20 17.64 23.26
N GLU J 107 0.58 16.95 24.33
CA GLU J 107 0.64 15.49 24.32
C GLU J 107 0.30 14.96 25.71
N LEU J 108 -0.24 13.75 25.73
CA LEU J 108 -0.65 13.08 26.97
C LEU J 108 0.20 11.83 27.16
N ILE J 109 1.02 11.84 28.20
CA ILE J 109 1.93 10.72 28.49
C ILE J 109 1.21 9.73 29.37
N VAL J 110 1.46 8.44 29.13
CA VAL J 110 0.89 7.38 29.96
C VAL J 110 1.99 6.43 30.42
N SER K 1 2.81 30.91 -47.11
CA SER K 1 4.24 31.18 -46.99
C SER K 1 4.81 30.82 -45.61
N PRO K 2 4.15 31.21 -44.51
CA PRO K 2 4.65 30.79 -43.19
C PRO K 2 4.44 29.32 -42.88
N ARG K 3 3.55 28.64 -43.60
CA ARG K 3 3.28 27.22 -43.40
C ARG K 3 4.06 26.45 -44.47
N PHE K 4 5.24 25.97 -44.09
CA PHE K 4 6.13 25.31 -45.04
C PHE K 4 6.64 24.01 -44.46
N PHE K 5 7.08 23.12 -45.35
CA PHE K 5 7.65 21.86 -44.92
C PHE K 5 9.17 21.94 -44.84
N VAL K 6 9.74 21.08 -44.02
CA VAL K 6 11.18 21.10 -43.77
C VAL K 6 11.88 19.80 -44.19
N GLY K 7 11.19 18.66 -44.23
CA GLY K 7 11.81 17.43 -44.65
C GLY K 7 11.41 16.24 -43.81
N GLU K 8 11.95 15.06 -44.13
CA GLU K 8 11.63 13.89 -43.33
C GLU K 8 12.52 13.84 -42.09
N PRO K 9 12.10 13.11 -41.06
CA PRO K 9 12.96 12.97 -39.88
C PRO K 9 14.30 12.30 -40.17
N LYS K 10 14.42 11.64 -41.33
CA LYS K 10 15.68 11.01 -41.69
C LYS K 10 16.80 12.04 -41.81
N GLN K 11 16.55 13.14 -42.52
CA GLN K 11 17.54 14.16 -42.85
C GLN K 11 18.04 14.95 -41.64
N PHE K 12 17.66 14.63 -40.41
CA PHE K 12 18.18 15.33 -39.24
C PHE K 12 18.86 14.33 -38.32
N PRO K 13 20.17 14.39 -38.14
CA PRO K 13 20.85 13.42 -37.26
C PRO K 13 20.51 13.65 -35.80
N VAL K 14 20.68 12.58 -35.01
CA VAL K 14 20.36 12.64 -33.59
C VAL K 14 21.32 13.61 -32.89
N GLY K 15 20.76 14.49 -32.07
CA GLY K 15 21.57 15.46 -31.35
C GLY K 15 22.13 16.56 -32.22
N SER K 16 21.39 16.99 -33.25
CA SER K 16 21.86 18.01 -34.17
C SER K 16 20.93 19.20 -34.16
N VAL K 17 21.51 20.38 -34.40
CA VAL K 17 20.77 21.63 -34.58
C VAL K 17 21.09 22.12 -35.98
N THR K 18 20.10 22.08 -36.86
CA THR K 18 20.25 22.47 -38.26
C THR K 18 19.61 23.83 -38.48
N THR K 19 20.35 24.74 -39.10
CA THR K 19 19.91 26.11 -39.30
C THR K 19 19.33 26.27 -40.69
N LEU K 20 18.12 26.78 -40.78
CA LEU K 20 17.43 27.07 -42.04
C LEU K 20 17.26 28.58 -42.11
N LYS K 21 18.28 29.27 -42.63
CA LYS K 21 18.28 30.72 -42.61
C LYS K 21 17.22 31.30 -43.55
N SER K 22 16.94 30.63 -44.67
CA SER K 22 15.89 31.11 -45.56
C SER K 22 14.51 30.97 -44.93
N ARG K 23 14.30 29.91 -44.14
CA ARG K 23 13.07 29.75 -43.38
C ARG K 23 13.14 30.42 -42.01
N LYS K 24 14.33 30.84 -41.59
CA LYS K 24 14.52 31.60 -40.34
C LYS K 24 14.09 30.81 -39.12
N ILE K 25 14.40 29.50 -39.09
CA ILE K 25 14.10 28.65 -37.96
C ILE K 25 15.28 27.72 -37.69
N PHE K 26 15.30 27.16 -36.49
CA PHE K 26 16.16 26.05 -36.14
C PHE K 26 15.33 24.78 -36.05
N VAL K 27 15.95 23.65 -36.37
CA VAL K 27 15.35 22.34 -36.19
C VAL K 27 16.25 21.55 -35.26
N VAL K 28 15.77 21.27 -34.05
CA VAL K 28 16.53 20.61 -33.01
C VAL K 28 15.98 19.20 -32.81
N ARG K 29 16.85 18.21 -32.89
CA ARG K 29 16.48 16.81 -32.68
C ARG K 29 17.26 16.27 -31.49
N ASP K 30 16.55 15.93 -30.42
CA ASP K 30 17.12 15.25 -29.27
C ASP K 30 16.49 13.87 -29.19
N ALA K 31 17.32 12.83 -29.35
CA ALA K 31 16.83 11.46 -29.49
C ALA K 31 15.82 11.38 -30.63
N ASP K 32 14.54 11.29 -30.29
CA ASP K 32 13.48 11.27 -31.29
C ASP K 32 12.51 12.44 -31.15
N SER K 33 12.82 13.41 -30.30
CA SER K 33 11.98 14.58 -30.08
C SER K 33 12.49 15.74 -30.92
N PHE K 34 11.58 16.44 -31.60
CA PHE K 34 11.94 17.55 -32.47
C PHE K 34 11.37 18.85 -31.91
N LYS K 35 12.12 19.94 -32.15
CA LYS K 35 11.69 21.28 -31.79
C LYS K 35 11.99 22.23 -32.93
N ALA K 36 11.11 23.19 -33.13
CA ALA K 36 11.30 24.27 -34.10
C ALA K 36 11.44 25.58 -33.33
N ILE K 37 12.61 26.20 -33.43
CA ILE K 37 12.93 27.42 -32.69
C ILE K 37 13.23 28.53 -33.67
N SER K 38 12.63 29.69 -33.44
CA SER K 38 12.84 30.84 -34.33
C SER K 38 14.23 31.43 -34.11
N VAL K 39 14.83 31.91 -35.20
CA VAL K 39 16.15 32.54 -35.13
C VAL K 39 16.09 33.99 -34.68
N VAL K 40 14.89 34.55 -34.53
CA VAL K 40 14.73 35.97 -34.22
C VAL K 40 15.15 36.21 -32.78
N CYS K 41 16.15 37.06 -32.59
CA CYS K 41 16.56 37.45 -31.24
C CYS K 41 15.45 38.25 -30.57
N THR K 42 15.14 37.89 -29.34
CA THR K 42 14.10 38.56 -28.56
C THR K 42 14.45 40.02 -28.27
N HIS K 43 15.72 40.42 -28.35
CA HIS K 43 16.13 41.80 -28.12
C HIS K 43 15.55 42.75 -29.16
N LEU K 44 16.17 42.79 -30.35
CA LEU K 44 15.70 43.66 -31.43
C LEU K 44 15.41 42.92 -32.73
N GLY K 45 15.60 41.62 -32.79
CA GLY K 45 15.20 40.84 -33.95
C GLY K 45 16.32 40.32 -34.84
N CYS K 46 17.58 40.45 -34.43
CA CYS K 46 18.66 39.88 -35.22
C CYS K 46 18.56 38.36 -35.25
N ALA K 47 19.09 37.78 -36.32
CA ALA K 47 19.09 36.32 -36.50
C ALA K 47 20.21 35.71 -35.66
N VAL K 48 19.85 34.99 -34.61
CA VAL K 48 20.85 34.32 -33.78
C VAL K 48 21.39 33.10 -34.51
N GLU K 49 22.60 32.71 -34.14
CA GLU K 49 23.30 31.59 -34.77
C GLU K 49 23.67 30.57 -33.71
N PHE K 50 23.57 29.29 -34.06
CA PHE K 50 23.88 28.21 -33.13
C PHE K 50 25.36 27.84 -33.23
N SER K 51 26.00 27.72 -32.07
CA SER K 51 27.39 27.28 -31.99
C SER K 51 27.42 25.84 -31.52
N LYS K 52 27.70 24.91 -32.44
CA LYS K 52 27.80 23.50 -32.08
C LYS K 52 28.88 23.27 -31.03
N GLU K 53 29.91 24.11 -31.01
CA GLU K 53 30.99 23.96 -30.05
C GLU K 53 30.50 24.25 -28.63
N LYS K 54 30.00 25.47 -28.40
CA LYS K 54 29.55 25.89 -27.08
C LYS K 54 28.13 25.44 -26.77
N ASN K 55 27.43 24.84 -27.75
CA ASN K 55 26.09 24.29 -27.55
C ASN K 55 25.11 25.36 -27.07
N ILE K 56 25.22 26.57 -27.63
CA ILE K 56 24.35 27.68 -27.27
C ILE K 56 23.97 28.45 -28.52
N PHE K 57 22.96 29.30 -28.39
CA PHE K 57 22.60 30.28 -29.41
C PHE K 57 23.18 31.63 -29.04
N GLU K 58 23.78 32.30 -30.01
CA GLU K 58 24.44 33.58 -29.79
C GLU K 58 23.91 34.61 -30.78
N CYS K 59 23.63 35.81 -30.29
CA CYS K 59 23.26 36.88 -31.19
C CYS K 59 24.47 37.77 -31.44
N PRO K 60 24.85 37.98 -32.69
CA PRO K 60 26.03 38.81 -32.98
C PRO K 60 25.78 40.31 -32.81
N CYS K 61 24.54 40.72 -32.59
CA CYS K 61 24.22 42.15 -32.57
C CYS K 61 24.61 42.79 -31.24
N HIS K 62 24.13 42.25 -30.12
CA HIS K 62 24.44 42.86 -28.83
C HIS K 62 24.81 41.84 -27.76
N GLY K 63 25.22 40.63 -28.15
CA GLY K 63 25.77 39.69 -27.20
C GLY K 63 24.77 38.86 -26.42
N SER K 64 23.52 38.80 -26.88
CA SER K 64 22.54 37.95 -26.21
C SER K 64 22.87 36.49 -26.46
N LYS K 65 22.73 35.67 -25.40
CA LYS K 65 23.05 34.26 -25.47
C LYS K 65 21.89 33.44 -24.90
N TYR K 66 21.55 32.36 -25.59
CA TYR K 66 20.46 31.48 -25.20
C TYR K 66 21.00 30.07 -24.96
N TYR K 67 20.36 29.35 -24.05
CA TYR K 67 20.65 27.94 -23.91
C TYR K 67 20.06 27.17 -25.09
N ARG K 68 20.42 25.88 -25.19
CA ARG K 68 20.02 25.07 -26.33
C ARG K 68 18.51 25.00 -26.48
N ASN K 69 17.78 25.01 -25.36
CA ASN K 69 16.33 24.98 -25.38
C ASN K 69 15.71 26.32 -25.76
N GLY K 70 16.51 27.36 -25.92
CA GLY K 70 16.03 28.68 -26.25
C GLY K 70 15.96 29.64 -25.08
N VAL K 71 16.23 29.17 -23.86
CA VAL K 71 16.14 30.02 -22.68
C VAL K 71 17.26 31.05 -22.70
N ASN K 72 16.90 32.33 -22.58
CA ASN K 72 17.87 33.40 -22.53
C ASN K 72 18.55 33.45 -21.17
N PHE K 73 19.87 33.59 -21.19
CA PHE K 73 20.64 33.73 -19.95
C PHE K 73 21.67 34.84 -19.98
N ALA K 74 22.12 35.30 -21.16
CA ALA K 74 23.06 36.40 -21.26
C ALA K 74 22.52 37.43 -22.26
N GLY K 75 22.99 38.66 -22.12
CA GLY K 75 22.58 39.73 -22.99
C GLY K 75 21.25 40.34 -22.59
N PRO K 76 20.85 41.42 -23.26
CA PRO K 76 19.59 42.11 -22.92
C PRO K 76 18.34 41.45 -23.45
N ALA K 77 18.42 40.24 -23.97
CA ALA K 77 17.22 39.52 -24.41
C ALA K 77 16.33 39.23 -23.21
N PRO K 78 15.07 39.69 -23.21
CA PRO K 78 14.25 39.59 -21.99
C PRO K 78 13.55 38.24 -21.81
N ARG K 79 13.28 37.53 -22.90
CA ARG K 79 12.49 36.31 -22.83
C ARG K 79 13.07 35.29 -23.80
N PRO K 80 12.81 34.01 -23.58
CA PRO K 80 13.42 32.97 -24.43
C PRO K 80 12.94 33.04 -25.88
N LEU K 81 13.67 32.33 -26.74
CA LEU K 81 13.32 32.27 -28.15
C LEU K 81 11.96 31.64 -28.34
N ASP K 82 11.26 32.07 -29.39
CA ASP K 82 9.94 31.53 -29.69
C ASP K 82 10.06 30.10 -30.20
N HIS K 83 9.24 29.21 -29.65
CA HIS K 83 9.08 27.86 -30.16
C HIS K 83 7.89 27.82 -31.08
N LEU K 84 8.05 27.14 -32.22
CA LEU K 84 7.07 27.19 -33.30
C LEU K 84 6.35 25.86 -33.44
N GLN K 85 5.11 25.93 -33.92
CA GLN K 85 4.31 24.73 -34.15
C GLN K 85 4.93 23.88 -35.25
N MET K 86 5.17 22.61 -34.96
CA MET K 86 5.72 21.69 -35.94
C MET K 86 4.97 20.37 -35.87
N ILE K 87 4.50 19.91 -37.02
CA ILE K 87 3.67 18.71 -37.11
C ILE K 87 4.23 17.80 -38.19
N LEU K 88 4.01 16.49 -38.01
CA LEU K 88 4.44 15.48 -38.97
C LEU K 88 3.26 15.15 -39.88
N ASP K 89 3.37 15.51 -41.15
CA ASP K 89 2.34 15.22 -42.13
C ASP K 89 2.37 13.74 -42.51
N ASN K 90 1.23 13.24 -42.99
CA ASN K 90 1.09 11.80 -43.23
C ASN K 90 2.05 11.28 -44.29
N ASN K 91 2.61 12.15 -45.13
CA ASN K 91 3.62 11.74 -46.11
C ASN K 91 5.04 11.81 -45.56
N GLY K 92 5.19 11.79 -44.22
CA GLY K 92 6.51 11.66 -43.63
C GLY K 92 7.35 12.91 -43.58
N LYS K 93 6.77 14.08 -43.82
CA LYS K 93 7.49 15.34 -43.80
C LYS K 93 7.00 16.20 -42.64
N LEU K 94 7.93 16.85 -41.94
CA LEU K 94 7.57 17.77 -40.87
C LEU K 94 7.10 19.10 -41.47
N ALA K 95 6.04 19.66 -40.89
CA ALA K 95 5.47 20.93 -41.31
C ALA K 95 5.60 21.93 -40.17
N VAL K 96 6.09 23.12 -40.47
CA VAL K 96 6.29 24.17 -39.48
C VAL K 96 5.41 25.36 -39.83
N ASP K 97 4.74 25.91 -38.84
CA ASP K 97 3.93 27.12 -38.98
C ASP K 97 4.55 28.20 -38.09
N THR K 98 5.29 29.13 -38.70
CA THR K 98 5.94 30.19 -37.94
C THR K 98 4.94 31.17 -37.33
N SER K 99 3.69 31.16 -37.81
CA SER K 99 2.66 32.04 -37.27
C SER K 99 2.04 31.50 -35.99
N VAL K 100 2.26 30.23 -35.65
CA VAL K 100 1.70 29.60 -34.47
C VAL K 100 2.85 29.33 -33.51
N LYS K 101 2.99 30.17 -32.49
CA LYS K 101 4.00 29.97 -31.47
C LYS K 101 3.47 29.08 -30.37
N VAL K 102 4.33 28.18 -29.87
CA VAL K 102 3.93 27.16 -28.93
C VAL K 102 4.78 27.32 -27.67
N PRO K 103 4.35 26.73 -26.54
CA PRO K 103 5.17 26.79 -25.33
C PRO K 103 6.55 26.22 -25.55
N LEU K 104 7.49 26.65 -24.69
CA LEU K 104 8.89 26.27 -24.86
C LEU K 104 9.10 24.76 -24.71
N GLU K 105 8.28 24.10 -23.91
CA GLU K 105 8.45 22.69 -23.61
C GLU K 105 7.82 21.77 -24.65
N THR K 106 7.31 22.32 -25.75
CA THR K 106 6.69 21.49 -26.77
C THR K 106 7.74 20.63 -27.47
N GLU K 107 7.37 19.39 -27.76
CA GLU K 107 8.25 18.46 -28.44
C GLU K 107 7.43 17.52 -29.32
N LEU K 108 8.06 17.02 -30.38
CA LEU K 108 7.42 16.11 -31.32
C LEU K 108 8.26 14.85 -31.41
N ILE K 109 7.74 13.74 -30.91
CA ILE K 109 8.43 12.47 -30.89
C ILE K 109 7.94 11.61 -32.05
N VAL K 110 8.87 11.01 -32.77
CA VAL K 110 8.51 10.07 -33.83
C VAL K 110 9.23 8.74 -33.63
N SER L 1 -18.93 -51.25 18.52
CA SER L 1 -17.92 -50.66 17.64
C SER L 1 -17.79 -49.16 17.91
N PRO L 2 -16.55 -48.67 17.97
CA PRO L 2 -16.33 -47.23 18.21
C PRO L 2 -16.59 -46.35 16.99
N ARG L 3 -16.74 -46.93 15.81
CA ARG L 3 -17.05 -46.17 14.59
C ARG L 3 -18.51 -46.41 14.25
N PHE L 4 -19.35 -45.41 14.49
CA PHE L 4 -20.79 -45.54 14.31
C PHE L 4 -21.34 -44.28 13.67
N PHE L 5 -22.49 -44.43 13.02
CA PHE L 5 -23.17 -43.29 12.43
C PHE L 5 -24.13 -42.65 13.43
N VAL L 6 -24.43 -41.38 13.20
CA VAL L 6 -25.18 -40.59 14.16
C VAL L 6 -26.48 -40.03 13.59
N GLY L 7 -26.67 -40.06 12.28
CA GLY L 7 -27.81 -39.43 11.65
C GLY L 7 -27.37 -38.36 10.66
N GLU L 8 -28.36 -37.86 9.93
CA GLU L 8 -28.16 -36.81 8.95
C GLU L 8 -27.98 -35.46 9.66
N PRO L 9 -27.31 -34.50 9.03
CA PRO L 9 -27.16 -33.18 9.66
C PRO L 9 -28.48 -32.51 9.99
N LYS L 10 -29.54 -32.81 9.25
CA LYS L 10 -30.83 -32.16 9.47
C LYS L 10 -31.60 -32.76 10.64
N GLN L 11 -31.18 -33.92 11.17
CA GLN L 11 -31.78 -34.47 12.38
C GLN L 11 -31.44 -33.66 13.62
N PHE L 12 -30.57 -32.65 13.51
CA PHE L 12 -30.12 -31.86 14.64
C PHE L 12 -30.49 -30.40 14.40
N PRO L 13 -31.34 -29.80 15.24
CA PRO L 13 -31.71 -28.40 15.02
C PRO L 13 -30.54 -27.46 15.28
N VAL L 14 -30.64 -26.26 14.70
CA VAL L 14 -29.58 -25.27 14.81
C VAL L 14 -29.48 -24.78 16.25
N GLY L 15 -28.27 -24.74 16.78
CA GLY L 15 -28.07 -24.32 18.16
C GLY L 15 -28.53 -25.35 19.18
N SER L 16 -28.33 -26.64 18.90
CA SER L 16 -28.79 -27.70 19.78
C SER L 16 -27.62 -28.53 20.29
N VAL L 17 -27.79 -29.09 21.48
CA VAL L 17 -26.84 -30.04 22.05
C VAL L 17 -27.60 -31.35 22.24
N THR L 18 -27.20 -32.38 21.49
CA THR L 18 -27.88 -33.67 21.49
C THR L 18 -27.04 -34.67 22.27
N THR L 19 -27.61 -35.21 23.34
CA THR L 19 -26.93 -36.20 24.17
C THR L 19 -27.40 -37.58 23.75
N LEU L 20 -26.46 -38.44 23.36
CA LEU L 20 -26.75 -39.81 22.97
C LEU L 20 -26.17 -40.73 24.05
N LYS L 21 -27.03 -41.14 24.98
CA LYS L 21 -26.58 -41.91 26.14
C LYS L 21 -25.95 -43.23 25.72
N SER L 22 -26.59 -43.94 24.78
CA SER L 22 -26.10 -45.26 24.38
C SER L 22 -24.80 -45.19 23.60
N ARG L 23 -24.44 -44.03 23.05
CA ARG L 23 -23.22 -43.87 22.28
C ARG L 23 -22.15 -43.05 22.99
N LYS L 24 -22.49 -42.48 24.16
CA LYS L 24 -21.51 -41.81 25.04
C LYS L 24 -20.87 -40.59 24.37
N ILE L 25 -21.66 -39.86 23.57
CA ILE L 25 -21.16 -38.66 22.91
C ILE L 25 -22.22 -37.57 22.97
N PHE L 26 -21.77 -36.34 22.75
CA PHE L 26 -22.64 -35.20 22.48
C PHE L 26 -22.47 -34.81 21.02
N VAL L 27 -23.55 -34.33 20.41
CA VAL L 27 -23.52 -33.76 19.07
C VAL L 27 -23.96 -32.30 19.19
N VAL L 28 -23.03 -31.39 18.91
CA VAL L 28 -23.26 -29.95 19.07
C VAL L 28 -23.30 -29.32 17.70
N ARG L 29 -24.38 -28.58 17.43
CA ARG L 29 -24.55 -27.87 16.16
C ARG L 29 -24.65 -26.38 16.45
N ASP L 30 -23.67 -25.62 15.96
CA ASP L 30 -23.69 -24.16 15.98
C ASP L 30 -23.74 -23.68 14.54
N ALA L 31 -24.84 -23.03 14.17
CA ALA L 31 -25.14 -22.68 12.78
C ALA L 31 -25.05 -23.93 11.92
N ASP L 32 -23.97 -24.06 11.15
CA ASP L 32 -23.74 -25.26 10.34
C ASP L 32 -22.47 -26.01 10.76
N SER L 33 -21.92 -25.71 11.92
CA SER L 33 -20.72 -26.38 12.42
C SER L 33 -21.10 -27.46 13.40
N PHE L 34 -20.56 -28.65 13.21
CA PHE L 34 -20.83 -29.79 14.08
C PHE L 34 -19.60 -30.17 14.90
N LYS L 35 -19.85 -30.62 16.12
CA LYS L 35 -18.79 -31.14 16.99
C LYS L 35 -19.30 -32.38 17.69
N ALA L 36 -18.39 -33.32 17.93
CA ALA L 36 -18.67 -34.54 18.69
C ALA L 36 -17.83 -34.51 19.95
N ILE L 37 -18.49 -34.42 21.11
CA ILE L 37 -17.82 -34.30 22.40
C ILE L 37 -18.18 -35.51 23.25
N SER L 38 -17.17 -36.13 23.85
CA SER L 38 -17.39 -37.29 24.70
C SER L 38 -18.03 -36.88 26.02
N VAL L 39 -18.85 -37.78 26.56
CA VAL L 39 -19.53 -37.52 27.83
C VAL L 39 -18.66 -37.85 29.04
N VAL L 40 -17.48 -38.44 28.82
CA VAL L 40 -16.65 -38.92 29.92
C VAL L 40 -15.99 -37.73 30.62
N CYS L 41 -16.30 -37.57 31.90
CA CYS L 41 -15.64 -36.55 32.70
C CYS L 41 -14.14 -36.86 32.82
N THR L 42 -13.31 -35.84 32.61
CA THR L 42 -11.87 -36.04 32.63
C THR L 42 -11.32 -36.22 34.04
N HIS L 43 -12.15 -36.13 35.07
CA HIS L 43 -11.68 -36.35 36.44
C HIS L 43 -11.55 -37.84 36.73
N LEU L 44 -12.67 -38.52 36.96
CA LEU L 44 -12.67 -39.93 37.28
C LEU L 44 -13.54 -40.77 36.34
N GLY L 45 -14.15 -40.17 35.33
CA GLY L 45 -14.79 -40.93 34.27
C GLY L 45 -16.31 -40.97 34.27
N CYS L 46 -16.97 -40.20 35.13
CA CYS L 46 -18.43 -40.23 35.15
C CYS L 46 -18.99 -39.58 33.88
N ALA L 47 -20.25 -39.91 33.59
CA ALA L 47 -20.93 -39.38 32.42
C ALA L 47 -21.46 -37.99 32.72
N VAL L 48 -20.95 -36.99 32.00
CA VAL L 48 -21.34 -35.60 32.19
C VAL L 48 -22.66 -35.34 31.47
N GLU L 49 -23.49 -34.48 32.06
CA GLU L 49 -24.81 -34.15 31.55
C GLU L 49 -24.88 -32.67 31.23
N PHE L 50 -25.58 -32.33 30.14
CA PHE L 50 -25.66 -30.96 29.67
C PHE L 50 -26.91 -30.26 30.19
N SER L 51 -26.76 -28.98 30.54
CA SER L 51 -27.87 -28.15 30.99
C SER L 51 -28.14 -27.09 29.92
N LYS L 52 -29.33 -27.17 29.32
CA LYS L 52 -29.71 -26.19 28.30
C LYS L 52 -29.95 -24.82 28.92
N GLU L 53 -30.55 -24.77 30.10
CA GLU L 53 -30.88 -23.50 30.74
C GLU L 53 -29.63 -22.65 30.98
N LYS L 54 -28.52 -23.30 31.35
CA LYS L 54 -27.29 -22.58 31.68
C LYS L 54 -26.14 -22.88 30.74
N ASN L 55 -26.37 -23.69 29.70
CA ASN L 55 -25.43 -23.83 28.57
C ASN L 55 -24.08 -24.34 29.02
N ILE L 56 -24.07 -25.30 29.95
CA ILE L 56 -22.83 -25.88 30.47
C ILE L 56 -22.99 -27.39 30.61
N PHE L 57 -21.84 -28.06 30.65
CA PHE L 57 -21.77 -29.48 30.96
C PHE L 57 -21.44 -29.67 32.43
N GLU L 58 -22.16 -30.56 33.09
CA GLU L 58 -22.00 -30.78 34.53
C GLU L 58 -21.78 -32.26 34.81
N CYS L 59 -20.77 -32.55 35.63
CA CYS L 59 -20.60 -33.93 36.08
C CYS L 59 -21.34 -34.11 37.40
N PRO L 60 -22.21 -35.11 37.52
CA PRO L 60 -22.95 -35.32 38.77
C PRO L 60 -22.13 -35.91 39.90
N CYS L 61 -20.90 -36.33 39.63
CA CYS L 61 -20.14 -37.09 40.62
C CYS L 61 -19.44 -36.17 41.63
N HIS L 62 -18.66 -35.20 41.14
CA HIS L 62 -17.95 -34.32 42.07
C HIS L 62 -18.03 -32.85 41.67
N GLY L 63 -18.99 -32.47 40.81
CA GLY L 63 -19.24 -31.07 40.55
C GLY L 63 -18.36 -30.43 39.49
N SER L 64 -17.68 -31.22 38.67
CA SER L 64 -16.93 -30.64 37.56
C SER L 64 -17.89 -30.04 36.54
N LYS L 65 -17.52 -28.88 36.02
CA LYS L 65 -18.37 -28.13 35.09
C LYS L 65 -17.55 -27.66 33.90
N TYR L 66 -18.12 -27.77 32.71
CA TYR L 66 -17.44 -27.45 31.47
C TYR L 66 -18.27 -26.43 30.68
N TYR L 67 -17.57 -25.61 29.91
CA TYR L 67 -18.25 -24.71 28.99
C TYR L 67 -18.83 -25.50 27.82
N ARG L 68 -19.62 -24.80 26.99
CA ARG L 68 -20.29 -25.47 25.87
C ARG L 68 -19.30 -26.10 24.91
N ASN L 69 -18.12 -25.49 24.75
CA ASN L 69 -17.08 -26.05 23.90
C ASN L 69 -16.34 -27.21 24.56
N GLY L 70 -16.65 -27.52 25.82
CA GLY L 70 -16.01 -28.60 26.54
C GLY L 70 -14.90 -28.17 27.49
N VAL L 71 -14.54 -26.88 27.49
CA VAL L 71 -13.45 -26.41 28.33
C VAL L 71 -13.85 -26.48 29.80
N ASN L 72 -13.01 -27.12 30.61
CA ASN L 72 -13.29 -27.22 32.04
C ASN L 72 -13.03 -25.88 32.72
N PHE L 73 -13.93 -25.50 33.62
CA PHE L 73 -13.74 -24.30 34.43
C PHE L 73 -14.08 -24.47 35.90
N ALA L 74 -14.78 -25.53 36.30
CA ALA L 74 -15.10 -25.78 37.69
C ALA L 74 -14.90 -27.25 38.00
N GLY L 75 -14.67 -27.53 39.29
CA GLY L 75 -14.50 -28.89 39.75
C GLY L 75 -13.08 -29.39 39.58
N PRO L 76 -12.84 -30.63 40.00
CA PRO L 76 -11.49 -31.22 39.91
C PRO L 76 -11.10 -31.66 38.51
N ALA L 77 -11.90 -31.37 37.50
CA ALA L 77 -11.56 -31.73 36.12
C ALA L 77 -10.31 -31.01 35.68
N PRO L 78 -9.25 -31.72 35.29
CA PRO L 78 -7.98 -31.06 34.95
C PRO L 78 -7.85 -30.59 33.51
N ARG L 79 -8.69 -31.06 32.59
CA ARG L 79 -8.56 -30.75 31.18
C ARG L 79 -9.95 -30.77 30.55
N PRO L 80 -10.12 -30.11 29.41
CA PRO L 80 -11.43 -30.08 28.75
C PRO L 80 -11.87 -31.46 28.28
N LEU L 81 -13.16 -31.57 27.97
CA LEU L 81 -13.72 -32.82 27.49
C LEU L 81 -13.10 -33.20 26.15
N ASP L 82 -13.06 -34.51 25.89
CA ASP L 82 -12.46 -35.00 24.65
C ASP L 82 -13.37 -34.68 23.47
N HIS L 83 -12.77 -34.14 22.40
CA HIS L 83 -13.45 -33.97 21.13
C HIS L 83 -13.14 -35.14 20.22
N LEU L 84 -14.13 -35.58 19.45
CA LEU L 84 -14.04 -36.82 18.70
C LEU L 84 -14.12 -36.57 17.21
N GLN L 85 -13.57 -37.52 16.45
CA GLN L 85 -13.57 -37.43 15.00
C GLN L 85 -14.98 -37.58 14.46
N MET L 86 -15.38 -36.66 13.58
CA MET L 86 -16.73 -36.64 13.03
C MET L 86 -16.65 -36.19 11.57
N ILE L 87 -17.12 -37.05 10.66
CA ILE L 87 -17.09 -36.77 9.24
C ILE L 87 -18.49 -36.98 8.66
N LEU L 88 -18.72 -36.37 7.50
CA LEU L 88 -19.94 -36.55 6.73
C LEU L 88 -19.66 -37.53 5.62
N ASP L 89 -20.26 -38.71 5.69
CA ASP L 89 -20.06 -39.73 4.68
C ASP L 89 -20.90 -39.41 3.44
N ASN L 90 -20.68 -40.19 2.38
CA ASN L 90 -21.37 -39.95 1.12
C ASN L 90 -22.88 -40.06 1.26
N ASN L 91 -23.37 -40.92 2.17
CA ASN L 91 -24.80 -41.16 2.32
C ASN L 91 -25.49 -40.09 3.17
N GLY L 92 -24.87 -38.94 3.39
CA GLY L 92 -25.53 -37.86 4.09
C GLY L 92 -25.73 -38.04 5.58
N LYS L 93 -25.06 -39.01 6.20
CA LYS L 93 -25.12 -39.20 7.65
C LYS L 93 -23.74 -38.98 8.25
N LEU L 94 -23.70 -38.36 9.43
CA LEU L 94 -22.43 -38.12 10.10
C LEU L 94 -21.93 -39.41 10.75
N ALA L 95 -20.63 -39.63 10.67
CA ALA L 95 -19.98 -40.78 11.28
C ALA L 95 -19.01 -40.31 12.34
N VAL L 96 -19.06 -40.93 13.51
CA VAL L 96 -18.23 -40.56 14.65
C VAL L 96 -17.34 -41.75 15.02
N ASP L 97 -16.08 -41.47 15.29
CA ASP L 97 -15.11 -42.48 15.74
C ASP L 97 -14.65 -42.05 17.14
N THR L 98 -15.16 -42.72 18.17
CA THR L 98 -14.77 -42.40 19.54
C THR L 98 -13.33 -42.77 19.84
N SER L 99 -12.71 -43.60 19.00
CA SER L 99 -11.33 -44.00 19.21
C SER L 99 -10.32 -42.98 18.67
N VAL L 100 -10.79 -41.97 17.93
CA VAL L 100 -9.93 -40.96 17.34
C VAL L 100 -10.25 -39.64 18.02
N LYS L 101 -9.38 -39.21 18.93
CA LYS L 101 -9.51 -37.91 19.57
C LYS L 101 -8.99 -36.83 18.65
N VAL L 102 -9.68 -35.70 18.62
CA VAL L 102 -9.31 -34.57 17.75
C VAL L 102 -9.12 -33.34 18.62
N PRO L 103 -8.39 -32.34 18.11
CA PRO L 103 -8.24 -31.08 18.87
C PRO L 103 -9.59 -30.46 19.19
N LEU L 104 -9.59 -29.64 20.25
CA LEU L 104 -10.83 -29.05 20.75
C LEU L 104 -11.49 -28.14 19.73
N GLU L 105 -10.70 -27.54 18.83
CA GLU L 105 -11.22 -26.56 17.87
C GLU L 105 -11.72 -27.20 16.59
N THR L 106 -11.76 -28.52 16.51
CA THR L 106 -12.22 -29.18 15.29
C THR L 106 -13.71 -28.93 15.08
N GLU L 107 -14.09 -28.74 13.82
CA GLU L 107 -15.48 -28.49 13.47
C GLU L 107 -15.76 -29.04 12.08
N LEU L 108 -17.02 -29.40 11.84
CA LEU L 108 -17.47 -29.94 10.57
C LEU L 108 -18.57 -29.04 10.02
N ILE L 109 -18.32 -28.39 8.89
CA ILE L 109 -19.26 -27.45 8.28
C ILE L 109 -20.03 -28.17 7.18
N VAL L 110 -21.33 -27.90 7.10
CA VAL L 110 -22.14 -28.45 6.03
C VAL L 110 -22.92 -27.33 5.33
#